data_6EZI
# 
_entry.id   6EZI 
# 
_audit_conform.dict_name       mmcif_pdbx.dic 
_audit_conform.dict_version    5.383 
_audit_conform.dict_location   http://mmcif.pdb.org/dictionaries/ascii/mmcif_pdbx.dic 
# 
loop_
_database_2.database_id 
_database_2.database_code 
_database_2.pdbx_database_accession 
_database_2.pdbx_DOI 
PDB   6EZI         pdb_00006ezi 10.2210/pdb6ezi/pdb 
WWPDB D_1200007402 ?            ?                   
# 
loop_
_pdbx_audit_revision_history.ordinal 
_pdbx_audit_revision_history.data_content_type 
_pdbx_audit_revision_history.major_revision 
_pdbx_audit_revision_history.minor_revision 
_pdbx_audit_revision_history.revision_date 
1 'Structure model' 1 0 2018-09-26 
2 'Structure model' 1 1 2018-11-14 
3 'Structure model' 1 2 2024-01-17 
# 
_pdbx_audit_revision_details.ordinal             1 
_pdbx_audit_revision_details.revision_ordinal    1 
_pdbx_audit_revision_details.data_content_type   'Structure model' 
_pdbx_audit_revision_details.provider            repository 
_pdbx_audit_revision_details.type                'Initial release' 
_pdbx_audit_revision_details.description         ? 
_pdbx_audit_revision_details.details             ? 
# 
loop_
_pdbx_audit_revision_group.ordinal 
_pdbx_audit_revision_group.revision_ordinal 
_pdbx_audit_revision_group.data_content_type 
_pdbx_audit_revision_group.group 
1 2 'Structure model' 'Data collection'        
2 2 'Structure model' 'Database references'    
3 3 'Structure model' 'Data collection'        
4 3 'Structure model' 'Database references'    
5 3 'Structure model' 'Refinement description' 
# 
loop_
_pdbx_audit_revision_category.ordinal 
_pdbx_audit_revision_category.revision_ordinal 
_pdbx_audit_revision_category.data_content_type 
_pdbx_audit_revision_category.category 
1 2 'Structure model' citation                      
2 3 'Structure model' chem_comp_atom                
3 3 'Structure model' chem_comp_bond                
4 3 'Structure model' database_2                    
5 3 'Structure model' pdbx_initial_refinement_model 
# 
loop_
_pdbx_audit_revision_item.ordinal 
_pdbx_audit_revision_item.revision_ordinal 
_pdbx_audit_revision_item.data_content_type 
_pdbx_audit_revision_item.item 
1 2 'Structure model' '_citation.journal_volume'            
2 2 'Structure model' '_citation.page_first'                
3 2 'Structure model' '_citation.page_last'                 
4 3 'Structure model' '_database_2.pdbx_DOI'                
5 3 'Structure model' '_database_2.pdbx_database_accession' 
# 
_pdbx_database_status.status_code                     REL 
_pdbx_database_status.status_code_sf                  REL 
_pdbx_database_status.status_code_mr                  ? 
_pdbx_database_status.entry_id                        6EZI 
_pdbx_database_status.recvd_initial_deposition_date   2017-11-15 
_pdbx_database_status.SG_entry                        N 
_pdbx_database_status.deposit_site                    PDBE 
_pdbx_database_status.process_site                    PDBE 
_pdbx_database_status.status_code_cs                  ? 
_pdbx_database_status.methods_development_category    ? 
_pdbx_database_status.pdb_format_compatible           Y 
_pdbx_database_status.status_code_nmr_data            ? 
# 
loop_
_audit_author.name 
_audit_author.pdbx_ordinal 
_audit_author.identifier_ORCID 
'Loew, C.'     1 ? 
'Flayhan, A.'  2 ? 
'Pieprzyk, J.' 3 ? 
# 
_citation.abstract                  ? 
_citation.abstract_id_CAS           ? 
_citation.book_id_ISBN              ? 
_citation.book_publisher            ? 
_citation.book_publisher_city       ? 
_citation.book_title                ? 
_citation.coordinate_linkage        ? 
_citation.country                   UK 
_citation.database_id_Medline       ? 
_citation.details                   ? 
_citation.id                        primary 
_citation.journal_abbrev            Structure 
_citation.journal_id_ASTM           STRUE6 
_citation.journal_id_CSD            2005 
_citation.journal_id_ISSN           1878-4186 
_citation.journal_full              ? 
_citation.journal_issue             ? 
_citation.journal_volume            26 
_citation.language                  ? 
_citation.page_first                1522 
_citation.page_last                 1533.e5 
_citation.title                     'Probing the Architecture of a Multi-PDZ Domain Protein: Structure of PDZK1 in Solution.' 
_citation.year                      2018 
_citation.database_id_CSD           ? 
_citation.pdbx_database_id_DOI      10.1016/j.str.2018.07.016 
_citation.pdbx_database_id_PubMed   30220543 
_citation.unpublished_flag          ? 
# 
loop_
_citation_author.citation_id 
_citation_author.name 
_citation_author.ordinal 
_citation_author.identifier_ORCID 
primary 'Hajizadeh, N.R.' 1 ? 
primary 'Pieprzyk, J.'    2 ? 
primary 'Skopintsev, P.'  3 ? 
primary 'Flayhan, A.'     4 ? 
primary 'Svergun, D.I.'   5 ? 
primary 'Low, C.'         6 ? 
# 
loop_
_entity.id 
_entity.type 
_entity.src_method 
_entity.pdbx_description 
_entity.formula_weight 
_entity.pdbx_number_of_molecules 
_entity.pdbx_ec 
_entity.pdbx_mutation 
_entity.pdbx_fragment 
_entity.details 
1 polymer     man 'Na(+)/H(+) exchange regulatory cofactor NHE-RF3' 9653.086 1   ? ? ? ? 
2 polymer     syn 'Solute carrier family 15 member 2'               1205.529 1   ? ? ? ? 
3 non-polymer syn GLYCEROL                                          92.094   1   ? ? ? ? 
4 water       nat water                                             18.015   124 ? ? ? ? 
# 
loop_
_entity_name_com.entity_id 
_entity_name_com.name 
1 
;NHERF-3,CFTR-associated protein of 70 kDa,Na(+)/H(+) exchanger regulatory factor 3,Na/Pi cotransporter C-terminal-associated protein 1,NaPi-Cap1,PDZ domain-containing protein 1,Sodium-hydrogen exchanger regulatory factor 3
;
2 'Kidney H(+)/peptide cotransporter,Oligopeptide transporter,kidney isoform,Peptide transporter 2' 
# 
loop_
_entity_poly.entity_id 
_entity_poly.type 
_entity_poly.nstd_linkage 
_entity_poly.nstd_monomer 
_entity_poly.pdbx_seq_one_letter_code 
_entity_poly.pdbx_seq_one_letter_code_can 
_entity_poly.pdbx_strand_id 
_entity_poly.pdbx_target_identifier 
1 'polypeptide(L)' no no 
;SMHKPKLCRLAKGENGYGFHLNAIRGLPGSFIKEVQKGGPADLAGLEDEDVIIEVNGVNVLDEPYEKVVDRIQSSGKNVT
LLVCGKKAY
;
;SMHKPKLCRLAKGENGYGFHLNAIRGLPGSFIKEVQKGGPADLAGLEDEDVIIEVNGVNVLDEPYEKVVDRIQSSGKNVT
LLVCGKKAY
;
A ? 
2 'polypeptide(L)' no no IKLETKKTKL                                                                                   IKLETKKTKL B 
? 
# 
loop_
_pdbx_entity_nonpoly.entity_id 
_pdbx_entity_nonpoly.name 
_pdbx_entity_nonpoly.comp_id 
3 GLYCEROL GOL 
4 water    HOH 
# 
loop_
_entity_poly_seq.entity_id 
_entity_poly_seq.num 
_entity_poly_seq.mon_id 
_entity_poly_seq.hetero 
1 1  SER n 
1 2  MET n 
1 3  HIS n 
1 4  LYS n 
1 5  PRO n 
1 6  LYS n 
1 7  LEU n 
1 8  CYS n 
1 9  ARG n 
1 10 LEU n 
1 11 ALA n 
1 12 LYS n 
1 13 GLY n 
1 14 GLU n 
1 15 ASN n 
1 16 GLY n 
1 17 TYR n 
1 18 GLY n 
1 19 PHE n 
1 20 HIS n 
1 21 LEU n 
1 22 ASN n 
1 23 ALA n 
1 24 ILE n 
1 25 ARG n 
1 26 GLY n 
1 27 LEU n 
1 28 PRO n 
1 29 GLY n 
1 30 SER n 
1 31 PHE n 
1 32 ILE n 
1 33 LYS n 
1 34 GLU n 
1 35 VAL n 
1 36 GLN n 
1 37 LYS n 
1 38 GLY n 
1 39 GLY n 
1 40 PRO n 
1 41 ALA n 
1 42 ASP n 
1 43 LEU n 
1 44 ALA n 
1 45 GLY n 
1 46 LEU n 
1 47 GLU n 
1 48 ASP n 
1 49 GLU n 
1 50 ASP n 
1 51 VAL n 
1 52 ILE n 
1 53 ILE n 
1 54 GLU n 
1 55 VAL n 
1 56 ASN n 
1 57 GLY n 
1 58 VAL n 
1 59 ASN n 
1 60 VAL n 
1 61 LEU n 
1 62 ASP n 
1 63 GLU n 
1 64 PRO n 
1 65 TYR n 
1 66 GLU n 
1 67 LYS n 
1 68 VAL n 
1 69 VAL n 
1 70 ASP n 
1 71 ARG n 
1 72 ILE n 
1 73 GLN n 
1 74 SER n 
1 75 SER n 
1 76 GLY n 
1 77 LYS n 
1 78 ASN n 
1 79 VAL n 
1 80 THR n 
1 81 LEU n 
1 82 LEU n 
1 83 VAL n 
1 84 CYS n 
1 85 GLY n 
1 86 LYS n 
1 87 LYS n 
1 88 ALA n 
1 89 TYR n 
2 1  ILE n 
2 2  LYS n 
2 3  LEU n 
2 4  GLU n 
2 5  THR n 
2 6  LYS n 
2 7  LYS n 
2 8  THR n 
2 9  LYS n 
2 10 LEU n 
# 
_entity_src_gen.entity_id                          1 
_entity_src_gen.pdbx_src_id                        1 
_entity_src_gen.pdbx_alt_source_flag               sample 
_entity_src_gen.pdbx_seq_type                      'Biological sequence' 
_entity_src_gen.pdbx_beg_seq_num                   1 
_entity_src_gen.pdbx_end_seq_num                   89 
_entity_src_gen.gene_src_common_name               Human 
_entity_src_gen.gene_src_genus                     ? 
_entity_src_gen.pdbx_gene_src_gene                 'PDZK1, CAP70, NHERF3, PDZD1' 
_entity_src_gen.gene_src_species                   ? 
_entity_src_gen.gene_src_strain                    ? 
_entity_src_gen.gene_src_tissue                    ? 
_entity_src_gen.gene_src_tissue_fraction           ? 
_entity_src_gen.gene_src_details                   ? 
_entity_src_gen.pdbx_gene_src_fragment             ? 
_entity_src_gen.pdbx_gene_src_scientific_name      'Homo sapiens' 
_entity_src_gen.pdbx_gene_src_ncbi_taxonomy_id     9606 
_entity_src_gen.pdbx_gene_src_variant              ? 
_entity_src_gen.pdbx_gene_src_cell_line            ? 
_entity_src_gen.pdbx_gene_src_atcc                 ? 
_entity_src_gen.pdbx_gene_src_organ                ? 
_entity_src_gen.pdbx_gene_src_organelle            ? 
_entity_src_gen.pdbx_gene_src_cell                 ? 
_entity_src_gen.pdbx_gene_src_cellular_location    ? 
_entity_src_gen.host_org_common_name               ? 
_entity_src_gen.pdbx_host_org_scientific_name      'Escherichia coli BL21(DE3)' 
_entity_src_gen.pdbx_host_org_ncbi_taxonomy_id     469008 
_entity_src_gen.host_org_genus                     ? 
_entity_src_gen.pdbx_host_org_gene                 ? 
_entity_src_gen.pdbx_host_org_organ                ? 
_entity_src_gen.host_org_species                   ? 
_entity_src_gen.pdbx_host_org_tissue               ? 
_entity_src_gen.pdbx_host_org_tissue_fraction      ? 
_entity_src_gen.pdbx_host_org_strain               ? 
_entity_src_gen.pdbx_host_org_variant              ? 
_entity_src_gen.pdbx_host_org_cell_line            ? 
_entity_src_gen.pdbx_host_org_atcc                 ? 
_entity_src_gen.pdbx_host_org_culture_collection   ? 
_entity_src_gen.pdbx_host_org_cell                 ? 
_entity_src_gen.pdbx_host_org_organelle            ? 
_entity_src_gen.pdbx_host_org_cellular_location    ? 
_entity_src_gen.pdbx_host_org_vector_type          ? 
_entity_src_gen.pdbx_host_org_vector               ? 
_entity_src_gen.host_org_details                   ? 
_entity_src_gen.expression_system_id               ? 
_entity_src_gen.plasmid_name                       ? 
_entity_src_gen.plasmid_details                    ? 
_entity_src_gen.pdbx_description                   ? 
# 
_pdbx_entity_src_syn.entity_id              2 
_pdbx_entity_src_syn.pdbx_src_id            1 
_pdbx_entity_src_syn.pdbx_alt_source_flag   sample 
_pdbx_entity_src_syn.pdbx_beg_seq_num       1 
_pdbx_entity_src_syn.pdbx_end_seq_num       10 
_pdbx_entity_src_syn.organism_scientific    'Homo sapiens' 
_pdbx_entity_src_syn.organism_common_name   Human 
_pdbx_entity_src_syn.ncbi_taxonomy_id       9606 
_pdbx_entity_src_syn.details                ? 
# 
loop_
_chem_comp.id 
_chem_comp.type 
_chem_comp.mon_nstd_flag 
_chem_comp.name 
_chem_comp.pdbx_synonyms 
_chem_comp.formula 
_chem_comp.formula_weight 
ALA 'L-peptide linking' y ALANINE         ?                               'C3 H7 N O2'     89.093  
ARG 'L-peptide linking' y ARGININE        ?                               'C6 H15 N4 O2 1' 175.209 
ASN 'L-peptide linking' y ASPARAGINE      ?                               'C4 H8 N2 O3'    132.118 
ASP 'L-peptide linking' y 'ASPARTIC ACID' ?                               'C4 H7 N O4'     133.103 
CYS 'L-peptide linking' y CYSTEINE        ?                               'C3 H7 N O2 S'   121.158 
GLN 'L-peptide linking' y GLUTAMINE       ?                               'C5 H10 N2 O3'   146.144 
GLU 'L-peptide linking' y 'GLUTAMIC ACID' ?                               'C5 H9 N O4'     147.129 
GLY 'peptide linking'   y GLYCINE         ?                               'C2 H5 N O2'     75.067  
GOL non-polymer         . GLYCEROL        'GLYCERIN; PROPANE-1,2,3-TRIOL' 'C3 H8 O3'       92.094  
HIS 'L-peptide linking' y HISTIDINE       ?                               'C6 H10 N3 O2 1' 156.162 
HOH non-polymer         . WATER           ?                               'H2 O'           18.015  
ILE 'L-peptide linking' y ISOLEUCINE      ?                               'C6 H13 N O2'    131.173 
LEU 'L-peptide linking' y LEUCINE         ?                               'C6 H13 N O2'    131.173 
LYS 'L-peptide linking' y LYSINE          ?                               'C6 H15 N2 O2 1' 147.195 
MET 'L-peptide linking' y METHIONINE      ?                               'C5 H11 N O2 S'  149.211 
PHE 'L-peptide linking' y PHENYLALANINE   ?                               'C9 H11 N O2'    165.189 
PRO 'L-peptide linking' y PROLINE         ?                               'C5 H9 N O2'     115.130 
SER 'L-peptide linking' y SERINE          ?                               'C3 H7 N O3'     105.093 
THR 'L-peptide linking' y THREONINE       ?                               'C4 H9 N O3'     119.119 
TYR 'L-peptide linking' y TYROSINE        ?                               'C9 H11 N O3'    181.189 
VAL 'L-peptide linking' y VALINE          ?                               'C5 H11 N O2'    117.146 
# 
loop_
_pdbx_poly_seq_scheme.asym_id 
_pdbx_poly_seq_scheme.entity_id 
_pdbx_poly_seq_scheme.seq_id 
_pdbx_poly_seq_scheme.mon_id 
_pdbx_poly_seq_scheme.ndb_seq_num 
_pdbx_poly_seq_scheme.pdb_seq_num 
_pdbx_poly_seq_scheme.auth_seq_num 
_pdbx_poly_seq_scheme.pdb_mon_id 
_pdbx_poly_seq_scheme.auth_mon_id 
_pdbx_poly_seq_scheme.pdb_strand_id 
_pdbx_poly_seq_scheme.pdb_ins_code 
_pdbx_poly_seq_scheme.hetero 
A 1 1  SER 1  372 372 SER SER A . n 
A 1 2  MET 2  373 373 MET MET A . n 
A 1 3  HIS 3  374 374 HIS HIS A . n 
A 1 4  LYS 4  375 375 LYS LYS A . n 
A 1 5  PRO 5  376 376 PRO PRO A . n 
A 1 6  LYS 6  377 377 LYS LYS A . n 
A 1 7  LEU 7  378 378 LEU LEU A . n 
A 1 8  CYS 8  379 379 CYS CYS A . n 
A 1 9  ARG 9  380 380 ARG ARG A . n 
A 1 10 LEU 10 381 381 LEU LEU A . n 
A 1 11 ALA 11 382 382 ALA ALA A . n 
A 1 12 LYS 12 383 383 LYS LYS A . n 
A 1 13 GLY 13 384 384 GLY GLY A . n 
A 1 14 GLU 14 385 385 GLU GLU A . n 
A 1 15 ASN 15 386 386 ASN ASN A . n 
A 1 16 GLY 16 387 387 GLY GLY A . n 
A 1 17 TYR 17 388 388 TYR TYR A . n 
A 1 18 GLY 18 389 389 GLY GLY A . n 
A 1 19 PHE 19 390 390 PHE PHE A . n 
A 1 20 HIS 20 391 391 HIS HIS A . n 
A 1 21 LEU 21 392 392 LEU LEU A . n 
A 1 22 ASN 22 393 393 ASN ASN A . n 
A 1 23 ALA 23 394 394 ALA ALA A . n 
A 1 24 ILE 24 395 395 ILE ILE A . n 
A 1 25 ARG 25 396 396 ARG ARG A . n 
A 1 26 GLY 26 397 397 GLY GLY A . n 
A 1 27 LEU 27 398 398 LEU LEU A . n 
A 1 28 PRO 28 399 399 PRO PRO A . n 
A 1 29 GLY 29 400 400 GLY GLY A . n 
A 1 30 SER 30 401 401 SER SER A . n 
A 1 31 PHE 31 402 402 PHE PHE A . n 
A 1 32 ILE 32 403 403 ILE ILE A . n 
A 1 33 LYS 33 404 404 LYS LYS A . n 
A 1 34 GLU 34 405 405 GLU GLU A . n 
A 1 35 VAL 35 406 406 VAL VAL A . n 
A 1 36 GLN 36 407 407 GLN GLN A . n 
A 1 37 LYS 37 408 408 LYS LYS A . n 
A 1 38 GLY 38 409 409 GLY GLY A . n 
A 1 39 GLY 39 410 410 GLY GLY A . n 
A 1 40 PRO 40 411 411 PRO PRO A . n 
A 1 41 ALA 41 412 412 ALA ALA A . n 
A 1 42 ASP 42 413 413 ASP ASP A . n 
A 1 43 LEU 43 414 414 LEU LEU A . n 
A 1 44 ALA 44 415 415 ALA ALA A . n 
A 1 45 GLY 45 416 416 GLY GLY A . n 
A 1 46 LEU 46 417 417 LEU LEU A . n 
A 1 47 GLU 47 418 418 GLU GLU A . n 
A 1 48 ASP 48 419 419 ASP ASP A . n 
A 1 49 GLU 49 420 420 GLU GLU A . n 
A 1 50 ASP 50 421 421 ASP ASP A . n 
A 1 51 VAL 51 422 422 VAL VAL A . n 
A 1 52 ILE 52 423 423 ILE ILE A . n 
A 1 53 ILE 53 424 424 ILE ILE A . n 
A 1 54 GLU 54 425 425 GLU GLU A . n 
A 1 55 VAL 55 426 426 VAL VAL A . n 
A 1 56 ASN 56 427 427 ASN ASN A . n 
A 1 57 GLY 57 428 428 GLY GLY A . n 
A 1 58 VAL 58 429 429 VAL VAL A . n 
A 1 59 ASN 59 430 430 ASN ASN A . n 
A 1 60 VAL 60 431 431 VAL VAL A . n 
A 1 61 LEU 61 432 432 LEU LEU A . n 
A 1 62 ASP 62 433 433 ASP ASP A . n 
A 1 63 GLU 63 434 434 GLU GLU A . n 
A 1 64 PRO 64 435 435 PRO PRO A . n 
A 1 65 TYR 65 436 436 TYR TYR A . n 
A 1 66 GLU 66 437 437 GLU GLU A . n 
A 1 67 LYS 67 438 438 LYS LYS A . n 
A 1 68 VAL 68 439 439 VAL VAL A . n 
A 1 69 VAL 69 440 440 VAL VAL A . n 
A 1 70 ASP 70 441 441 ASP ASP A . n 
A 1 71 ARG 71 442 442 ARG ARG A . n 
A 1 72 ILE 72 443 443 ILE ILE A . n 
A 1 73 GLN 73 444 444 GLN GLN A . n 
A 1 74 SER 74 445 445 SER SER A . n 
A 1 75 SER 75 446 446 SER SER A . n 
A 1 76 GLY 76 447 447 GLY GLY A . n 
A 1 77 LYS 77 448 448 LYS LYS A . n 
A 1 78 ASN 78 449 449 ASN ASN A . n 
A 1 79 VAL 79 450 450 VAL VAL A . n 
A 1 80 THR 80 451 451 THR THR A . n 
A 1 81 LEU 81 452 452 LEU LEU A . n 
A 1 82 LEU 82 453 453 LEU LEU A . n 
A 1 83 VAL 83 454 454 VAL VAL A . n 
A 1 84 CYS 84 455 455 CYS CYS A . n 
A 1 85 GLY 85 456 456 GLY GLY A . n 
A 1 86 LYS 86 457 457 LYS LYS A . n 
A 1 87 LYS 87 458 ?   ?   ?   A . n 
A 1 88 ALA 88 459 ?   ?   ?   A . n 
A 1 89 TYR 89 460 ?   ?   ?   A . n 
B 2 1  ILE 1  720 ?   ?   ?   B . n 
B 2 2  LYS 2  721 ?   ?   ?   B . n 
B 2 3  LEU 3  722 764 LEU LEU B . n 
B 2 4  GLU 4  723 765 GLU GLU B . n 
B 2 5  THR 5  724 766 THR THR B . n 
B 2 6  LYS 6  725 767 LYS LYS B . n 
B 2 7  LYS 7  726 768 LYS LYS B . n 
B 2 8  THR 8  727 769 THR THR B . n 
B 2 9  LYS 9  728 770 LYS LYS B . n 
B 2 10 LEU 10 729 771 LEU LEU B . n 
# 
loop_
_pdbx_nonpoly_scheme.asym_id 
_pdbx_nonpoly_scheme.entity_id 
_pdbx_nonpoly_scheme.mon_id 
_pdbx_nonpoly_scheme.ndb_seq_num 
_pdbx_nonpoly_scheme.pdb_seq_num 
_pdbx_nonpoly_scheme.auth_seq_num 
_pdbx_nonpoly_scheme.pdb_mon_id 
_pdbx_nonpoly_scheme.auth_mon_id 
_pdbx_nonpoly_scheme.pdb_strand_id 
_pdbx_nonpoly_scheme.pdb_ins_code 
C 3 GOL 1   501 1   GOL GOL A . 
D 4 HOH 1   601 6   HOH HOH A . 
D 4 HOH 2   602 125 HOH HOH A . 
D 4 HOH 3   603 44  HOH HOH A . 
D 4 HOH 4   604 92  HOH HOH A . 
D 4 HOH 5   605 93  HOH HOH A . 
D 4 HOH 6   606 55  HOH HOH A . 
D 4 HOH 7   607 7   HOH HOH A . 
D 4 HOH 8   608 11  HOH HOH A . 
D 4 HOH 9   609 73  HOH HOH A . 
D 4 HOH 10  610 126 HOH HOH A . 
D 4 HOH 11  611 85  HOH HOH A . 
D 4 HOH 12  612 70  HOH HOH A . 
D 4 HOH 13  613 5   HOH HOH A . 
D 4 HOH 14  614 95  HOH HOH A . 
D 4 HOH 15  615 83  HOH HOH A . 
D 4 HOH 16  616 34  HOH HOH A . 
D 4 HOH 17  617 31  HOH HOH A . 
D 4 HOH 18  618 38  HOH HOH A . 
D 4 HOH 19  619 87  HOH HOH A . 
D 4 HOH 20  620 30  HOH HOH A . 
D 4 HOH 21  621 4   HOH HOH A . 
D 4 HOH 22  622 48  HOH HOH A . 
D 4 HOH 23  623 96  HOH HOH A . 
D 4 HOH 24  624 21  HOH HOH A . 
D 4 HOH 25  625 3   HOH HOH A . 
D 4 HOH 26  626 122 HOH HOH A . 
D 4 HOH 27  627 2   HOH HOH A . 
D 4 HOH 28  628 26  HOH HOH A . 
D 4 HOH 29  629 32  HOH HOH A . 
D 4 HOH 30  630 13  HOH HOH A . 
D 4 HOH 31  631 24  HOH HOH A . 
D 4 HOH 32  632 19  HOH HOH A . 
D 4 HOH 33  633 52  HOH HOH A . 
D 4 HOH 34  634 41  HOH HOH A . 
D 4 HOH 35  635 10  HOH HOH A . 
D 4 HOH 36  636 23  HOH HOH A . 
D 4 HOH 37  637 68  HOH HOH A . 
D 4 HOH 38  638 20  HOH HOH A . 
D 4 HOH 39  639 56  HOH HOH A . 
D 4 HOH 40  640 75  HOH HOH A . 
D 4 HOH 41  641 74  HOH HOH A . 
D 4 HOH 42  642 15  HOH HOH A . 
D 4 HOH 43  643 17  HOH HOH A . 
D 4 HOH 44  644 27  HOH HOH A . 
D 4 HOH 45  645 114 HOH HOH A . 
D 4 HOH 46  646 86  HOH HOH A . 
D 4 HOH 47  647 57  HOH HOH A . 
D 4 HOH 48  648 47  HOH HOH A . 
D 4 HOH 49  649 64  HOH HOH A . 
D 4 HOH 50  650 49  HOH HOH A . 
D 4 HOH 51  651 8   HOH HOH A . 
D 4 HOH 52  652 16  HOH HOH A . 
D 4 HOH 53  653 12  HOH HOH A . 
D 4 HOH 54  654 43  HOH HOH A . 
D 4 HOH 55  655 1   HOH HOH A . 
D 4 HOH 56  656 60  HOH HOH A . 
D 4 HOH 57  657 111 HOH HOH A . 
D 4 HOH 58  658 14  HOH HOH A . 
D 4 HOH 59  659 123 HOH HOH A . 
D 4 HOH 60  660 37  HOH HOH A . 
D 4 HOH 61  661 36  HOH HOH A . 
D 4 HOH 62  662 71  HOH HOH A . 
D 4 HOH 63  663 35  HOH HOH A . 
D 4 HOH 64  664 124 HOH HOH A . 
D 4 HOH 65  665 107 HOH HOH A . 
D 4 HOH 66  666 40  HOH HOH A . 
D 4 HOH 67  667 88  HOH HOH A . 
D 4 HOH 68  668 9   HOH HOH A . 
D 4 HOH 69  669 102 HOH HOH A . 
D 4 HOH 70  670 42  HOH HOH A . 
D 4 HOH 71  671 51  HOH HOH A . 
D 4 HOH 72  672 54  HOH HOH A . 
D 4 HOH 73  673 104 HOH HOH A . 
D 4 HOH 74  674 50  HOH HOH A . 
D 4 HOH 75  675 117 HOH HOH A . 
D 4 HOH 76  676 61  HOH HOH A . 
D 4 HOH 77  677 18  HOH HOH A . 
D 4 HOH 78  678 120 HOH HOH A . 
D 4 HOH 79  679 97  HOH HOH A . 
D 4 HOH 80  680 28  HOH HOH A . 
D 4 HOH 81  681 79  HOH HOH A . 
D 4 HOH 82  682 105 HOH HOH A . 
D 4 HOH 83  683 59  HOH HOH A . 
D 4 HOH 84  684 45  HOH HOH A . 
D 4 HOH 85  685 90  HOH HOH A . 
D 4 HOH 86  686 77  HOH HOH A . 
D 4 HOH 87  687 121 HOH HOH A . 
D 4 HOH 88  688 98  HOH HOH A . 
D 4 HOH 89  689 62  HOH HOH A . 
D 4 HOH 90  690 103 HOH HOH A . 
D 4 HOH 91  691 119 HOH HOH A . 
D 4 HOH 92  692 115 HOH HOH A . 
D 4 HOH 93  693 76  HOH HOH A . 
D 4 HOH 94  694 84  HOH HOH A . 
D 4 HOH 95  695 100 HOH HOH A . 
D 4 HOH 96  696 29  HOH HOH A . 
D 4 HOH 97  697 99  HOH HOH A . 
D 4 HOH 98  698 46  HOH HOH A . 
D 4 HOH 99  699 39  HOH HOH A . 
D 4 HOH 100 700 33  HOH HOH A . 
D 4 HOH 101 701 82  HOH HOH A . 
D 4 HOH 102 702 106 HOH HOH A . 
D 4 HOH 103 703 101 HOH HOH A . 
D 4 HOH 104 704 116 HOH HOH A . 
D 4 HOH 105 705 113 HOH HOH A . 
D 4 HOH 106 706 91  HOH HOH A . 
D 4 HOH 107 707 65  HOH HOH A . 
D 4 HOH 108 708 118 HOH HOH A . 
D 4 HOH 109 709 112 HOH HOH A . 
E 4 HOH 1   801 109 HOH HOH B . 
E 4 HOH 2   802 127 HOH HOH B . 
E 4 HOH 3   803 66  HOH HOH B . 
E 4 HOH 4   804 58  HOH HOH B . 
E 4 HOH 5   805 22  HOH HOH B . 
E 4 HOH 6   806 72  HOH HOH B . 
E 4 HOH 7   807 108 HOH HOH B . 
E 4 HOH 8   808 67  HOH HOH B . 
E 4 HOH 9   809 94  HOH HOH B . 
E 4 HOH 10  810 89  HOH HOH B . 
E 4 HOH 11  811 53  HOH HOH B . 
E 4 HOH 12  812 69  HOH HOH B . 
E 4 HOH 13  813 81  HOH HOH B . 
E 4 HOH 14  814 110 HOH HOH B . 
E 4 HOH 15  815 80  HOH HOH B . 
# 
loop_
_pdbx_unobs_or_zero_occ_atoms.id 
_pdbx_unobs_or_zero_occ_atoms.PDB_model_num 
_pdbx_unobs_or_zero_occ_atoms.polymer_flag 
_pdbx_unobs_or_zero_occ_atoms.occupancy_flag 
_pdbx_unobs_or_zero_occ_atoms.auth_asym_id 
_pdbx_unobs_or_zero_occ_atoms.auth_comp_id 
_pdbx_unobs_or_zero_occ_atoms.auth_seq_id 
_pdbx_unobs_or_zero_occ_atoms.PDB_ins_code 
_pdbx_unobs_or_zero_occ_atoms.auth_atom_id 
_pdbx_unobs_or_zero_occ_atoms.label_alt_id 
_pdbx_unobs_or_zero_occ_atoms.label_asym_id 
_pdbx_unobs_or_zero_occ_atoms.label_comp_id 
_pdbx_unobs_or_zero_occ_atoms.label_seq_id 
_pdbx_unobs_or_zero_occ_atoms.label_atom_id 
1  1 Y 1 A HIS 374 ? CG  ? A HIS 3  CG  
2  1 Y 1 A HIS 374 ? ND1 ? A HIS 3  ND1 
3  1 Y 1 A HIS 374 ? CD2 ? A HIS 3  CD2 
4  1 Y 1 A HIS 374 ? CE1 ? A HIS 3  CE1 
5  1 Y 1 A HIS 374 ? NE2 ? A HIS 3  NE2 
6  1 Y 1 A LYS 375 ? CG  ? A LYS 4  CG  
7  1 Y 1 A LYS 375 ? CD  ? A LYS 4  CD  
8  1 Y 1 A LYS 375 ? CE  ? A LYS 4  CE  
9  1 Y 1 A LYS 375 ? NZ  ? A LYS 4  NZ  
10 1 Y 1 A GLU 385 ? CD  ? A GLU 14 CD  
11 1 Y 1 A GLU 385 ? OE1 ? A GLU 14 OE1 
12 1 Y 1 A GLU 385 ? OE2 ? A GLU 14 OE2 
13 1 Y 1 A ARG 396 ? NE  ? A ARG 25 NE  
14 1 Y 1 A ARG 396 ? CZ  ? A ARG 25 CZ  
15 1 Y 1 A ARG 396 ? NH1 ? A ARG 25 NH1 
16 1 Y 1 A ARG 396 ? NH2 ? A ARG 25 NH2 
17 1 Y 1 A GLU 418 ? OE1 ? A GLU 47 OE1 
18 1 Y 1 A GLU 418 ? OE2 ? A GLU 47 OE2 
19 1 Y 1 A LYS 457 ? CE  ? A LYS 86 CE  
20 1 Y 1 A LYS 457 ? NZ  ? A LYS 86 NZ  
21 1 Y 1 B LEU 722 ? CB  ? B LEU 3  CB  
22 1 Y 1 B LEU 722 ? CG  ? B LEU 3  CG  
23 1 Y 1 B LEU 722 ? CD1 ? B LEU 3  CD1 
24 1 Y 1 B LEU 722 ? CD2 ? B LEU 3  CD2 
25 1 Y 1 B GLU 723 ? CD  ? B GLU 4  CD  
26 1 Y 1 B GLU 723 ? OE1 ? B GLU 4  OE1 
27 1 Y 1 B GLU 723 ? OE2 ? B GLU 4  OE2 
# 
loop_
_software.citation_id 
_software.classification 
_software.compiler_name 
_software.compiler_version 
_software.contact_author 
_software.contact_author_email 
_software.date 
_software.description 
_software.dependencies 
_software.hardware 
_software.language 
_software.location 
_software.mods 
_software.name 
_software.os 
_software.os_version 
_software.type 
_software.version 
_software.pdbx_ordinal 
? 'model building' ? ? ? ? ? ? ? ? ? ? ? Coot   ? ? ? 1.10.1_2155 1 
? refinement       ? ? ? ? ? ? ? ? ? ? ? PHENIX ? ? ? 1.10.1_2155 2 
? 'data reduction' ? ? ? ? ? ? ? ? ? ? ? XDS    ? ? ? .           3 
? 'data scaling'   ? ? ? ? ? ? ? ? ? ? ? XSCALE ? ? ? .           4 
? phasing          ? ? ? ? ? ? ? ? ? ? ? PHASER ? ? ? .           5 
# 
_cell.angle_alpha                  90.000 
_cell.angle_alpha_esd              ? 
_cell.angle_beta                   90.000 
_cell.angle_beta_esd               ? 
_cell.angle_gamma                  120.000 
_cell.angle_gamma_esd              ? 
_cell.entry_id                     6EZI 
_cell.details                      ? 
_cell.formula_units_Z              ? 
_cell.length_a                     54.400 
_cell.length_a_esd                 ? 
_cell.length_b                     54.400 
_cell.length_b_esd                 ? 
_cell.length_c                     150.760 
_cell.length_c_esd                 ? 
_cell.volume                       386379.930 
_cell.volume_esd                   ? 
_cell.Z_PDB                        12 
_cell.reciprocal_angle_alpha       ? 
_cell.reciprocal_angle_beta        ? 
_cell.reciprocal_angle_gamma       ? 
_cell.reciprocal_angle_alpha_esd   ? 
_cell.reciprocal_angle_beta_esd    ? 
_cell.reciprocal_angle_gamma_esd   ? 
_cell.reciprocal_length_a          ? 
_cell.reciprocal_length_b          ? 
_cell.reciprocal_length_c          ? 
_cell.reciprocal_length_a_esd      ? 
_cell.reciprocal_length_b_esd      ? 
_cell.reciprocal_length_c_esd      ? 
_cell.pdbx_unique_axis             ? 
# 
_symmetry.entry_id                         6EZI 
_symmetry.cell_setting                     ? 
_symmetry.Int_Tables_number                179 
_symmetry.space_group_name_Hall            'P 65 2 (x,y,z+1/12)' 
_symmetry.space_group_name_H-M             'P 65 2 2' 
_symmetry.pdbx_full_space_group_name_H-M   ? 
# 
_exptl.absorpt_coefficient_mu     ? 
_exptl.absorpt_correction_T_max   ? 
_exptl.absorpt_correction_T_min   ? 
_exptl.absorpt_correction_type    ? 
_exptl.absorpt_process_details    ? 
_exptl.entry_id                   6EZI 
_exptl.crystals_number            1 
_exptl.details                    ? 
_exptl.method                     'X-RAY DIFFRACTION' 
_exptl.method_details             ? 
# 
_exptl_crystal.colour                      ? 
_exptl_crystal.density_diffrn              ? 
_exptl_crystal.density_Matthews            2.98 
_exptl_crystal.density_method              ? 
_exptl_crystal.density_percent_sol         58.66 
_exptl_crystal.description                 ? 
_exptl_crystal.F_000                       ? 
_exptl_crystal.id                          1 
_exptl_crystal.preparation                 ? 
_exptl_crystal.size_max                    ? 
_exptl_crystal.size_mid                    ? 
_exptl_crystal.size_min                    ? 
_exptl_crystal.size_rad                    ? 
_exptl_crystal.colour_lustre               ? 
_exptl_crystal.colour_modifier             ? 
_exptl_crystal.colour_primary              ? 
_exptl_crystal.density_meas                ? 
_exptl_crystal.density_meas_esd            ? 
_exptl_crystal.density_meas_gt             ? 
_exptl_crystal.density_meas_lt             ? 
_exptl_crystal.density_meas_temp           ? 
_exptl_crystal.density_meas_temp_esd       ? 
_exptl_crystal.density_meas_temp_gt        ? 
_exptl_crystal.density_meas_temp_lt        ? 
_exptl_crystal.pdbx_crystal_image_url      ? 
_exptl_crystal.pdbx_crystal_image_format   ? 
_exptl_crystal.pdbx_mosaicity              ? 
_exptl_crystal.pdbx_mosaicity_esd          ? 
# 
_exptl_crystal_grow.apparatus       ? 
_exptl_crystal_grow.atmosphere      ? 
_exptl_crystal_grow.crystal_id      1 
_exptl_crystal_grow.details         ? 
_exptl_crystal_grow.method          'VAPOR DIFFUSION, SITTING DROP' 
_exptl_crystal_grow.method_ref      ? 
_exptl_crystal_grow.pH              7.5 
_exptl_crystal_grow.pressure        ? 
_exptl_crystal_grow.pressure_esd    ? 
_exptl_crystal_grow.seeding         ? 
_exptl_crystal_grow.seeding_ref     ? 
_exptl_crystal_grow.temp            292.15 
_exptl_crystal_grow.temp_details    ? 
_exptl_crystal_grow.temp_esd        ? 
_exptl_crystal_grow.time            ? 
_exptl_crystal_grow.pdbx_details    
;0.1 M Trisodium citrate pH 6.45 
20% PEG 4000
20 %(v/v) isopropanol
;
_exptl_crystal_grow.pdbx_pH_range   ? 
# 
_diffrn.ambient_environment    ? 
_diffrn.ambient_temp           173 
_diffrn.ambient_temp_details   ? 
_diffrn.ambient_temp_esd       ? 
_diffrn.crystal_id             1 
_diffrn.crystal_support        ? 
_diffrn.crystal_treatment      ? 
_diffrn.details                ? 
_diffrn.id                     1 
_diffrn.ambient_pressure       ? 
_diffrn.ambient_pressure_esd   ? 
_diffrn.ambient_pressure_gt    ? 
_diffrn.ambient_pressure_lt    ? 
_diffrn.ambient_temp_gt        ? 
_diffrn.ambient_temp_lt        ? 
# 
_diffrn_detector.details                      ? 
_diffrn_detector.detector                     PIXEL 
_diffrn_detector.diffrn_id                    1 
_diffrn_detector.type                         'DECTRIS PILATUS3 6M' 
_diffrn_detector.area_resol_mean              ? 
_diffrn_detector.dtime                        ? 
_diffrn_detector.pdbx_frames_total            ? 
_diffrn_detector.pdbx_collection_time_total   ? 
_diffrn_detector.pdbx_collection_date         2017-02-13 
# 
_diffrn_radiation.collimation                      ? 
_diffrn_radiation.diffrn_id                        1 
_diffrn_radiation.filter_edge                      ? 
_diffrn_radiation.inhomogeneity                    ? 
_diffrn_radiation.monochromator                    ? 
_diffrn_radiation.polarisn_norm                    ? 
_diffrn_radiation.polarisn_ratio                   ? 
_diffrn_radiation.probe                            ? 
_diffrn_radiation.type                             ? 
_diffrn_radiation.xray_symbol                      ? 
_diffrn_radiation.wavelength_id                    1 
_diffrn_radiation.pdbx_monochromatic_or_laue_m_l   M 
_diffrn_radiation.pdbx_wavelength_list             ? 
_diffrn_radiation.pdbx_wavelength                  ? 
_diffrn_radiation.pdbx_diffrn_protocol             'SINGLE WAVELENGTH' 
_diffrn_radiation.pdbx_analyzer                    ? 
_diffrn_radiation.pdbx_scattering_type             x-ray 
# 
_diffrn_radiation_wavelength.id           1 
_diffrn_radiation_wavelength.wavelength   1.07166 
_diffrn_radiation_wavelength.wt           1.0 
# 
_diffrn_source.current                     ? 
_diffrn_source.details                     ? 
_diffrn_source.diffrn_id                   1 
_diffrn_source.power                       ? 
_diffrn_source.size                        ? 
_diffrn_source.source                      SYNCHROTRON 
_diffrn_source.target                      ? 
_diffrn_source.type                        'ESRF BEAMLINE ID30B' 
_diffrn_source.voltage                     ? 
_diffrn_source.take-off_angle              ? 
_diffrn_source.pdbx_wavelength_list        1.07166 
_diffrn_source.pdbx_wavelength             ? 
_diffrn_source.pdbx_synchrotron_beamline   ID30B 
_diffrn_source.pdbx_synchrotron_site       ESRF 
# 
_reflns.B_iso_Wilson_estimate            18.8597757139 
_reflns.entry_id                         6EZI 
_reflns.data_reduction_details           ? 
_reflns.data_reduction_method            ? 
_reflns.d_resolution_high                1.5 
_reflns.d_resolution_low                 47.12 
_reflns.details                          ? 
_reflns.limit_h_max                      ? 
_reflns.limit_h_min                      ? 
_reflns.limit_k_max                      ? 
_reflns.limit_k_min                      ? 
_reflns.limit_l_max                      ? 
_reflns.limit_l_min                      ? 
_reflns.number_all                       ? 
_reflns.number_obs                       21856 
_reflns.observed_criterion               ? 
_reflns.observed_criterion_F_max         ? 
_reflns.observed_criterion_F_min         ? 
_reflns.observed_criterion_I_max         ? 
_reflns.observed_criterion_I_min         ? 
_reflns.observed_criterion_sigma_F       ? 
_reflns.observed_criterion_sigma_I       ? 
_reflns.percent_possible_obs             99.7 
_reflns.R_free_details                   ? 
_reflns.Rmerge_F_all                     ? 
_reflns.Rmerge_F_obs                     ? 
_reflns.Friedel_coverage                 ? 
_reflns.number_gt                        ? 
_reflns.threshold_expression             ? 
_reflns.pdbx_redundancy                  35 
_reflns.pdbx_Rmerge_I_obs                0.06612 
_reflns.pdbx_Rmerge_I_all                ? 
_reflns.pdbx_Rsym_value                  ? 
_reflns.pdbx_netI_over_av_sigmaI         ? 
_reflns.pdbx_netI_over_sigmaI            33.85 
_reflns.pdbx_res_netI_over_av_sigmaI_2   ? 
_reflns.pdbx_res_netI_over_sigmaI_2      ? 
_reflns.pdbx_chi_squared                 ? 
_reflns.pdbx_scaling_rejects             ? 
_reflns.pdbx_d_res_high_opt              ? 
_reflns.pdbx_d_res_low_opt               ? 
_reflns.pdbx_d_res_opt_method            ? 
_reflns.phase_calculation_details        ? 
_reflns.pdbx_Rrim_I_all                  0.06711 
_reflns.pdbx_Rpim_I_all                  ? 
_reflns.pdbx_d_opt                       ? 
_reflns.pdbx_number_measured_all         ? 
_reflns.pdbx_diffrn_id                   1 
_reflns.pdbx_ordinal                     1 
_reflns.pdbx_CC_half                     ? 
_reflns.pdbx_R_split                     ? 
# 
_reflns_shell.d_res_high                  1.5 
_reflns_shell.d_res_low                   1.59 
_reflns_shell.meanI_over_sigI_all         ? 
_reflns_shell.meanI_over_sigI_obs         4.2 
_reflns_shell.number_measured_all         ? 
_reflns_shell.number_measured_obs         ? 
_reflns_shell.number_possible             ? 
_reflns_shell.number_unique_all           ? 
_reflns_shell.number_unique_obs           3421 
_reflns_shell.percent_possible_all        99.3 
_reflns_shell.percent_possible_obs        ? 
_reflns_shell.Rmerge_F_all                ? 
_reflns_shell.Rmerge_F_obs                ? 
_reflns_shell.Rmerge_I_all                ? 
_reflns_shell.Rmerge_I_obs                0.963 
_reflns_shell.meanI_over_sigI_gt          ? 
_reflns_shell.meanI_over_uI_all           ? 
_reflns_shell.meanI_over_uI_gt            ? 
_reflns_shell.number_measured_gt          ? 
_reflns_shell.number_unique_gt            ? 
_reflns_shell.percent_possible_gt         ? 
_reflns_shell.Rmerge_F_gt                 ? 
_reflns_shell.Rmerge_I_gt                 ? 
_reflns_shell.pdbx_redundancy             34.8 
_reflns_shell.pdbx_Rsym_value             ? 
_reflns_shell.pdbx_chi_squared            ? 
_reflns_shell.pdbx_netI_over_sigmaI_all   ? 
_reflns_shell.pdbx_netI_over_sigmaI_obs   ? 
_reflns_shell.pdbx_Rrim_I_all             0.9771 
_reflns_shell.pdbx_Rpim_I_all             ? 
_reflns_shell.pdbx_rejects                ? 
_reflns_shell.pdbx_ordinal                1 
_reflns_shell.pdbx_diffrn_id              1 
_reflns_shell.pdbx_CC_half                0.776 
_reflns_shell.pdbx_R_split                ? 
# 
_refine.aniso_B[1][1]                            ? 
_refine.aniso_B[1][2]                            ? 
_refine.aniso_B[1][3]                            ? 
_refine.aniso_B[2][2]                            ? 
_refine.aniso_B[2][3]                            ? 
_refine.aniso_B[3][3]                            ? 
_refine.B_iso_max                                ? 
_refine.B_iso_mean                               36.6794828473 
_refine.B_iso_min                                ? 
_refine.correlation_coeff_Fo_to_Fc               ? 
_refine.correlation_coeff_Fo_to_Fc_free          ? 
_refine.details                                  ? 
_refine.diff_density_max                         ? 
_refine.diff_density_max_esd                     ? 
_refine.diff_density_min                         ? 
_refine.diff_density_min_esd                     ? 
_refine.diff_density_rms                         ? 
_refine.diff_density_rms_esd                     ? 
_refine.entry_id                                 6EZI 
_refine.pdbx_refine_id                           'X-RAY DIFFRACTION' 
_refine.ls_abs_structure_details                 ? 
_refine.ls_abs_structure_Flack                   ? 
_refine.ls_abs_structure_Flack_esd               ? 
_refine.ls_abs_structure_Rogers                  ? 
_refine.ls_abs_structure_Rogers_esd              ? 
_refine.ls_d_res_high                            1.50332103817 
_refine.ls_d_res_low                             47.1117819659 
_refine.ls_extinction_coef                       ? 
_refine.ls_extinction_coef_esd                   ? 
_refine.ls_extinction_expression                 ? 
_refine.ls_extinction_method                     ? 
_refine.ls_goodness_of_fit_all                   ? 
_refine.ls_goodness_of_fit_all_esd               ? 
_refine.ls_goodness_of_fit_obs                   ? 
_refine.ls_goodness_of_fit_obs_esd               ? 
_refine.ls_hydrogen_treatment                    ? 
_refine.ls_matrix_type                           ? 
_refine.ls_number_constraints                    ? 
_refine.ls_number_parameters                     ? 
_refine.ls_number_reflns_all                     ? 
_refine.ls_number_reflns_obs                     21854 
_refine.ls_number_reflns_R_free                  1093 
_refine.ls_number_reflns_R_work                  ? 
_refine.ls_number_restraints                     ? 
_refine.ls_percent_reflns_obs                    99.708002555 
_refine.ls_percent_reflns_R_free                 5.00137274641 
_refine.ls_R_factor_all                          ? 
_refine.ls_R_factor_obs                          0.194841046699 
_refine.ls_R_factor_R_free                       0.214201883363 
_refine.ls_R_factor_R_free_error                 ? 
_refine.ls_R_factor_R_free_error_details         ? 
_refine.ls_R_factor_R_work                       0.193827423621 
_refine.ls_R_Fsqd_factor_obs                     ? 
_refine.ls_R_I_factor_obs                        ? 
_refine.ls_redundancy_reflns_all                 ? 
_refine.ls_redundancy_reflns_obs                 ? 
_refine.ls_restrained_S_all                      ? 
_refine.ls_restrained_S_obs                      ? 
_refine.ls_shift_over_esd_max                    ? 
_refine.ls_shift_over_esd_mean                   ? 
_refine.ls_structure_factor_coef                 ? 
_refine.ls_weighting_details                     ? 
_refine.ls_weighting_scheme                      ? 
_refine.ls_wR_factor_all                         ? 
_refine.ls_wR_factor_obs                         ? 
_refine.ls_wR_factor_R_free                      ? 
_refine.ls_wR_factor_R_work                      ? 
_refine.occupancy_max                            ? 
_refine.occupancy_min                            ? 
_refine.solvent_model_details                    ? 
_refine.solvent_model_param_bsol                 ? 
_refine.solvent_model_param_ksol                 ? 
_refine.ls_R_factor_gt                           ? 
_refine.ls_goodness_of_fit_gt                    ? 
_refine.ls_goodness_of_fit_ref                   ? 
_refine.ls_shift_over_su_max                     ? 
_refine.ls_shift_over_su_max_lt                  ? 
_refine.ls_shift_over_su_mean                    ? 
_refine.ls_shift_over_su_mean_lt                 ? 
_refine.pdbx_ls_sigma_I                          ? 
_refine.pdbx_ls_sigma_F                          1.36321607249 
_refine.pdbx_ls_sigma_Fsqd                       ? 
_refine.pdbx_data_cutoff_high_absF               ? 
_refine.pdbx_data_cutoff_high_rms_absF           ? 
_refine.pdbx_data_cutoff_low_absF                ? 
_refine.pdbx_isotropic_thermal_model             ? 
_refine.pdbx_ls_cross_valid_method               'FREE R-VALUE' 
_refine.pdbx_method_to_determine_struct          'MOLECULAR REPLACEMENT' 
_refine.pdbx_starting_model                      4R2Z 
_refine.pdbx_stereochemistry_target_values       ? 
_refine.pdbx_R_Free_selection_details            5% 
_refine.pdbx_stereochem_target_val_spec_case     ? 
_refine.pdbx_overall_ESU_R                       ? 
_refine.pdbx_overall_ESU_R_Free                  ? 
_refine.pdbx_solvent_vdw_probe_radii             1.11 
_refine.pdbx_solvent_ion_probe_radii             ? 
_refine.pdbx_solvent_shrinkage_radii             0.9 
_refine.pdbx_real_space_R                        ? 
_refine.pdbx_density_correlation                 ? 
_refine.pdbx_pd_number_of_powder_patterns        ? 
_refine.pdbx_pd_number_of_points                 ? 
_refine.pdbx_pd_meas_number_of_points            ? 
_refine.pdbx_pd_proc_ls_prof_R_factor            ? 
_refine.pdbx_pd_proc_ls_prof_wR_factor           ? 
_refine.pdbx_pd_Marquardt_correlation_coeff      ? 
_refine.pdbx_pd_Fsqrd_R_factor                   ? 
_refine.pdbx_pd_ls_matrix_band_width             ? 
_refine.pdbx_overall_phase_error                 25.1660957435 
_refine.pdbx_overall_SU_R_free_Cruickshank_DPI   ? 
_refine.pdbx_overall_SU_R_free_Blow_DPI          ? 
_refine.pdbx_overall_SU_R_Blow_DPI               ? 
_refine.pdbx_TLS_residual_ADP_flag               ? 
_refine.pdbx_diffrn_id                           1 
_refine.overall_SU_B                             ? 
_refine.overall_SU_ML                            0.217232632749 
_refine.overall_SU_R_Cruickshank_DPI             ? 
_refine.overall_SU_R_free                        ? 
_refine.overall_FOM_free_R_set                   ? 
_refine.overall_FOM_work_R_set                   ? 
_refine.pdbx_average_fsc_overall                 ? 
_refine.pdbx_average_fsc_work                    ? 
_refine.pdbx_average_fsc_free                    ? 
# 
_refine_hist.pdbx_refine_id                   'X-RAY DIFFRACTION' 
_refine_hist.cycle_id                         LAST 
_refine_hist.pdbx_number_atoms_protein        690 
_refine_hist.pdbx_number_atoms_nucleic_acid   0 
_refine_hist.pdbx_number_atoms_ligand         6 
_refine_hist.number_atoms_solvent             124 
_refine_hist.number_atoms_total               820 
_refine_hist.d_res_high                       1.50332103817 
_refine_hist.d_res_low                        47.1117819659 
# 
loop_
_refine_ls_restr.pdbx_refine_id 
_refine_ls_restr.criterion 
_refine_ls_restr.dev_ideal 
_refine_ls_restr.dev_ideal_target 
_refine_ls_restr.number 
_refine_ls_restr.rejects 
_refine_ls_restr.type 
_refine_ls_restr.weight 
_refine_ls_restr.pdbx_restraint_function 
'X-RAY DIFFRACTION' ? 0.00700564800598 ? 809  ? f_bond_d           ? ? 
'X-RAY DIFFRACTION' ? 0.835981574208   ? 1100 ? f_angle_d          ? ? 
'X-RAY DIFFRACTION' ? 0.0588887482759  ? 127  ? f_chiral_restr     ? ? 
'X-RAY DIFFRACTION' ? 0.00504508991792 ? 146  ? f_plane_restr      ? ? 
'X-RAY DIFFRACTION' ? 14.9040965594    ? 314  ? f_dihedral_angle_d ? ? 
# 
loop_
_refine_ls_shell.pdbx_refine_id 
_refine_ls_shell.d_res_high 
_refine_ls_shell.d_res_low 
_refine_ls_shell.number_reflns_all 
_refine_ls_shell.number_reflns_obs 
_refine_ls_shell.number_reflns_R_free 
_refine_ls_shell.number_reflns_R_work 
_refine_ls_shell.percent_reflns_obs 
_refine_ls_shell.percent_reflns_R_free 
_refine_ls_shell.R_factor_all 
_refine_ls_shell.R_factor_obs 
_refine_ls_shell.R_factor_R_free 
_refine_ls_shell.R_factor_R_free_error 
_refine_ls_shell.R_factor_R_work 
_refine_ls_shell.redundancy_reflns_all 
_refine_ls_shell.redundancy_reflns_obs 
_refine_ls_shell.wR_factor_all 
_refine_ls_shell.wR_factor_obs 
_refine_ls_shell.wR_factor_R_free 
_refine_ls_shell.wR_factor_R_work 
_refine_ls_shell.pdbx_total_number_of_bins_used 
_refine_ls_shell.pdbx_phase_error 
_refine_ls_shell.pdbx_fsc_work 
_refine_ls_shell.pdbx_fsc_free 
'X-RAY DIFFRACTION' 1.5033 1.5717  . . 131 2499 98.7978963186 . . . 0.415735508109 . 0.380682751421 . . . . . . . . . . 
'X-RAY DIFFRACTION' 1.5717 1.6546  . . 134 2542 100.0         . . . 0.347371047897 . 0.333523933788 . . . . . . . . . . 
'X-RAY DIFFRACTION' 1.6546 1.7583  . . 134 2540 99.9252615845 . . . 0.325534946644 . 0.290844151056 . . . . . . . . . . 
'X-RAY DIFFRACTION' 1.7583 1.894   . . 134 2547 99.8138495905 . . . 0.258935985967 . 0.240135476228 . . . . . . . . . . 
'X-RAY DIFFRACTION' 1.894  2.0847  . . 135 2569 99.5948434622 . . . 0.234362745781 . 0.193594786829 . . . . . . . . . . 
'X-RAY DIFFRACTION' 2.0847 2.3863  . . 136 2581 99.8897058824 . . . 0.217227368902 . 0.172682410177 . . . . . . . . . . 
'X-RAY DIFFRACTION' 2.3863 3.0064  . . 139 2648 99.7851772288 . . . 0.19646039415  . 0.184619815452 . . . . . . . . . . 
'X-RAY DIFFRACTION' 3.0064 47.1349 . . 150 2835 99.8995983936 . . . 0.167631448375 . 0.156562126785 . . . . . . . . . . 
# 
_struct.entry_id                     6EZI 
_struct.title                        'PDZK1 domain 4 in complex with C-terminal peptide of human PepT2.' 
_struct.pdbx_model_details           ? 
_struct.pdbx_formula_weight          ? 
_struct.pdbx_formula_weight_method   ? 
_struct.pdbx_model_type_details      ? 
_struct.pdbx_CASP_flag               N 
# 
_struct_keywords.entry_id        6EZI 
_struct_keywords.text            
'PDZK1 Human peptide transporter Na(+)-H(+) exchange regulatory cofactor NHE-RF3 Protein complex binding, PROTEIN BINDING' 
_struct_keywords.pdbx_keywords   'PROTEIN BINDING' 
# 
loop_
_struct_asym.id 
_struct_asym.pdbx_blank_PDB_chainid_flag 
_struct_asym.pdbx_modified 
_struct_asym.entity_id 
_struct_asym.details 
A N N 1 ? 
B N N 2 ? 
C N N 3 ? 
D N N 4 ? 
E N N 4 ? 
# 
loop_
_struct_ref.id 
_struct_ref.db_name 
_struct_ref.db_code 
_struct_ref.pdbx_db_accession 
_struct_ref.pdbx_db_isoform 
_struct_ref.entity_id 
_struct_ref.pdbx_seq_one_letter_code 
_struct_ref.pdbx_align_begin 
1 UNP NHRF3_HUMAN Q5T2W1 ? 1 
;HKPKLCRLAKGENGYGFHLNAIRGLPGSFIKEVQKGGPADLAGLEDEDVIIEVNGVNVLDEPYEKVVDRIQSSGKNVTLL
VCGKKAY
;
374 
2 UNP S15A2_HUMAN Q16348 ? 2 IKLETKKTKL                                                                                 720 
# 
loop_
_struct_ref_seq.align_id 
_struct_ref_seq.ref_id 
_struct_ref_seq.pdbx_PDB_id_code 
_struct_ref_seq.pdbx_strand_id 
_struct_ref_seq.seq_align_beg 
_struct_ref_seq.pdbx_seq_align_beg_ins_code 
_struct_ref_seq.seq_align_end 
_struct_ref_seq.pdbx_seq_align_end_ins_code 
_struct_ref_seq.pdbx_db_accession 
_struct_ref_seq.db_align_beg 
_struct_ref_seq.pdbx_db_align_beg_ins_code 
_struct_ref_seq.db_align_end 
_struct_ref_seq.pdbx_db_align_end_ins_code 
_struct_ref_seq.pdbx_auth_seq_align_beg 
_struct_ref_seq.pdbx_auth_seq_align_end 
1 1 6EZI A 3 ? 89 ? Q5T2W1 374 ? 460 ? 374 460 
2 2 6EZI B 1 ? 10 ? Q16348 720 ? 729 ? 720 729 
# 
loop_
_struct_ref_seq_dif.align_id 
_struct_ref_seq_dif.pdbx_pdb_id_code 
_struct_ref_seq_dif.mon_id 
_struct_ref_seq_dif.pdbx_pdb_strand_id 
_struct_ref_seq_dif.seq_num 
_struct_ref_seq_dif.pdbx_pdb_ins_code 
_struct_ref_seq_dif.pdbx_seq_db_name 
_struct_ref_seq_dif.pdbx_seq_db_accession_code 
_struct_ref_seq_dif.db_mon_id 
_struct_ref_seq_dif.pdbx_seq_db_seq_num 
_struct_ref_seq_dif.details 
_struct_ref_seq_dif.pdbx_auth_seq_num 
_struct_ref_seq_dif.pdbx_ordinal 
1 6EZI SER A 1 ? UNP Q5T2W1 ? ? 'expression tag' 372 1 
1 6EZI MET A 2 ? UNP Q5T2W1 ? ? 'expression tag' 373 2 
# 
_pdbx_struct_assembly.id                   1 
_pdbx_struct_assembly.details              author_and_software_defined_assembly 
_pdbx_struct_assembly.method_details       PISA 
_pdbx_struct_assembly.oligomeric_details   dimeric 
_pdbx_struct_assembly.oligomeric_count     2 
# 
loop_
_pdbx_struct_assembly_prop.biol_id 
_pdbx_struct_assembly_prop.type 
_pdbx_struct_assembly_prop.value 
_pdbx_struct_assembly_prop.details 
1 'ABSA (A^2)' 1470 ? 
1 MORE         -5   ? 
1 'SSA (A^2)'  5190 ? 
# 
_pdbx_struct_assembly_gen.assembly_id       1 
_pdbx_struct_assembly_gen.oper_expression   1 
_pdbx_struct_assembly_gen.asym_id_list      A,B,C,D,E 
# 
_pdbx_struct_assembly_auth_evidence.id                     1 
_pdbx_struct_assembly_auth_evidence.assembly_id            1 
_pdbx_struct_assembly_auth_evidence.experimental_support   SAXS 
_pdbx_struct_assembly_auth_evidence.details                ? 
# 
_pdbx_struct_oper_list.id                   1 
_pdbx_struct_oper_list.type                 'identity operation' 
_pdbx_struct_oper_list.name                 1_555 
_pdbx_struct_oper_list.symmetry_operation   x,y,z 
_pdbx_struct_oper_list.matrix[1][1]         1.0000000000 
_pdbx_struct_oper_list.matrix[1][2]         0.0000000000 
_pdbx_struct_oper_list.matrix[1][3]         0.0000000000 
_pdbx_struct_oper_list.vector[1]            0.0000000000 
_pdbx_struct_oper_list.matrix[2][1]         0.0000000000 
_pdbx_struct_oper_list.matrix[2][2]         1.0000000000 
_pdbx_struct_oper_list.matrix[2][3]         0.0000000000 
_pdbx_struct_oper_list.vector[2]            0.0000000000 
_pdbx_struct_oper_list.matrix[3][1]         0.0000000000 
_pdbx_struct_oper_list.matrix[3][2]         0.0000000000 
_pdbx_struct_oper_list.matrix[3][3]         1.0000000000 
_pdbx_struct_oper_list.vector[3]            0.0000000000 
# 
loop_
_struct_conf.conf_type_id 
_struct_conf.id 
_struct_conf.pdbx_PDB_helix_id 
_struct_conf.beg_label_comp_id 
_struct_conf.beg_label_asym_id 
_struct_conf.beg_label_seq_id 
_struct_conf.pdbx_beg_PDB_ins_code 
_struct_conf.end_label_comp_id 
_struct_conf.end_label_asym_id 
_struct_conf.end_label_seq_id 
_struct_conf.pdbx_end_PDB_ins_code 
_struct_conf.beg_auth_comp_id 
_struct_conf.beg_auth_asym_id 
_struct_conf.beg_auth_seq_id 
_struct_conf.end_auth_comp_id 
_struct_conf.end_auth_asym_id 
_struct_conf.end_auth_seq_id 
_struct_conf.pdbx_PDB_helix_class 
_struct_conf.details 
_struct_conf.pdbx_PDB_helix_length 
HELX_P HELX_P1 AA1 GLY A 39 ? GLY A 45 ? GLY A 410 GLY A 416 1 ? 7  
HELX_P HELX_P2 AA2 PRO A 64 ? SER A 74 ? PRO A 435 SER A 445 1 ? 11 
# 
_struct_conf_type.id          HELX_P 
_struct_conf_type.criteria    ? 
_struct_conf_type.reference   ? 
# 
loop_
_struct_sheet.id 
_struct_sheet.type 
_struct_sheet.number_strands 
_struct_sheet.details 
AA1 ? 4 ? 
AA2 ? 3 ? 
# 
loop_
_struct_sheet_order.sheet_id 
_struct_sheet_order.range_id_1 
_struct_sheet_order.range_id_2 
_struct_sheet_order.offset 
_struct_sheet_order.sense 
AA1 1 2 ? anti-parallel 
AA1 2 3 ? anti-parallel 
AA1 3 4 ? anti-parallel 
AA2 1 2 ? anti-parallel 
AA2 2 3 ? anti-parallel 
# 
loop_
_struct_sheet_range.sheet_id 
_struct_sheet_range.id 
_struct_sheet_range.beg_label_comp_id 
_struct_sheet_range.beg_label_asym_id 
_struct_sheet_range.beg_label_seq_id 
_struct_sheet_range.pdbx_beg_PDB_ins_code 
_struct_sheet_range.end_label_comp_id 
_struct_sheet_range.end_label_asym_id 
_struct_sheet_range.end_label_seq_id 
_struct_sheet_range.pdbx_end_PDB_ins_code 
_struct_sheet_range.beg_auth_comp_id 
_struct_sheet_range.beg_auth_asym_id 
_struct_sheet_range.beg_auth_seq_id 
_struct_sheet_range.end_auth_comp_id 
_struct_sheet_range.end_auth_asym_id 
_struct_sheet_range.end_auth_seq_id 
AA1 1 PRO A 5  ? ALA A 11 ? PRO A 376 ALA A 382 
AA1 2 ASN A 78 ? CYS A 84 ? ASN A 449 CYS A 455 
AA1 3 VAL A 51 ? VAL A 55 ? VAL A 422 VAL A 426 
AA1 4 VAL A 58 ? ASN A 59 ? VAL A 429 ASN A 430 
AA2 1 PHE A 31 ? LYS A 33 ? PHE A 402 LYS A 404 
AA2 2 HIS A 20 ? ILE A 24 ? HIS A 391 ILE A 395 
AA2 3 THR B 5  ? LYS B 9  ? THR B 724 LYS B 728 
# 
loop_
_pdbx_struct_sheet_hbond.sheet_id 
_pdbx_struct_sheet_hbond.range_id_1 
_pdbx_struct_sheet_hbond.range_id_2 
_pdbx_struct_sheet_hbond.range_1_label_atom_id 
_pdbx_struct_sheet_hbond.range_1_label_comp_id 
_pdbx_struct_sheet_hbond.range_1_label_asym_id 
_pdbx_struct_sheet_hbond.range_1_label_seq_id 
_pdbx_struct_sheet_hbond.range_1_PDB_ins_code 
_pdbx_struct_sheet_hbond.range_1_auth_atom_id 
_pdbx_struct_sheet_hbond.range_1_auth_comp_id 
_pdbx_struct_sheet_hbond.range_1_auth_asym_id 
_pdbx_struct_sheet_hbond.range_1_auth_seq_id 
_pdbx_struct_sheet_hbond.range_2_label_atom_id 
_pdbx_struct_sheet_hbond.range_2_label_comp_id 
_pdbx_struct_sheet_hbond.range_2_label_asym_id 
_pdbx_struct_sheet_hbond.range_2_label_seq_id 
_pdbx_struct_sheet_hbond.range_2_PDB_ins_code 
_pdbx_struct_sheet_hbond.range_2_auth_atom_id 
_pdbx_struct_sheet_hbond.range_2_auth_comp_id 
_pdbx_struct_sheet_hbond.range_2_auth_asym_id 
_pdbx_struct_sheet_hbond.range_2_auth_seq_id 
AA1 1 2 N CYS A 8  ? N CYS A 379 O LEU A 81 ? O LEU A 452 
AA1 2 3 O LEU A 82 ? O LEU A 453 N ILE A 53 ? N ILE A 424 
AA1 3 4 N VAL A 55 ? N VAL A 426 O VAL A 58 ? O VAL A 429 
AA2 1 2 O PHE A 31 ? O PHE A 402 N ASN A 22 ? N ASN A 393 
AA2 2 3 N ALA A 23 ? N ALA A 394 O LYS B 6  ? O LYS B 725 
# 
_struct_site.id                   AC1 
_struct_site.pdbx_evidence_code   Software 
_struct_site.pdbx_auth_asym_id    A 
_struct_site.pdbx_auth_comp_id    GOL 
_struct_site.pdbx_auth_seq_id     501 
_struct_site.pdbx_auth_ins_code   ? 
_struct_site.pdbx_num_residues    9 
_struct_site.details              'binding site for residue GOL A 501' 
# 
loop_
_struct_site_gen.id 
_struct_site_gen.site_id 
_struct_site_gen.pdbx_num_res 
_struct_site_gen.label_comp_id 
_struct_site_gen.label_asym_id 
_struct_site_gen.label_seq_id 
_struct_site_gen.pdbx_auth_ins_code 
_struct_site_gen.auth_comp_id 
_struct_site_gen.auth_asym_id 
_struct_site_gen.auth_seq_id 
_struct_site_gen.label_atom_id 
_struct_site_gen.label_alt_id 
_struct_site_gen.symmetry 
_struct_site_gen.details 
1 AC1 9 ALA A 23 ? ALA A 394 . ? 1_555 ? 
2 AC1 9 LEU A 27 ? LEU A 398 . ? 1_555 ? 
3 AC1 9 GLY A 29 ? GLY A 400 . ? 1_555 ? 
4 AC1 9 PRO A 64 ? PRO A 435 . ? 1_555 ? 
5 AC1 9 TYR A 65 ? TYR A 436 . ? 1_555 ? 
6 AC1 9 HOH D .  ? HOH A 613 . ? 1_555 ? 
7 AC1 9 HOH D .  ? HOH A 620 . ? 1_555 ? 
8 AC1 9 HOH D .  ? HOH A 629 . ? 1_555 ? 
9 AC1 9 LYS B 6  ? LYS B 725 . ? 1_555 ? 
# 
_pdbx_validate_close_contact.id               1 
_pdbx_validate_close_contact.PDB_model_num    1 
_pdbx_validate_close_contact.auth_atom_id_1   O 
_pdbx_validate_close_contact.auth_asym_id_1   A 
_pdbx_validate_close_contact.auth_comp_id_1   HOH 
_pdbx_validate_close_contact.auth_seq_id_1    626 
_pdbx_validate_close_contact.PDB_ins_code_1   ? 
_pdbx_validate_close_contact.label_alt_id_1   ? 
_pdbx_validate_close_contact.auth_atom_id_2   O 
_pdbx_validate_close_contact.auth_asym_id_2   A 
_pdbx_validate_close_contact.auth_comp_id_2   HOH 
_pdbx_validate_close_contact.auth_seq_id_2    664 
_pdbx_validate_close_contact.PDB_ins_code_2   ? 
_pdbx_validate_close_contact.label_alt_id_2   ? 
_pdbx_validate_close_contact.dist             2.14 
# 
loop_
_pdbx_refine_tls.id 
_pdbx_refine_tls.details 
_pdbx_refine_tls.method 
_pdbx_refine_tls.origin_x 
_pdbx_refine_tls.origin_y 
_pdbx_refine_tls.origin_z 
_pdbx_refine_tls.T[1][1] 
_pdbx_refine_tls.T[2][2] 
_pdbx_refine_tls.T[3][3] 
_pdbx_refine_tls.T[1][2] 
_pdbx_refine_tls.T[1][3] 
_pdbx_refine_tls.T[2][3] 
_pdbx_refine_tls.L[1][1] 
_pdbx_refine_tls.L[2][2] 
_pdbx_refine_tls.L[3][3] 
_pdbx_refine_tls.L[1][2] 
_pdbx_refine_tls.L[1][3] 
_pdbx_refine_tls.L[2][3] 
_pdbx_refine_tls.S[1][1] 
_pdbx_refine_tls.S[1][2] 
_pdbx_refine_tls.S[1][3] 
_pdbx_refine_tls.S[2][1] 
_pdbx_refine_tls.S[2][2] 
_pdbx_refine_tls.S[2][3] 
_pdbx_refine_tls.S[3][1] 
_pdbx_refine_tls.S[3][2] 
_pdbx_refine_tls.S[3][3] 
_pdbx_refine_tls.pdbx_refine_id 
1 ? refined -2.4370775886  -3.0903705354  4.8443954834  0.123974207932 0.240452108753 0.206287449532 0.014494600593  0.041539729164  0.000438385681  9.722000576   6.07541059279 2.49931303708  1.68707590004   1.39597035462   -2.59581762223  -0.247646045303 -0.216847191353 -0.056942876670 -0.514435033299 0.184311601022  0.05993855241   0.184684831012  0.338061926670 -0.003738254379 'X-RAY DIFFRACTION' 
2 ? refined 3.6912242245   -1.9768103477  -0.6979777741 0.190860983181 0.482155097208 0.261199840379 -0.034398145663 0.013506297467  -0.034703267154 3.11073447505 2.06556024623 2.49132088446  -0.437494288012 0.771399991581  -0.363868123465 -0.023904928597 0.50414676491   0.011932723790  -0.291859069860 -0.011614286138 -0.200673221683 0.043516279947  0.93956938591  0.05414983480   'X-RAY DIFFRACTION' 
3 ? refined -4.90839286741 5.8642100921   -4.7409998258 0.290495758483 0.238285440766 0.235012595952 -0.084005546696 -0.019103349034 0.030150414460  6.86567690687 3.48605759682 4.59366328583  2.35090359905   -0.149786968972 -1.32218506122  -0.477343867993 0.362915641492  0.4659053548    -0.297476053481 0.254809690048  -0.098663136281 -0.770816814946 0.270773260846 0.184797371789  'X-RAY DIFFRACTION' 
4 ? refined -4.9584755084  -0.30283638617 2.5258389023  0.076449301935 0.252591059182 0.194652746502 0.009073410772  0.020334107327  -0.026202076101 2.98765590495 7.47279279359 4.06271164637  2.11621717802   2.0766970894    -2.47793674270  0.058137720982  0.076951487303  0.007413473739  -0.128404751355 0.105649127967  -0.087476648406 -0.173801574685 0.349045065994 -0.207954785186 'X-RAY DIFFRACTION' 
5 ? refined 8.7182144212   6.4847554363   -2.0524316768 0.376329897096 0.832442268621 0.508381369343 -0.176387675412 0.045762402674  0.014068981917  0.84592269460 2.85903561873 11.14886631227 -0.40063150806  -2.911610970140 -0.3531166168   -0.038748001960 0.726063676227  0.09975347782   -0.395974947173 0.235381372730  -1.018399214974 -0.26946436335  2.145475124222 -0.267397821816 'X-RAY DIFFRACTION' 
# 
loop_
_pdbx_refine_tls_group.id 
_pdbx_refine_tls_group.refine_tls_id 
_pdbx_refine_tls_group.selection 
_pdbx_refine_tls_group.selection_details 
_pdbx_refine_tls_group.pdbx_refine_id 
_pdbx_refine_tls_group.beg_auth_asym_id 
_pdbx_refine_tls_group.beg_auth_seq_id 
_pdbx_refine_tls_group.beg_label_asym_id 
_pdbx_refine_tls_group.beg_label_seq_id 
_pdbx_refine_tls_group.end_auth_asym_id 
_pdbx_refine_tls_group.end_auth_seq_id 
_pdbx_refine_tls_group.end_label_asym_id 
_pdbx_refine_tls_group.end_label_seq_id 
1 1 ? 
;chain 'A' and (resid  372  through  390 )
;
'X-RAY DIFFRACTION' ? ? ? ? ? ? ? ? 
2 2 ? 
;chain 'A' and (resid  391  through  426 )
;
'X-RAY DIFFRACTION' ? ? ? ? ? ? ? ? 
3 3 ? 
;chain 'A' and (resid  427  through  444 )
;
'X-RAY DIFFRACTION' ? ? ? ? ? ? ? ? 
4 4 ? 
;chain 'A' and (resid  445  through  457 )
;
'X-RAY DIFFRACTION' ? ? ? ? ? ? ? ? 
5 5 ? 
;chain 'B' and (resid  764  through  771 )
;
'X-RAY DIFFRACTION' ? ? ? ? ? ? ? ? 
# 
loop_
_pdbx_unobs_or_zero_occ_residues.id 
_pdbx_unobs_or_zero_occ_residues.PDB_model_num 
_pdbx_unobs_or_zero_occ_residues.polymer_flag 
_pdbx_unobs_or_zero_occ_residues.occupancy_flag 
_pdbx_unobs_or_zero_occ_residues.auth_asym_id 
_pdbx_unobs_or_zero_occ_residues.auth_comp_id 
_pdbx_unobs_or_zero_occ_residues.auth_seq_id 
_pdbx_unobs_or_zero_occ_residues.PDB_ins_code 
_pdbx_unobs_or_zero_occ_residues.label_asym_id 
_pdbx_unobs_or_zero_occ_residues.label_comp_id 
_pdbx_unobs_or_zero_occ_residues.label_seq_id 
1 1 Y 1 A LYS 458 ? A LYS 87 
2 1 Y 1 A ALA 459 ? A ALA 88 
3 1 Y 1 A TYR 460 ? A TYR 89 
4 1 Y 1 B ILE 720 ? B ILE 1  
5 1 Y 1 B LYS 721 ? B LYS 2  
# 
loop_
_chem_comp_atom.comp_id 
_chem_comp_atom.atom_id 
_chem_comp_atom.type_symbol 
_chem_comp_atom.pdbx_aromatic_flag 
_chem_comp_atom.pdbx_stereo_config 
_chem_comp_atom.pdbx_ordinal 
ALA N    N N N 1   
ALA CA   C N S 2   
ALA C    C N N 3   
ALA O    O N N 4   
ALA CB   C N N 5   
ALA OXT  O N N 6   
ALA H    H N N 7   
ALA H2   H N N 8   
ALA HA   H N N 9   
ALA HB1  H N N 10  
ALA HB2  H N N 11  
ALA HB3  H N N 12  
ALA HXT  H N N 13  
ARG N    N N N 14  
ARG CA   C N S 15  
ARG C    C N N 16  
ARG O    O N N 17  
ARG CB   C N N 18  
ARG CG   C N N 19  
ARG CD   C N N 20  
ARG NE   N N N 21  
ARG CZ   C N N 22  
ARG NH1  N N N 23  
ARG NH2  N N N 24  
ARG OXT  O N N 25  
ARG H    H N N 26  
ARG H2   H N N 27  
ARG HA   H N N 28  
ARG HB2  H N N 29  
ARG HB3  H N N 30  
ARG HG2  H N N 31  
ARG HG3  H N N 32  
ARG HD2  H N N 33  
ARG HD3  H N N 34  
ARG HE   H N N 35  
ARG HH11 H N N 36  
ARG HH12 H N N 37  
ARG HH21 H N N 38  
ARG HH22 H N N 39  
ARG HXT  H N N 40  
ASN N    N N N 41  
ASN CA   C N S 42  
ASN C    C N N 43  
ASN O    O N N 44  
ASN CB   C N N 45  
ASN CG   C N N 46  
ASN OD1  O N N 47  
ASN ND2  N N N 48  
ASN OXT  O N N 49  
ASN H    H N N 50  
ASN H2   H N N 51  
ASN HA   H N N 52  
ASN HB2  H N N 53  
ASN HB3  H N N 54  
ASN HD21 H N N 55  
ASN HD22 H N N 56  
ASN HXT  H N N 57  
ASP N    N N N 58  
ASP CA   C N S 59  
ASP C    C N N 60  
ASP O    O N N 61  
ASP CB   C N N 62  
ASP CG   C N N 63  
ASP OD1  O N N 64  
ASP OD2  O N N 65  
ASP OXT  O N N 66  
ASP H    H N N 67  
ASP H2   H N N 68  
ASP HA   H N N 69  
ASP HB2  H N N 70  
ASP HB3  H N N 71  
ASP HD2  H N N 72  
ASP HXT  H N N 73  
CYS N    N N N 74  
CYS CA   C N R 75  
CYS C    C N N 76  
CYS O    O N N 77  
CYS CB   C N N 78  
CYS SG   S N N 79  
CYS OXT  O N N 80  
CYS H    H N N 81  
CYS H2   H N N 82  
CYS HA   H N N 83  
CYS HB2  H N N 84  
CYS HB3  H N N 85  
CYS HG   H N N 86  
CYS HXT  H N N 87  
GLN N    N N N 88  
GLN CA   C N S 89  
GLN C    C N N 90  
GLN O    O N N 91  
GLN CB   C N N 92  
GLN CG   C N N 93  
GLN CD   C N N 94  
GLN OE1  O N N 95  
GLN NE2  N N N 96  
GLN OXT  O N N 97  
GLN H    H N N 98  
GLN H2   H N N 99  
GLN HA   H N N 100 
GLN HB2  H N N 101 
GLN HB3  H N N 102 
GLN HG2  H N N 103 
GLN HG3  H N N 104 
GLN HE21 H N N 105 
GLN HE22 H N N 106 
GLN HXT  H N N 107 
GLU N    N N N 108 
GLU CA   C N S 109 
GLU C    C N N 110 
GLU O    O N N 111 
GLU CB   C N N 112 
GLU CG   C N N 113 
GLU CD   C N N 114 
GLU OE1  O N N 115 
GLU OE2  O N N 116 
GLU OXT  O N N 117 
GLU H    H N N 118 
GLU H2   H N N 119 
GLU HA   H N N 120 
GLU HB2  H N N 121 
GLU HB3  H N N 122 
GLU HG2  H N N 123 
GLU HG3  H N N 124 
GLU HE2  H N N 125 
GLU HXT  H N N 126 
GLY N    N N N 127 
GLY CA   C N N 128 
GLY C    C N N 129 
GLY O    O N N 130 
GLY OXT  O N N 131 
GLY H    H N N 132 
GLY H2   H N N 133 
GLY HA2  H N N 134 
GLY HA3  H N N 135 
GLY HXT  H N N 136 
GOL C1   C N N 137 
GOL O1   O N N 138 
GOL C2   C N N 139 
GOL O2   O N N 140 
GOL C3   C N N 141 
GOL O3   O N N 142 
GOL H11  H N N 143 
GOL H12  H N N 144 
GOL HO1  H N N 145 
GOL H2   H N N 146 
GOL HO2  H N N 147 
GOL H31  H N N 148 
GOL H32  H N N 149 
GOL HO3  H N N 150 
HIS N    N N N 151 
HIS CA   C N S 152 
HIS C    C N N 153 
HIS O    O N N 154 
HIS CB   C N N 155 
HIS CG   C Y N 156 
HIS ND1  N Y N 157 
HIS CD2  C Y N 158 
HIS CE1  C Y N 159 
HIS NE2  N Y N 160 
HIS OXT  O N N 161 
HIS H    H N N 162 
HIS H2   H N N 163 
HIS HA   H N N 164 
HIS HB2  H N N 165 
HIS HB3  H N N 166 
HIS HD1  H N N 167 
HIS HD2  H N N 168 
HIS HE1  H N N 169 
HIS HE2  H N N 170 
HIS HXT  H N N 171 
HOH O    O N N 172 
HOH H1   H N N 173 
HOH H2   H N N 174 
ILE N    N N N 175 
ILE CA   C N S 176 
ILE C    C N N 177 
ILE O    O N N 178 
ILE CB   C N S 179 
ILE CG1  C N N 180 
ILE CG2  C N N 181 
ILE CD1  C N N 182 
ILE OXT  O N N 183 
ILE H    H N N 184 
ILE H2   H N N 185 
ILE HA   H N N 186 
ILE HB   H N N 187 
ILE HG12 H N N 188 
ILE HG13 H N N 189 
ILE HG21 H N N 190 
ILE HG22 H N N 191 
ILE HG23 H N N 192 
ILE HD11 H N N 193 
ILE HD12 H N N 194 
ILE HD13 H N N 195 
ILE HXT  H N N 196 
LEU N    N N N 197 
LEU CA   C N S 198 
LEU C    C N N 199 
LEU O    O N N 200 
LEU CB   C N N 201 
LEU CG   C N N 202 
LEU CD1  C N N 203 
LEU CD2  C N N 204 
LEU OXT  O N N 205 
LEU H    H N N 206 
LEU H2   H N N 207 
LEU HA   H N N 208 
LEU HB2  H N N 209 
LEU HB3  H N N 210 
LEU HG   H N N 211 
LEU HD11 H N N 212 
LEU HD12 H N N 213 
LEU HD13 H N N 214 
LEU HD21 H N N 215 
LEU HD22 H N N 216 
LEU HD23 H N N 217 
LEU HXT  H N N 218 
LYS N    N N N 219 
LYS CA   C N S 220 
LYS C    C N N 221 
LYS O    O N N 222 
LYS CB   C N N 223 
LYS CG   C N N 224 
LYS CD   C N N 225 
LYS CE   C N N 226 
LYS NZ   N N N 227 
LYS OXT  O N N 228 
LYS H    H N N 229 
LYS H2   H N N 230 
LYS HA   H N N 231 
LYS HB2  H N N 232 
LYS HB3  H N N 233 
LYS HG2  H N N 234 
LYS HG3  H N N 235 
LYS HD2  H N N 236 
LYS HD3  H N N 237 
LYS HE2  H N N 238 
LYS HE3  H N N 239 
LYS HZ1  H N N 240 
LYS HZ2  H N N 241 
LYS HZ3  H N N 242 
LYS HXT  H N N 243 
MET N    N N N 244 
MET CA   C N S 245 
MET C    C N N 246 
MET O    O N N 247 
MET CB   C N N 248 
MET CG   C N N 249 
MET SD   S N N 250 
MET CE   C N N 251 
MET OXT  O N N 252 
MET H    H N N 253 
MET H2   H N N 254 
MET HA   H N N 255 
MET HB2  H N N 256 
MET HB3  H N N 257 
MET HG2  H N N 258 
MET HG3  H N N 259 
MET HE1  H N N 260 
MET HE2  H N N 261 
MET HE3  H N N 262 
MET HXT  H N N 263 
PHE N    N N N 264 
PHE CA   C N S 265 
PHE C    C N N 266 
PHE O    O N N 267 
PHE CB   C N N 268 
PHE CG   C Y N 269 
PHE CD1  C Y N 270 
PHE CD2  C Y N 271 
PHE CE1  C Y N 272 
PHE CE2  C Y N 273 
PHE CZ   C Y N 274 
PHE OXT  O N N 275 
PHE H    H N N 276 
PHE H2   H N N 277 
PHE HA   H N N 278 
PHE HB2  H N N 279 
PHE HB3  H N N 280 
PHE HD1  H N N 281 
PHE HD2  H N N 282 
PHE HE1  H N N 283 
PHE HE2  H N N 284 
PHE HZ   H N N 285 
PHE HXT  H N N 286 
PRO N    N N N 287 
PRO CA   C N S 288 
PRO C    C N N 289 
PRO O    O N N 290 
PRO CB   C N N 291 
PRO CG   C N N 292 
PRO CD   C N N 293 
PRO OXT  O N N 294 
PRO H    H N N 295 
PRO HA   H N N 296 
PRO HB2  H N N 297 
PRO HB3  H N N 298 
PRO HG2  H N N 299 
PRO HG3  H N N 300 
PRO HD2  H N N 301 
PRO HD3  H N N 302 
PRO HXT  H N N 303 
SER N    N N N 304 
SER CA   C N S 305 
SER C    C N N 306 
SER O    O N N 307 
SER CB   C N N 308 
SER OG   O N N 309 
SER OXT  O N N 310 
SER H    H N N 311 
SER H2   H N N 312 
SER HA   H N N 313 
SER HB2  H N N 314 
SER HB3  H N N 315 
SER HG   H N N 316 
SER HXT  H N N 317 
THR N    N N N 318 
THR CA   C N S 319 
THR C    C N N 320 
THR O    O N N 321 
THR CB   C N R 322 
THR OG1  O N N 323 
THR CG2  C N N 324 
THR OXT  O N N 325 
THR H    H N N 326 
THR H2   H N N 327 
THR HA   H N N 328 
THR HB   H N N 329 
THR HG1  H N N 330 
THR HG21 H N N 331 
THR HG22 H N N 332 
THR HG23 H N N 333 
THR HXT  H N N 334 
TYR N    N N N 335 
TYR CA   C N S 336 
TYR C    C N N 337 
TYR O    O N N 338 
TYR CB   C N N 339 
TYR CG   C Y N 340 
TYR CD1  C Y N 341 
TYR CD2  C Y N 342 
TYR CE1  C Y N 343 
TYR CE2  C Y N 344 
TYR CZ   C Y N 345 
TYR OH   O N N 346 
TYR OXT  O N N 347 
TYR H    H N N 348 
TYR H2   H N N 349 
TYR HA   H N N 350 
TYR HB2  H N N 351 
TYR HB3  H N N 352 
TYR HD1  H N N 353 
TYR HD2  H N N 354 
TYR HE1  H N N 355 
TYR HE2  H N N 356 
TYR HH   H N N 357 
TYR HXT  H N N 358 
VAL N    N N N 359 
VAL CA   C N S 360 
VAL C    C N N 361 
VAL O    O N N 362 
VAL CB   C N N 363 
VAL CG1  C N N 364 
VAL CG2  C N N 365 
VAL OXT  O N N 366 
VAL H    H N N 367 
VAL H2   H N N 368 
VAL HA   H N N 369 
VAL HB   H N N 370 
VAL HG11 H N N 371 
VAL HG12 H N N 372 
VAL HG13 H N N 373 
VAL HG21 H N N 374 
VAL HG22 H N N 375 
VAL HG23 H N N 376 
VAL HXT  H N N 377 
# 
loop_
_chem_comp_bond.comp_id 
_chem_comp_bond.atom_id_1 
_chem_comp_bond.atom_id_2 
_chem_comp_bond.value_order 
_chem_comp_bond.pdbx_aromatic_flag 
_chem_comp_bond.pdbx_stereo_config 
_chem_comp_bond.pdbx_ordinal 
ALA N   CA   sing N N 1   
ALA N   H    sing N N 2   
ALA N   H2   sing N N 3   
ALA CA  C    sing N N 4   
ALA CA  CB   sing N N 5   
ALA CA  HA   sing N N 6   
ALA C   O    doub N N 7   
ALA C   OXT  sing N N 8   
ALA CB  HB1  sing N N 9   
ALA CB  HB2  sing N N 10  
ALA CB  HB3  sing N N 11  
ALA OXT HXT  sing N N 12  
ARG N   CA   sing N N 13  
ARG N   H    sing N N 14  
ARG N   H2   sing N N 15  
ARG CA  C    sing N N 16  
ARG CA  CB   sing N N 17  
ARG CA  HA   sing N N 18  
ARG C   O    doub N N 19  
ARG C   OXT  sing N N 20  
ARG CB  CG   sing N N 21  
ARG CB  HB2  sing N N 22  
ARG CB  HB3  sing N N 23  
ARG CG  CD   sing N N 24  
ARG CG  HG2  sing N N 25  
ARG CG  HG3  sing N N 26  
ARG CD  NE   sing N N 27  
ARG CD  HD2  sing N N 28  
ARG CD  HD3  sing N N 29  
ARG NE  CZ   sing N N 30  
ARG NE  HE   sing N N 31  
ARG CZ  NH1  sing N N 32  
ARG CZ  NH2  doub N N 33  
ARG NH1 HH11 sing N N 34  
ARG NH1 HH12 sing N N 35  
ARG NH2 HH21 sing N N 36  
ARG NH2 HH22 sing N N 37  
ARG OXT HXT  sing N N 38  
ASN N   CA   sing N N 39  
ASN N   H    sing N N 40  
ASN N   H2   sing N N 41  
ASN CA  C    sing N N 42  
ASN CA  CB   sing N N 43  
ASN CA  HA   sing N N 44  
ASN C   O    doub N N 45  
ASN C   OXT  sing N N 46  
ASN CB  CG   sing N N 47  
ASN CB  HB2  sing N N 48  
ASN CB  HB3  sing N N 49  
ASN CG  OD1  doub N N 50  
ASN CG  ND2  sing N N 51  
ASN ND2 HD21 sing N N 52  
ASN ND2 HD22 sing N N 53  
ASN OXT HXT  sing N N 54  
ASP N   CA   sing N N 55  
ASP N   H    sing N N 56  
ASP N   H2   sing N N 57  
ASP CA  C    sing N N 58  
ASP CA  CB   sing N N 59  
ASP CA  HA   sing N N 60  
ASP C   O    doub N N 61  
ASP C   OXT  sing N N 62  
ASP CB  CG   sing N N 63  
ASP CB  HB2  sing N N 64  
ASP CB  HB3  sing N N 65  
ASP CG  OD1  doub N N 66  
ASP CG  OD2  sing N N 67  
ASP OD2 HD2  sing N N 68  
ASP OXT HXT  sing N N 69  
CYS N   CA   sing N N 70  
CYS N   H    sing N N 71  
CYS N   H2   sing N N 72  
CYS CA  C    sing N N 73  
CYS CA  CB   sing N N 74  
CYS CA  HA   sing N N 75  
CYS C   O    doub N N 76  
CYS C   OXT  sing N N 77  
CYS CB  SG   sing N N 78  
CYS CB  HB2  sing N N 79  
CYS CB  HB3  sing N N 80  
CYS SG  HG   sing N N 81  
CYS OXT HXT  sing N N 82  
GLN N   CA   sing N N 83  
GLN N   H    sing N N 84  
GLN N   H2   sing N N 85  
GLN CA  C    sing N N 86  
GLN CA  CB   sing N N 87  
GLN CA  HA   sing N N 88  
GLN C   O    doub N N 89  
GLN C   OXT  sing N N 90  
GLN CB  CG   sing N N 91  
GLN CB  HB2  sing N N 92  
GLN CB  HB3  sing N N 93  
GLN CG  CD   sing N N 94  
GLN CG  HG2  sing N N 95  
GLN CG  HG3  sing N N 96  
GLN CD  OE1  doub N N 97  
GLN CD  NE2  sing N N 98  
GLN NE2 HE21 sing N N 99  
GLN NE2 HE22 sing N N 100 
GLN OXT HXT  sing N N 101 
GLU N   CA   sing N N 102 
GLU N   H    sing N N 103 
GLU N   H2   sing N N 104 
GLU CA  C    sing N N 105 
GLU CA  CB   sing N N 106 
GLU CA  HA   sing N N 107 
GLU C   O    doub N N 108 
GLU C   OXT  sing N N 109 
GLU CB  CG   sing N N 110 
GLU CB  HB2  sing N N 111 
GLU CB  HB3  sing N N 112 
GLU CG  CD   sing N N 113 
GLU CG  HG2  sing N N 114 
GLU CG  HG3  sing N N 115 
GLU CD  OE1  doub N N 116 
GLU CD  OE2  sing N N 117 
GLU OE2 HE2  sing N N 118 
GLU OXT HXT  sing N N 119 
GLY N   CA   sing N N 120 
GLY N   H    sing N N 121 
GLY N   H2   sing N N 122 
GLY CA  C    sing N N 123 
GLY CA  HA2  sing N N 124 
GLY CA  HA3  sing N N 125 
GLY C   O    doub N N 126 
GLY C   OXT  sing N N 127 
GLY OXT HXT  sing N N 128 
GOL C1  O1   sing N N 129 
GOL C1  C2   sing N N 130 
GOL C1  H11  sing N N 131 
GOL C1  H12  sing N N 132 
GOL O1  HO1  sing N N 133 
GOL C2  O2   sing N N 134 
GOL C2  C3   sing N N 135 
GOL C2  H2   sing N N 136 
GOL O2  HO2  sing N N 137 
GOL C3  O3   sing N N 138 
GOL C3  H31  sing N N 139 
GOL C3  H32  sing N N 140 
GOL O3  HO3  sing N N 141 
HIS N   CA   sing N N 142 
HIS N   H    sing N N 143 
HIS N   H2   sing N N 144 
HIS CA  C    sing N N 145 
HIS CA  CB   sing N N 146 
HIS CA  HA   sing N N 147 
HIS C   O    doub N N 148 
HIS C   OXT  sing N N 149 
HIS CB  CG   sing N N 150 
HIS CB  HB2  sing N N 151 
HIS CB  HB3  sing N N 152 
HIS CG  ND1  sing Y N 153 
HIS CG  CD2  doub Y N 154 
HIS ND1 CE1  doub Y N 155 
HIS ND1 HD1  sing N N 156 
HIS CD2 NE2  sing Y N 157 
HIS CD2 HD2  sing N N 158 
HIS CE1 NE2  sing Y N 159 
HIS CE1 HE1  sing N N 160 
HIS NE2 HE2  sing N N 161 
HIS OXT HXT  sing N N 162 
HOH O   H1   sing N N 163 
HOH O   H2   sing N N 164 
ILE N   CA   sing N N 165 
ILE N   H    sing N N 166 
ILE N   H2   sing N N 167 
ILE CA  C    sing N N 168 
ILE CA  CB   sing N N 169 
ILE CA  HA   sing N N 170 
ILE C   O    doub N N 171 
ILE C   OXT  sing N N 172 
ILE CB  CG1  sing N N 173 
ILE CB  CG2  sing N N 174 
ILE CB  HB   sing N N 175 
ILE CG1 CD1  sing N N 176 
ILE CG1 HG12 sing N N 177 
ILE CG1 HG13 sing N N 178 
ILE CG2 HG21 sing N N 179 
ILE CG2 HG22 sing N N 180 
ILE CG2 HG23 sing N N 181 
ILE CD1 HD11 sing N N 182 
ILE CD1 HD12 sing N N 183 
ILE CD1 HD13 sing N N 184 
ILE OXT HXT  sing N N 185 
LEU N   CA   sing N N 186 
LEU N   H    sing N N 187 
LEU N   H2   sing N N 188 
LEU CA  C    sing N N 189 
LEU CA  CB   sing N N 190 
LEU CA  HA   sing N N 191 
LEU C   O    doub N N 192 
LEU C   OXT  sing N N 193 
LEU CB  CG   sing N N 194 
LEU CB  HB2  sing N N 195 
LEU CB  HB3  sing N N 196 
LEU CG  CD1  sing N N 197 
LEU CG  CD2  sing N N 198 
LEU CG  HG   sing N N 199 
LEU CD1 HD11 sing N N 200 
LEU CD1 HD12 sing N N 201 
LEU CD1 HD13 sing N N 202 
LEU CD2 HD21 sing N N 203 
LEU CD2 HD22 sing N N 204 
LEU CD2 HD23 sing N N 205 
LEU OXT HXT  sing N N 206 
LYS N   CA   sing N N 207 
LYS N   H    sing N N 208 
LYS N   H2   sing N N 209 
LYS CA  C    sing N N 210 
LYS CA  CB   sing N N 211 
LYS CA  HA   sing N N 212 
LYS C   O    doub N N 213 
LYS C   OXT  sing N N 214 
LYS CB  CG   sing N N 215 
LYS CB  HB2  sing N N 216 
LYS CB  HB3  sing N N 217 
LYS CG  CD   sing N N 218 
LYS CG  HG2  sing N N 219 
LYS CG  HG3  sing N N 220 
LYS CD  CE   sing N N 221 
LYS CD  HD2  sing N N 222 
LYS CD  HD3  sing N N 223 
LYS CE  NZ   sing N N 224 
LYS CE  HE2  sing N N 225 
LYS CE  HE3  sing N N 226 
LYS NZ  HZ1  sing N N 227 
LYS NZ  HZ2  sing N N 228 
LYS NZ  HZ3  sing N N 229 
LYS OXT HXT  sing N N 230 
MET N   CA   sing N N 231 
MET N   H    sing N N 232 
MET N   H2   sing N N 233 
MET CA  C    sing N N 234 
MET CA  CB   sing N N 235 
MET CA  HA   sing N N 236 
MET C   O    doub N N 237 
MET C   OXT  sing N N 238 
MET CB  CG   sing N N 239 
MET CB  HB2  sing N N 240 
MET CB  HB3  sing N N 241 
MET CG  SD   sing N N 242 
MET CG  HG2  sing N N 243 
MET CG  HG3  sing N N 244 
MET SD  CE   sing N N 245 
MET CE  HE1  sing N N 246 
MET CE  HE2  sing N N 247 
MET CE  HE3  sing N N 248 
MET OXT HXT  sing N N 249 
PHE N   CA   sing N N 250 
PHE N   H    sing N N 251 
PHE N   H2   sing N N 252 
PHE CA  C    sing N N 253 
PHE CA  CB   sing N N 254 
PHE CA  HA   sing N N 255 
PHE C   O    doub N N 256 
PHE C   OXT  sing N N 257 
PHE CB  CG   sing N N 258 
PHE CB  HB2  sing N N 259 
PHE CB  HB3  sing N N 260 
PHE CG  CD1  doub Y N 261 
PHE CG  CD2  sing Y N 262 
PHE CD1 CE1  sing Y N 263 
PHE CD1 HD1  sing N N 264 
PHE CD2 CE2  doub Y N 265 
PHE CD2 HD2  sing N N 266 
PHE CE1 CZ   doub Y N 267 
PHE CE1 HE1  sing N N 268 
PHE CE2 CZ   sing Y N 269 
PHE CE2 HE2  sing N N 270 
PHE CZ  HZ   sing N N 271 
PHE OXT HXT  sing N N 272 
PRO N   CA   sing N N 273 
PRO N   CD   sing N N 274 
PRO N   H    sing N N 275 
PRO CA  C    sing N N 276 
PRO CA  CB   sing N N 277 
PRO CA  HA   sing N N 278 
PRO C   O    doub N N 279 
PRO C   OXT  sing N N 280 
PRO CB  CG   sing N N 281 
PRO CB  HB2  sing N N 282 
PRO CB  HB3  sing N N 283 
PRO CG  CD   sing N N 284 
PRO CG  HG2  sing N N 285 
PRO CG  HG3  sing N N 286 
PRO CD  HD2  sing N N 287 
PRO CD  HD3  sing N N 288 
PRO OXT HXT  sing N N 289 
SER N   CA   sing N N 290 
SER N   H    sing N N 291 
SER N   H2   sing N N 292 
SER CA  C    sing N N 293 
SER CA  CB   sing N N 294 
SER CA  HA   sing N N 295 
SER C   O    doub N N 296 
SER C   OXT  sing N N 297 
SER CB  OG   sing N N 298 
SER CB  HB2  sing N N 299 
SER CB  HB3  sing N N 300 
SER OG  HG   sing N N 301 
SER OXT HXT  sing N N 302 
THR N   CA   sing N N 303 
THR N   H    sing N N 304 
THR N   H2   sing N N 305 
THR CA  C    sing N N 306 
THR CA  CB   sing N N 307 
THR CA  HA   sing N N 308 
THR C   O    doub N N 309 
THR C   OXT  sing N N 310 
THR CB  OG1  sing N N 311 
THR CB  CG2  sing N N 312 
THR CB  HB   sing N N 313 
THR OG1 HG1  sing N N 314 
THR CG2 HG21 sing N N 315 
THR CG2 HG22 sing N N 316 
THR CG2 HG23 sing N N 317 
THR OXT HXT  sing N N 318 
TYR N   CA   sing N N 319 
TYR N   H    sing N N 320 
TYR N   H2   sing N N 321 
TYR CA  C    sing N N 322 
TYR CA  CB   sing N N 323 
TYR CA  HA   sing N N 324 
TYR C   O    doub N N 325 
TYR C   OXT  sing N N 326 
TYR CB  CG   sing N N 327 
TYR CB  HB2  sing N N 328 
TYR CB  HB3  sing N N 329 
TYR CG  CD1  doub Y N 330 
TYR CG  CD2  sing Y N 331 
TYR CD1 CE1  sing Y N 332 
TYR CD1 HD1  sing N N 333 
TYR CD2 CE2  doub Y N 334 
TYR CD2 HD2  sing N N 335 
TYR CE1 CZ   doub Y N 336 
TYR CE1 HE1  sing N N 337 
TYR CE2 CZ   sing Y N 338 
TYR CE2 HE2  sing N N 339 
TYR CZ  OH   sing N N 340 
TYR OH  HH   sing N N 341 
TYR OXT HXT  sing N N 342 
VAL N   CA   sing N N 343 
VAL N   H    sing N N 344 
VAL N   H2   sing N N 345 
VAL CA  C    sing N N 346 
VAL CA  CB   sing N N 347 
VAL CA  HA   sing N N 348 
VAL C   O    doub N N 349 
VAL C   OXT  sing N N 350 
VAL CB  CG1  sing N N 351 
VAL CB  CG2  sing N N 352 
VAL CB  HB   sing N N 353 
VAL CG1 HG11 sing N N 354 
VAL CG1 HG12 sing N N 355 
VAL CG1 HG13 sing N N 356 
VAL CG2 HG21 sing N N 357 
VAL CG2 HG22 sing N N 358 
VAL CG2 HG23 sing N N 359 
VAL OXT HXT  sing N N 360 
# 
_pdbx_initial_refinement_model.id               1 
_pdbx_initial_refinement_model.entity_id_list   ? 
_pdbx_initial_refinement_model.type             'experimental model' 
_pdbx_initial_refinement_model.source_name      PDB 
_pdbx_initial_refinement_model.accession_code   4R2Z 
_pdbx_initial_refinement_model.details          ? 
# 
_atom_sites.entry_id                    6EZI 
_atom_sites.fract_transf_matrix[1][1]   0.01527188 
_atom_sites.fract_transf_matrix[1][2]   -0.01470320 
_atom_sites.fract_transf_matrix[1][3]   -0.00105792 
_atom_sites.fract_transf_matrix[2][1]   0.01866187 
_atom_sites.fract_transf_matrix[2][2]   0.00470647 
_atom_sites.fract_transf_matrix[2][3]   -0.00895136 
_atom_sites.fract_transf_matrix[3][1]   0.00232208 
_atom_sites.fract_transf_matrix[3][2]   0.00198834 
_atom_sites.fract_transf_matrix[3][3]   0.00588652 
_atom_sites.fract_transf_vector[1]      0.411897 
_atom_sites.fract_transf_vector[2]      0.261650 
_atom_sites.fract_transf_vector[3]      0.515334 
# 
loop_
_atom_type.symbol 
C 
N 
O 
S 
# 
loop_
_atom_site.group_PDB 
_atom_site.id 
_atom_site.type_symbol 
_atom_site.label_atom_id 
_atom_site.label_alt_id 
_atom_site.label_comp_id 
_atom_site.label_asym_id 
_atom_site.label_entity_id 
_atom_site.label_seq_id 
_atom_site.pdbx_PDB_ins_code 
_atom_site.Cartn_x 
_atom_site.Cartn_y 
_atom_site.Cartn_z 
_atom_site.occupancy 
_atom_site.B_iso_or_equiv 
_atom_site.pdbx_formal_charge 
_atom_site.auth_seq_id 
_atom_site.auth_comp_id 
_atom_site.auth_asym_id 
_atom_site.auth_atom_id 
_atom_site.pdbx_PDB_model_num 
ATOM   1   N N   . SER A 1 1  ? -0.65181  -10.80754 -8.22965  0.867 80.74409  ? 372 SER A N   1 
ATOM   2   C CA  . SER A 1 1  ? -1.51547  -11.46650 -9.18869  0.867 83.29729  ? 372 SER A CA  1 
ATOM   3   C C   . SER A 1 1  ? -2.96723  -11.50744 -8.72501  0.867 87.66188  ? 372 SER A C   1 
ATOM   4   O O   . SER A 1 1  ? -3.27138  -11.95949 -7.62864  0.867 79.81436  ? 372 SER A O   1 
ATOM   5   C CB  . SER A 1 1  ? -1.00627  -12.86951 -9.48131  0.867 78.14581  ? 372 SER A CB  1 
ATOM   6   O OG  . SER A 1 1  ? -2.06604  -13.67291 -9.92208  0.867 77.85244  ? 372 SER A OG  1 
ATOM   7   N N   . MET A 1 2  ? -3.87770  -11.05927 -9.57418  0.731 92.79761  ? 373 MET A N   1 
ATOM   8   C CA  . MET A 1 2  ? -5.27294  -11.07478 -9.15716  0.731 86.82500  ? 373 MET A CA  1 
ATOM   9   C C   . MET A 1 2  ? -5.91658  -12.44129 -8.93635  0.731 87.74567  ? 373 MET A C   1 
ATOM   10  O O   . MET A 1 2  ? -7.06685  -12.52021 -8.57313  0.731 84.73436  ? 373 MET A O   1 
ATOM   11  C CB  . MET A 1 2  ? -6.13040  -10.31185 -10.13581 0.731 85.17547  ? 373 MET A CB  1 
ATOM   12  C CG  . MET A 1 2  ? -6.88870  -9.19319  -9.49001  0.731 79.18758  ? 373 MET A CG  1 
ATOM   13  S SD  . MET A 1 2  ? -6.04510  -7.70402  -9.97874  0.731 84.15979  ? 373 MET A SD  1 
ATOM   14  C CE  . MET A 1 2  ? -7.37398  -6.76235  -10.68194 0.731 77.38181  ? 373 MET A CE  1 
ATOM   15  N N   . HIS A 1 3  ? -5.18744  -13.50754 -9.18383  0.941 90.16138  ? 374 HIS A N   1 
ATOM   16  C CA  . HIS A 1 3  ? -5.72868  -14.83097 -9.00670  0.941 87.91714  ? 374 HIS A CA  1 
ATOM   17  C C   . HIS A 1 3  ? -5.65964  -15.23922 -7.53372  0.941 93.02299  ? 374 HIS A C   1 
ATOM   18  O O   . HIS A 1 3  ? -6.26798  -16.21489 -7.12870  0.941 103.47505 ? 374 HIS A O   1 
ATOM   19  C CB  . HIS A 1 3  ? -4.98456  -15.82515 -9.89405  0.941 81.26397  ? 374 HIS A CB  1 
ATOM   20  N N   . LYS A 1 4  ? -4.90311  -14.47843 -6.75161  0.926 79.44557  ? 375 LYS A N   1 
ATOM   21  C CA  . LYS A 1 4  ? -4.71990  -14.70122 -5.33673  0.926 69.34488  ? 375 LYS A CA  1 
ATOM   22  C C   . LYS A 1 4  ? -4.62461  -13.36299 -4.62178  0.926 55.37753  ? 375 LYS A C   1 
ATOM   23  O O   . LYS A 1 4  ? -3.57004  -12.97695 -4.20025  0.926 58.89794  ? 375 LYS A O   1 
ATOM   24  C CB  . LYS A 1 4  ? -3.43015  -15.47732 -5.09995  0.926 69.30059  ? 375 LYS A CB  1 
ATOM   25  N N   . PRO A 1 5  ? -5.73300  -12.65772 -4.48926  1.000 51.54067  ? 376 PRO A N   1 
ATOM   26  C CA  . PRO A 1 5  ? -5.62135  -11.36819 -3.80376  1.000 40.65715  ? 376 PRO A CA  1 
ATOM   27  C C   . PRO A 1 5  ? -5.60595  -11.53514 -2.31337  1.000 33.90171  ? 376 PRO A C   1 
ATOM   28  O O   . PRO A 1 5  ? -5.96027  -12.54939 -1.81637  1.000 43.34262  ? 376 PRO A O   1 
ATOM   29  C CB  . PRO A 1 5  ? -6.85339  -10.63031 -4.25096  1.000 45.93761  ? 376 PRO A CB  1 
ATOM   30  C CG  . PRO A 1 5  ? -7.81497  -11.69750 -4.55460  1.000 52.70841  ? 376 PRO A CG  1 
ATOM   31  C CD  . PRO A 1 5  ? -7.03573  -12.83127 -5.10779  1.000 54.57380  ? 376 PRO A CD  1 
ATOM   32  N N   . LYS A 1 6  ? -5.19833  -10.50209 -1.61517  1.000 29.95753  ? 377 LYS A N   1 
ATOM   33  C CA  . LYS A 1 6  ? -5.07535  -10.53188 -0.16510  1.000 27.48019  ? 377 LYS A CA  1 
ATOM   34  C C   . LYS A 1 6  ? -5.73513  -9.27785  0.38260   1.000 24.33078  ? 377 LYS A C   1 
ATOM   35  O O   . LYS A 1 6  ? -5.51404  -8.18278  -0.14099  1.000 25.76651  ? 377 LYS A O   1 
ATOM   36  C CB  . LYS A 1 6  ? -3.59584  -10.59776 0.23131   1.000 33.12489  ? 377 LYS A CB  1 
ATOM   37  C CG  . LYS A 1 6  ? -3.30157  -10.63729 1.70612   1.000 44.81672  ? 377 LYS A CG  1 
ATOM   38  C CD  . LYS A 1 6  ? -1.82044  -10.97384 1.93753   1.000 48.06971  ? 377 LYS A CD  1 
ATOM   39  C CE  . LYS A 1 6  ? -0.89994  -10.06474 1.13100   1.000 40.48577  ? 377 LYS A CE  1 
ATOM   40  N NZ  . LYS A 1 6  ? 0.56521   -10.32835 1.35085   1.000 35.46772  ? 377 LYS A NZ  1 
ATOM   41  N N   A LEU A 1 7  ? -6.51126  -9.41794  1.46287   0.621 22.70590  ? 378 LEU A N   1 
ATOM   42  N N   B LEU A 1 7  ? -6.58379  -9.44728  1.38871   0.379 22.88224  ? 378 LEU A N   1 
ATOM   43  C CA  A LEU A 1 7  ? -7.10011  -8.27743  2.16517   0.621 20.39778  ? 378 LEU A CA  1 
ATOM   44  C CA  B LEU A 1 7  ? -7.32240  -8.34225  1.98065   0.379 22.93963  ? 378 LEU A CA  1 
ATOM   45  C C   A LEU A 1 7  ? -6.32322  -8.02401  3.45093   0.621 18.81920  ? 378 LEU A C   1 
ATOM   46  C C   B LEU A 1 7  ? -6.82747  -8.16903  3.40472   0.379 19.09432  ? 378 LEU A C   1 
ATOM   47  O O   A LEU A 1 7  ? -6.07650  -8.95782  4.21891   0.621 19.42167  ? 378 LEU A O   1 
ATOM   48  O O   B LEU A 1 7  ? -6.86125  -9.11580  4.19759   0.379 20.31079  ? 378 LEU A O   1 
ATOM   49  C CB  A LEU A 1 7  ? -8.57628  -8.52377  2.49602   0.621 22.34367  ? 378 LEU A CB  1 
ATOM   50  C CB  B LEU A 1 7  ? -8.82663  -8.60860  1.94847   0.379 27.08277  ? 378 LEU A CB  1 
ATOM   51  C CG  A LEU A 1 7  ? -9.62806  -8.40335  1.38624   0.621 22.31794  ? 378 LEU A CG  1 
ATOM   52  C CG  B LEU A 1 7  ? -9.73593  -7.42926  2.28291   0.379 23.93532  ? 378 LEU A CG  1 
ATOM   53  C CD1 A LEU A 1 7  ? -10.92712 -9.07951  1.80818   0.621 23.45262  ? 378 LEU A CD1 1 
ATOM   54  C CD1 B LEU A 1 7  ? -9.42201  -6.23714  1.39921   0.379 23.59463  ? 378 LEU A CD1 1 
ATOM   55  C CD2 A LEU A 1 7  ? -9.88892  -6.94863  1.06424   0.621 23.03126  ? 378 LEU A CD2 1 
ATOM   56  C CD2 B LEU A 1 7  ? -11.19180 -7.85003  2.13282   0.379 21.88014  ? 378 LEU A CD2 1 
ATOM   57  N N   A CYS A 1 8  ? -5.94010  -6.77019  3.68533   0.621 21.26360  ? 379 CYS A N   1 
ATOM   58  N N   B CYS A 1 8  ? -6.34860  -6.97642  3.72119   0.379 17.55431  ? 379 CYS A N   1 
ATOM   59  C CA  A CYS A 1 8  ? -5.15871  -6.44050  4.87595   0.621 18.59029  ? 379 CYS A CA  1 
ATOM   60  C CA  B CYS A 1 8  ? -5.77868  -6.75250  5.03659   0.379 20.65666  ? 379 CYS A CA  1 
ATOM   61  C C   A CYS A 1 8  ? -5.67603  -5.14902  5.48663   0.621 22.77688  ? 379 CYS A C   1 
ATOM   62  C C   B CYS A 1 8  ? -6.15940  -5.36773  5.52582   0.379 20.52038  ? 379 CYS A C   1 
ATOM   63  O O   A CYS A 1 8  ? -5.86842  -4.16116  4.77024   0.621 20.02693  ? 379 CYS A O   1 
ATOM   64  O O   B CYS A 1 8  ? -6.66240  -4.52087  4.78014   0.379 15.53876  ? 379 CYS A O   1 
ATOM   65  C CB  A CYS A 1 8  ? -3.66620  -6.30376  4.54524   0.621 19.42271  ? 379 CYS A CB  1 
ATOM   66  C CB  B CYS A 1 8  ? -4.26010  -6.93473  5.02645   0.379 21.62152  ? 379 CYS A CB  1 
ATOM   67  S SG  A CYS A 1 8  ? -2.90844  -7.73095  3.70526   0.621 20.18428  ? 379 CYS A SG  1 
ATOM   68  S SG  B CYS A 1 8  ? -3.38716  -5.86273  3.88393   0.379 31.60948  ? 379 CYS A SG  1 
ATOM   69  N N   . ARG A 1 9  ? -5.89465  -5.14923  6.80681   1.000 17.96204  ? 380 ARG A N   1 
ATOM   70  C CA  . ARG A 1 9  ? -6.36481  -3.96455  7.50708   1.000 15.56085  ? 380 ARG A CA  1 
ATOM   71  C C   . ARG A 1 9  ? -5.24507  -3.55737  8.44790   1.000 20.59462  ? 380 ARG A C   1 
ATOM   72  O O   . ARG A 1 9  ? -4.80868  -4.35777  9.28305   1.000 20.63669  ? 380 ARG A O   1 
ATOM   73  C CB  . ARG A 1 9  ? -7.64811  -4.23066  8.26996   1.000 19.46764  ? 380 ARG A CB  1 
ATOM   74  C CG  . ARG A 1 9  ? -8.16931  -3.00410  9.00440   1.000 18.66295  ? 380 ARG A CG  1 
ATOM   75  C CD  . ARG A 1 9  ? -9.37548  -3.35118  9.84759   1.000 21.43957  ? 380 ARG A CD  1 
ATOM   76  N NE  . ARG A 1 9  ? -9.91803  -2.16402  10.49783  1.000 21.22032  ? 380 ARG A NE  1 
ATOM   77  C CZ  . ARG A 1 9  ? -9.42024  -1.61452  11.61114  1.000 23.62675  ? 380 ARG A CZ  1 
ATOM   78  N NH1 . ARG A 1 9  ? -8.34403  -2.12467  12.20177  1.000 22.15992  ? 380 ARG A NH1 1 
ATOM   79  N NH2 . ARG A 1 9  ? -9.99346  -0.53469  12.11254  1.000 24.31610  ? 380 ARG A NH2 1 
ATOM   80  N N   . LEU A 1 10 ? -4.76700  -2.33686  8.28651   1.000 17.76407  ? 381 LEU A N   1 
ATOM   81  C CA  . LEU A 1 10 ? -3.62496  -1.84088  9.04544   1.000 17.70883  ? 381 LEU A CA  1 
ATOM   82  C C   . LEU A 1 10 ? -4.10148  -0.85846  10.10275  1.000 19.79391  ? 381 LEU A C   1 
ATOM   83  O O   . LEU A 1 10 ? -4.96179  -0.01527  9.83617   1.000 20.16298  ? 381 LEU A O   1 
ATOM   84  C CB  . LEU A 1 10 ? -2.60771  -1.14936  8.14127   1.000 20.24687  ? 381 LEU A CB  1 
ATOM   85  C CG  . LEU A 1 10 ? -1.75612  -1.96833  7.16700   1.000 19.76804  ? 381 LEU A CG  1 
ATOM   86  C CD1 . LEU A 1 10 ? -2.59099  -2.54439  5.99619   1.000 18.35931  ? 381 LEU A CD1 1 
ATOM   87  C CD2 . LEU A 1 10 ? -0.63354  -1.09774  6.64533   1.000 23.11457  ? 381 LEU A CD2 1 
ATOM   88  N N   . ALA A 1 11 ? -3.55618  -0.98352  11.31136  1.000 20.63487  ? 382 ALA A N   1 
ATOM   89  C CA  . ALA A 1 11 ? -3.81637  -0.04040  12.39352  1.000 23.22388  ? 382 ALA A CA  1 
ATOM   90  C C   . ALA A 1 11 ? -2.61404  0.88663   12.48276  1.000 25.05604  ? 382 ALA A C   1 
ATOM   91  O O   . ALA A 1 11 ? -1.49049  0.41728   12.68374  1.000 28.93267  ? 382 ALA A O   1 
ATOM   92  C CB  . ALA A 1 11 ? -4.02961  -0.77191  13.71745  1.000 24.85056  ? 382 ALA A CB  1 
ATOM   93  N N   A LYS A 1 12 ? -2.84194  2.19070   12.33049  0.401 25.51464  ? 383 LYS A N   1 
ATOM   94  N N   B LYS A 1 12 ? -2.84100  2.19214   12.35217  0.599 24.54388  ? 383 LYS A N   1 
ATOM   95  C CA  A LYS A 1 12 ? -1.73064  3.13232   12.28507  0.401 29.35402  ? 383 LYS A CA  1 
ATOM   96  C CA  B LYS A 1 12 ? -1.71688  3.11445   12.26878  0.599 29.69156  ? 383 LYS A CA  1 
ATOM   97  C C   A LYS A 1 12 ? -0.99297  3.16594   13.61773  0.401 30.39351  ? 383 LYS A C   1 
ATOM   98  C C   B LYS A 1 12 ? -0.99413  3.21292   13.60682  0.599 27.12471  ? 383 LYS A C   1 
ATOM   99  O O   A LYS A 1 12 ? -1.60799  3.15331   14.68830  0.401 31.92779  ? 383 LYS A O   1 
ATOM   100 O O   B LYS A 1 12 ? -1.62056  3.28963   14.66975  0.599 32.27438  ? 383 LYS A O   1 
ATOM   101 C CB  A LYS A 1 12 ? -2.22337  4.53381   11.92830  0.401 32.31284  ? 383 LYS A CB  1 
ATOM   102 C CB  B LYS A 1 12 ? -2.18407  4.49616   11.81734  0.599 32.82635  ? 383 LYS A CB  1 
ATOM   103 C CG  A LYS A 1 12 ? -1.10716  5.57395   11.89273  0.401 35.66166  ? 383 LYS A CG  1 
ATOM   104 C CG  B LYS A 1 12 ? -1.04866  5.34410   11.26783  0.599 33.49284  ? 383 LYS A CG  1 
ATOM   105 C CD  A LYS A 1 12 ? -1.62625  6.95101   11.52982  0.401 41.26208  ? 383 LYS A CD  1 
ATOM   106 C CD  B LYS A 1 12 ? -1.54847  6.47983   10.39852  0.599 39.39288  ? 383 LYS A CD  1 
ATOM   107 C CE  A LYS A 1 12 ? -2.00181  7.02706   10.06122  0.401 44.83478  ? 383 LYS A CE  1 
ATOM   108 C CE  B LYS A 1 12 ? -2.17198  7.58479   11.22565  0.599 47.37369  ? 383 LYS A CE  1 
ATOM   109 N NZ  A LYS A 1 12 ? -2.50532  8.38016   9.69687   0.401 50.34874  ? 383 LYS A NZ  1 
ATOM   110 N NZ  B LYS A 1 12 ? -2.66046  8.68593   10.35228  0.599 52.20607  ? 383 LYS A NZ  1 
ATOM   111 N N   . GLY A 1 13 ? 0.33898   3.20727   13.54710  1.000 32.82119  ? 384 GLY A N   1 
ATOM   112 C CA  . GLY A 1 13 ? 1.17893   3.28208   14.71394  1.000 32.88402  ? 384 GLY A CA  1 
ATOM   113 C C   . GLY A 1 13 ? 1.84946   4.63673   14.88205  1.000 34.50334  ? 384 GLY A C   1 
ATOM   114 O O   . GLY A 1 13 ? 1.54550   5.61384   14.19300  1.000 40.19043  ? 384 GLY A O   1 
ATOM   115 N N   . GLU A 1 14 ? 2.78697   4.68219   15.82425  0.954 36.80283  ? 385 GLU A N   1 
ATOM   116 C CA  . GLU A 1 14 ? 3.48773   5.93272   16.09785  0.954 42.39116  ? 385 GLU A CA  1 
ATOM   117 C C   . GLU A 1 14 ? 4.39353   6.35752   14.94914  0.954 44.41677  ? 385 GLU A C   1 
ATOM   118 O O   . GLU A 1 14 ? 4.70589   7.54610   14.83573  0.954 47.50570  ? 385 GLU A O   1 
ATOM   119 C CB  . GLU A 1 14 ? 4.28923   5.81838   17.39333  0.954 50.48154  ? 385 GLU A CB  1 
ATOM   120 C CG  . GLU A 1 14 ? 3.44172   6.01915   18.63679  0.954 62.99601  ? 385 GLU A CG  1 
ATOM   121 N N   . ASN A 1 15 ? 4.81508   5.42348   14.09435  1.000 37.43715  ? 386 ASN A N   1 
ATOM   122 C CA  . ASN A 1 15 ? 5.59714   5.73219   12.90408  1.000 36.57027  ? 386 ASN A CA  1 
ATOM   123 C C   . ASN A 1 15 ? 4.76917   5.55427   11.63212  1.000 32.39118  ? 386 ASN A C   1 
ATOM   124 O O   . ASN A 1 15 ? 5.29888   5.18059   10.58371  1.000 40.09840  ? 386 ASN A O   1 
ATOM   125 C CB  . ASN A 1 15 ? 6.85435   4.86228   12.85297  1.000 37.84818  ? 386 ASN A CB  1 
ATOM   126 C CG  . ASN A 1 15 ? 7.88349   5.35832   11.83999  1.000 47.12783  ? 386 ASN A CG  1 
ATOM   127 O OD1 . ASN A 1 15 ? 8.49821   4.56366   11.12448  1.000 51.43950  ? 386 ASN A OD1 1 
ATOM   128 N ND2 . ASN A 1 15 ? 8.06626   6.67239   11.77137  1.000 48.57005  ? 386 ASN A ND2 1 
ATOM   129 N N   . GLY A 1 16 ? 3.46556   5.79805   11.71020  1.000 29.77413  ? 387 GLY A N   1 
ATOM   130 C CA  . GLY A 1 16 ? 2.61091   5.59360   10.55125  1.000 26.49433  ? 387 GLY A CA  1 
ATOM   131 C C   . GLY A 1 16 ? 2.29892   4.12016   10.34494  1.000 27.30344  ? 387 GLY A C   1 
ATOM   132 O O   . GLY A 1 16 ? 2.22301   3.34289   11.29324  1.000 27.44861  ? 387 GLY A O   1 
ATOM   133 N N   . TYR A 1 17 ? 2.13853   3.73010   9.07511   1.000 25.29900  ? 388 TYR A N   1 
ATOM   134 C CA  . TYR A 1 17 ? 1.80650   2.34853   8.75440   1.000 22.79474  ? 388 TYR A CA  1 
ATOM   135 C C   . TYR A 1 17 ? 3.02082   1.44348   8.60250   1.000 24.62680  ? 388 TYR A C   1 
ATOM   136 O O   . TYR A 1 17 ? 2.84763   0.23066   8.43370   1.000 25.96699  ? 388 TYR A O   1 
ATOM   137 C CB  . TYR A 1 17 ? 0.97450   2.31023   7.47631   1.000 20.02126  ? 388 TYR A CB  1 
ATOM   138 C CG  . TYR A 1 17 ? -0.39472  2.86920   7.69241   1.000 20.78294  ? 388 TYR A CG  1 
ATOM   139 C CD1 . TYR A 1 17 ? -0.81226  4.02364   7.04237   1.000 23.50024  ? 388 TYR A CD1 1 
ATOM   140 C CD2 . TYR A 1 17 ? -1.27888  2.24594   8.56609   1.000 22.74617  ? 388 TYR A CD2 1 
ATOM   141 C CE1 . TYR A 1 17 ? -2.08334  4.52951   7.24782   1.000 21.26816  ? 388 TYR A CE1 1 
ATOM   142 C CE2 . TYR A 1 17 ? -2.55093  2.74563   8.76388   1.000 21.79365  ? 388 TYR A CE2 1 
ATOM   143 C CZ  . TYR A 1 17 ? -2.93400  3.88475   8.10654   1.000 23.81934  ? 388 TYR A CZ  1 
ATOM   144 O OH  . TYR A 1 17 ? -4.17726  4.39302   8.30247   1.000 22.41443  ? 388 TYR A OH  1 
ATOM   145 N N   . GLY A 1 18 ? 4.23240   1.98304   8.65671   1.000 23.64169  ? 389 GLY A N   1 
ATOM   146 C CA  . GLY A 1 18 ? 5.40624   1.13199   8.64564   1.000 22.10825  ? 389 GLY A CA  1 
ATOM   147 C C   . GLY A 1 18 ? 5.71770   0.49741   7.30382   1.000 24.57741  ? 389 GLY A C   1 
ATOM   148 O O   . GLY A 1 18 ? 6.15354   -0.66092  7.25723   1.000 24.29744  ? 389 GLY A O   1 
ATOM   149 N N   . PHE A 1 19 ? 5.51056   1.21991   6.20849   1.000 23.77045  ? 390 PHE A N   1 
ATOM   150 C CA  . PHE A 1 19 ? 5.96669   0.73069   4.91037   1.000 26.63802  ? 390 PHE A CA  1 
ATOM   151 C C   . PHE A 1 19 ? 6.20012   1.91909   3.99206   1.000 27.34279  ? 390 PHE A C   1 
ATOM   152 O O   . PHE A 1 19 ? 5.78868   3.04064   4.28597   1.000 27.77149  ? 390 PHE A O   1 
ATOM   153 C CB  . PHE A 1 19 ? 4.97080   -0.26901  4.29323   1.000 26.24901  ? 390 PHE A CB  1 
ATOM   154 C CG  . PHE A 1 19 ? 3.67458   0.34306   3.81919   1.000 21.22441  ? 390 PHE A CG  1 
ATOM   155 C CD1 . PHE A 1 19 ? 2.62129   0.55421   4.70310   1.000 22.66548  ? 390 PHE A CD1 1 
ATOM   156 C CD2 . PHE A 1 19 ? 3.48192   0.65029   2.47642   1.000 22.85766  ? 390 PHE A CD2 1 
ATOM   157 C CE1 . PHE A 1 19 ? 1.41464   1.09245   4.27500   1.000 28.95801  ? 390 PHE A CE1 1 
ATOM   158 C CE2 . PHE A 1 19 ? 2.26045   1.19319   2.04358   1.000 19.68641  ? 390 PHE A CE2 1 
ATOM   159 C CZ  . PHE A 1 19 ? 1.23718   1.40781   2.93026   1.000 27.02972  ? 390 PHE A CZ  1 
ATOM   160 N N   . HIS A 1 20 ? 6.88751   1.66601   2.87339   1.000 30.35726  ? 391 HIS A N   1 
ATOM   161 C CA  . HIS A 1 20 ? 7.01136   2.64299   1.80042   1.000 27.79719  ? 391 HIS A CA  1 
ATOM   162 C C   . HIS A 1 20 ? 6.11361   2.23921   0.64129   1.000 30.71521  ? 391 HIS A C   1 
ATOM   163 O O   . HIS A 1 20 ? 5.99780   1.05154   0.32078   1.000 31.56295  ? 391 HIS A O   1 
ATOM   164 C CB  . HIS A 1 20 ? 8.44480   2.75775   1.28521   1.000 30.07115  ? 391 HIS A CB  1 
ATOM   165 C CG  . HIS A 1 20 ? 9.30933   3.68624   2.08189   1.000 33.72639  ? 391 HIS A CG  1 
ATOM   166 N ND1 . HIS A 1 20 ? 9.54542   3.51125   3.42821   1.000 35.88281  ? 391 HIS A ND1 1 
ATOM   167 C CD2 . HIS A 1 20 ? 10.00496  4.78869   1.71680   1.000 37.18555  ? 391 HIS A CD2 1 
ATOM   168 C CE1 . HIS A 1 20 ? 10.35349  4.46548   3.85986   1.000 41.60564  ? 391 HIS A CE1 1 
ATOM   169 N NE2 . HIS A 1 20 ? 10.64422  5.25632   2.84252   1.000 38.91044  ? 391 HIS A NE2 1 
ATOM   170 N N   . LEU A 1 21 ? 5.46644   3.22337   0.03004   1.000 27.18651  ? 392 LEU A N   1 
ATOM   171 C CA  . LEU A 1 21 ? 4.77096   3.01225   -1.23451  1.000 27.16811  ? 392 LEU A CA  1 
ATOM   172 C C   . LEU A 1 21 ? 5.67357   3.50579   -2.34660  1.000 32.37603  ? 392 LEU A C   1 
ATOM   173 O O   . LEU A 1 21 ? 6.14433   4.64461   -2.30060  1.000 35.35745  ? 392 LEU A O   1 
ATOM   174 C CB  . LEU A 1 21 ? 3.43212   3.74964   -1.28335  1.000 27.59622  ? 392 LEU A CB  1 
ATOM   175 C CG  . LEU A 1 21 ? 2.54616   3.31209   -2.45938  1.000 28.86606  ? 392 LEU A CG  1 
ATOM   176 C CD1 . LEU A 1 21 ? 2.05871   1.89796   -2.23678  1.000 27.52648  ? 392 LEU A CD1 1 
ATOM   177 C CD2 . LEU A 1 21 ? 1.37835   4.24625   -2.64103  1.000 28.24094  ? 392 LEU A CD2 1 
ATOM   178 N N   . ASN A 1 22 ? 5.92755   2.65119   -3.33113  1.000 30.46535  ? 393 ASN A N   1 
ATOM   179 C CA  . ASN A 1 22 ? 6.82423   2.99461   -4.41834  1.000 32.63460  ? 393 ASN A CA  1 
ATOM   180 C C   . ASN A 1 22 ? 6.09366   2.91138   -5.75281  1.000 33.09187  ? 393 ASN A C   1 
ATOM   181 O O   . ASN A 1 22 ? 5.09062   2.20946   -5.89867  1.000 32.91693  ? 393 ASN A O   1 
ATOM   182 C CB  . ASN A 1 22 ? 8.04488   2.07539   -4.45301  1.000 37.00512  ? 393 ASN A CB  1 
ATOM   183 C CG  . ASN A 1 22 ? 9.02873   2.36822   -3.34108  1.000 45.36561  ? 393 ASN A CG  1 
ATOM   184 O OD1 . ASN A 1 22 ? 8.69980   3.03155   -2.35252  1.000 42.58383  ? 393 ASN A OD1 1 
ATOM   185 N ND2 . ASN A 1 22 ? 10.24412  1.86495   -3.49052  1.000 46.48485  ? 393 ASN A ND2 1 
ATOM   186 N N   . ALA A 1 23 ? 6.61511   3.64406   -6.72996  1.000 35.27551  ? 394 ALA A N   1 
ATOM   187 C CA  . ALA A 1 23 ? 6.13117   3.52656   -8.09944  1.000 36.32768  ? 394 ALA A CA  1 
ATOM   188 C C   . ALA A 1 23 ? 7.30275   3.76000   -9.02469  1.000 39.36428  ? 394 ALA A C   1 
ATOM   189 O O   . ALA A 1 23 ? 8.28818   4.40885   -8.66128  1.000 45.77666  ? 394 ALA A O   1 
ATOM   190 C CB  . ALA A 1 23 ? 5.01532   4.52204   -8.42033  1.000 35.76324  ? 394 ALA A CB  1 
ATOM   191 N N   . ILE A 1 24 ? 7.19246   3.22258   -10.22958 1.000 40.75855  ? 395 ILE A N   1 
ATOM   192 C CA  . ILE A 1 24 ? 8.21869   3.40141   -11.24469 1.000 43.98167  ? 395 ILE A CA  1 
ATOM   193 C C   . ILE A 1 24 ? 7.65009   4.33183   -12.30373 1.000 53.37578  ? 395 ILE A C   1 
ATOM   194 O O   . ILE A 1 24 ? 6.57836   4.06752   -12.86778 1.000 44.55584  ? 395 ILE A O   1 
ATOM   195 C CB  . ILE A 1 24 ? 8.67124   2.06110   -11.83587 1.000 52.10040  ? 395 ILE A CB  1 
ATOM   196 C CG1 . ILE A 1 24 ? 9.39649   1.25544   -10.75457 1.000 53.03837  ? 395 ILE A CG1 1 
ATOM   197 C CG2 . ILE A 1 24 ? 9.56299   2.29090   -13.04052 1.000 48.80523  ? 395 ILE A CG2 1 
ATOM   198 C CD1 . ILE A 1 24 ? 9.60768   -0.19100  -11.10089 1.000 62.32304  ? 395 ILE A CD1 1 
ATOM   199 N N   . ARG A 1 25 ? 8.34810   5.44196   -12.52700 1.000 49.67927  ? 396 ARG A N   1 
ATOM   200 C CA  . ARG A 1 25 ? 7.91971   6.44641   -13.48718 1.000 52.54816  ? 396 ARG A CA  1 
ATOM   201 C C   . ARG A 1 25 ? 7.77112   5.80544   -14.85721 1.000 54.70412  ? 396 ARG A C   1 
ATOM   202 O O   . ARG A 1 25 ? 8.70682   5.17605   -15.35965 1.000 53.04339  ? 396 ARG A O   1 
ATOM   203 C CB  . ARG A 1 25 ? 8.94505   7.58398   -13.51868 1.000 53.54463  ? 396 ARG A CB  1 
ATOM   204 C CG  . ARG A 1 25 ? 8.48381   8.87230   -14.17756 1.000 59.85160  ? 396 ARG A CG  1 
ATOM   205 C CD  . ARG A 1 25 ? 9.56247   9.94578   -14.06759 1.000 62.19834  ? 396 ARG A CD  1 
ATOM   206 N N   . GLY A 1 26 ? 6.58874   5.93185   -15.44649 1.000 50.33055  ? 397 GLY A N   1 
ATOM   207 C CA  . GLY A 1 26 ? 6.30912   5.32489   -16.72561 1.000 52.11484  ? 397 GLY A CA  1 
ATOM   208 C C   . GLY A 1 26 ? 5.59850   3.98807   -16.65968 1.000 51.86679  ? 397 GLY A C   1 
ATOM   209 O O   . GLY A 1 26 ? 5.12872   3.50408   -17.69911 1.000 53.94217  ? 397 GLY A O   1 
ATOM   210 N N   . LEU A 1 27 ? 5.50410   3.37749   -15.48207 1.000 47.79562  ? 398 LEU A N   1 
ATOM   211 C CA  . LEU A 1 27 ? 4.80110   2.11414   -15.36397 1.000 45.96272  ? 398 LEU A CA  1 
ATOM   212 C C   . LEU A 1 27 ? 3.58537   2.26420   -14.45957 1.000 48.33741  ? 398 LEU A C   1 
ATOM   213 O O   . LEU A 1 27 ? 3.63576   3.00433   -13.46741 1.000 50.40741  ? 398 LEU A O   1 
ATOM   214 C CB  . LEU A 1 27 ? 5.71424   1.01753   -14.80275 1.000 48.18209  ? 398 LEU A CB  1 
ATOM   215 C CG  . LEU A 1 27 ? 6.92332   0.61203   -15.64191 1.000 55.19265  ? 398 LEU A CG  1 
ATOM   216 C CD1 . LEU A 1 27 ? 7.68942   -0.49714  -14.93620 1.000 58.67868  ? 398 LEU A CD1 1 
ATOM   217 C CD2 . LEU A 1 27 ? 6.48966   0.17664   -17.02865 1.000 54.60125  ? 398 LEU A CD2 1 
ATOM   218 N N   . PRO A 1 28 ? 2.49277   1.56840   -14.75809 1.000 48.16855  ? 399 PRO A N   1 
ATOM   219 C CA  . PRO A 1 28 ? 1.29547   1.68741   -13.91695 1.000 40.09951  ? 399 PRO A CA  1 
ATOM   220 C C   . PRO A 1 28 ? 1.48385   1.03483   -12.55839 1.000 39.26671  ? 399 PRO A C   1 
ATOM   221 O O   . PRO A 1 28 ? 2.24998   0.08316   -12.40055 1.000 46.87770  ? 399 PRO A O   1 
ATOM   222 C CB  . PRO A 1 28 ? 0.22091   0.95179   -14.72522 1.000 44.03983  ? 399 PRO A CB  1 
ATOM   223 C CG  . PRO A 1 28 ? 0.99505   -0.01342  -15.56320 1.000 52.50891  ? 399 PRO A CG  1 
ATOM   224 C CD  . PRO A 1 28 ? 2.28044   0.67829   -15.91064 1.000 50.37561  ? 399 PRO A CD  1 
ATOM   225 N N   . GLY A 1 29 ? 0.75988   1.55718   -11.57596 1.000 34.46353  ? 400 GLY A N   1 
ATOM   226 C CA  . GLY A 1 29 ? 0.56546   0.86250   -10.32148 1.000 32.23711  ? 400 GLY A CA  1 
ATOM   227 C C   . GLY A 1 29 ? 1.50750   1.33399   -9.22410  1.000 31.86556  ? 400 GLY A C   1 
ATOM   228 O O   . GLY A 1 29 ? 2.52149   1.98989   -9.46140  1.000 33.37326  ? 400 GLY A O   1 
ATOM   229 N N   A SER A 1 30 ? 1.16185   0.96320   -7.98894  0.488 29.66937  ? 401 SER A N   1 
ATOM   230 N N   B SER A 1 30 ? 1.13324   1.01267   -7.99887  0.512 29.60091  ? 401 SER A N   1 
ATOM   231 C CA  A SER A 1 30 ? 1.92739   1.31917   -6.80095  0.488 28.96338  ? 401 SER A CA  1 
ATOM   232 C CA  B SER A 1 30 ? 1.96441   1.27849   -6.84238  0.512 29.04192  ? 401 SER A CA  1 
ATOM   233 C C   A SER A 1 30 ? 2.10309   0.09035   -5.91883  0.488 33.23071  ? 401 SER A C   1 
ATOM   234 C C   B SER A 1 30 ? 2.19982   -0.03128  -6.11310  0.512 34.19972  ? 401 SER A C   1 
ATOM   235 O O   A SER A 1 30 ? 1.14641   -0.65393  -5.68443  0.488 30.24139  ? 401 SER A O   1 
ATOM   236 O O   B SER A 1 30 ? 1.38990   -0.95948  -6.19110  0.512 28.31888  ? 401 SER A O   1 
ATOM   237 C CB  A SER A 1 30 ? 1.23231   2.42982   -6.00385  0.488 30.14354  ? 401 SER A CB  1 
ATOM   238 C CB  B SER A 1 30 ? 1.31059   2.29499   -5.90918  0.512 30.55090  ? 401 SER A CB  1 
ATOM   239 O OG  A SER A 1 30 ? 1.11520   3.61735   -6.76894  0.488 32.15653  ? 401 SER A OG  1 
ATOM   240 O OG  B SER A 1 30 ? 0.00531   1.87690   -5.57082  0.512 31.01114  ? 401 SER A OG  1 
ATOM   241 N N   . PHE A 1 31 ? 3.32067   -0.10971  -5.40870  1.000 31.10756  ? 402 PHE A N   1 
ATOM   242 C CA  . PHE A 1 31 ? 3.65228   -1.33994  -4.72395  1.000 30.61932  ? 402 PHE A CA  1 
ATOM   243 C C   . PHE A 1 31 ? 4.33903   -1.06155  -3.40430  1.000 32.44468  ? 402 PHE A C   1 
ATOM   244 O O   . PHE A 1 31 ? 4.89931   0.01132   -3.17077  1.000 29.60726  ? 402 PHE A O   1 
ATOM   245 C CB  . PHE A 1 31 ? 4.53158   -2.25439  -5.57210  1.000 33.03492  ? 402 PHE A CB  1 
ATOM   246 C CG  . PHE A 1 31 ? 5.71145   -1.57388  -6.17387  1.000 40.70760  ? 402 PHE A CG  1 
ATOM   247 C CD1 . PHE A 1 31 ? 5.60199   -0.93358  -7.40279  1.000 46.21804  ? 402 PHE A CD1 1 
ATOM   248 C CD2 . PHE A 1 31 ? 6.94426   -1.59586  -5.53834  1.000 44.01587  ? 402 PHE A CD2 1 
ATOM   249 C CE1 . PHE A 1 31 ? 6.70187   -0.30791  -7.97251  1.000 53.68183  ? 402 PHE A CE1 1 
ATOM   250 C CE2 . PHE A 1 31 ? 8.04886   -0.97565  -6.10582  1.000 51.28129  ? 402 PHE A CE2 1 
ATOM   251 C CZ  . PHE A 1 31 ? 7.92991   -0.32814  -7.31991  1.000 52.40938  ? 402 PHE A CZ  1 
ATOM   252 N N   A ILE A 1 32 ? 4.28833   -2.06760  -2.54981  0.512 29.47814  ? 403 ILE A N   1 
ATOM   253 N N   B ILE A 1 32 ? 4.29744   -2.05963  -2.55272  0.488 29.62279  ? 403 ILE A N   1 
ATOM   254 C CA  A ILE A 1 32 ? 4.79276   -2.00118  -1.18581  0.512 26.15978  ? 403 ILE A CA  1 
ATOM   255 C CA  B ILE A 1 32 ? 4.79489   -1.96665  -1.18930  0.488 26.16408  ? 403 ILE A CA  1 
ATOM   256 C C   A ILE A 1 32 ? 6.27884   -2.32730  -1.18523  0.512 30.67070  ? 403 ILE A C   1 
ATOM   257 C C   B ILE A 1 32 ? 6.26839   -2.33526  -1.16377  0.488 30.78505  ? 403 ILE A C   1 
ATOM   258 O O   A ILE A 1 32 ? 6.71874   -3.28665  -1.83249  0.512 33.09190  ? 403 ILE A O   1 
ATOM   259 O O   B ILE A 1 32 ? 6.68833   -3.32915  -1.77121  0.488 32.58645  ? 403 ILE A O   1 
ATOM   260 C CB  A ILE A 1 32 ? 4.01377   -2.97687  -0.28527  0.512 28.29427  ? 403 ILE A CB  1 
ATOM   261 C CB  B ILE A 1 32 ? 3.97088   -2.87918  -0.26642  0.488 28.32156  ? 403 ILE A CB  1 
ATOM   262 C CG1 A ILE A 1 32 ? 2.50632   -2.84530  -0.52045  0.512 30.34721  ? 403 ILE A CG1 1 
ATOM   263 C CG1 B ILE A 1 32 ? 2.59353   -2.26376  -0.02337  0.488 30.25691  ? 403 ILE A CG1 1 
ATOM   264 C CG2 A ILE A 1 32 ? 4.37416   -2.76452  1.17528   0.512 31.49198  ? 403 ILE A CG2 1 
ATOM   265 C CG2 B ILE A 1 32 ? 4.71296   -3.13605  1.03416   0.488 24.60599  ? 403 ILE A CG2 1 
ATOM   266 C CD1 A ILE A 1 32 ? 1.91781   -1.52773  -0.07529  0.512 29.35737  ? 403 ILE A CD1 1 
ATOM   267 C CD1 B ILE A 1 32 ? 1.49759   -3.28106  0.06409   0.488 31.30438  ? 403 ILE A CD1 1 
ATOM   268 N N   . LYS A 1 33 ? 7.05786   -1.53058  -0.45116  1.000 30.71991  ? 404 LYS A N   1 
ATOM   269 C CA  . LYS A 1 33 ? 8.47095   -1.81023  -0.21550  1.000 31.16234  ? 404 LYS A CA  1 
ATOM   270 C C   . LYS A 1 33 ? 8.80011   -1.47376  1.23572   1.000 33.48204  ? 404 LYS A C   1 
ATOM   271 O O   . LYS A 1 33 ? 8.04027   -0.77811  1.91910   1.000 29.91695  ? 404 LYS A O   1 
ATOM   272 C CB  . LYS A 1 33 ? 9.39255   -1.00579  -1.14826  1.000 35.67018  ? 404 LYS A CB  1 
ATOM   273 C CG  . LYS A 1 33 ? 9.21544   -1.30215  -2.63132  1.000 42.31405  ? 404 LYS A CG  1 
ATOM   274 C CD  . LYS A 1 33 ? 9.59279   -2.73540  -2.95862  1.000 42.35496  ? 404 LYS A CD  1 
ATOM   275 C CE  . LYS A 1 33 ? 11.09662  -2.88917  -3.12918  1.000 46.29988  ? 404 LYS A CE  1 
ATOM   276 N NZ  . LYS A 1 33 ? 11.46980  -4.29929  -3.41982  1.000 48.45560  ? 404 LYS A NZ  1 
ATOM   277 N N   . GLU A 1 34 ? 9.93383   -1.99099  1.71254   1.000 30.84261  ? 405 GLU A N   1 
ATOM   278 C CA  . GLU A 1 34 ? 10.49358  -1.59292  3.00580   1.000 30.97511  ? 405 GLU A CA  1 
ATOM   279 C C   . GLU A 1 34 ? 9.48579   -1.74672  4.14603   1.000 32.07177  ? 405 GLU A C   1 
ATOM   280 O O   . GLU A 1 34 ? 9.29685   -0.84804  4.97395   1.000 33.35474  ? 405 GLU A O   1 
ATOM   281 C CB  . GLU A 1 34 ? 11.02363  -0.16422  2.92710   1.000 36.95539  ? 405 GLU A CB  1 
ATOM   282 C CG  . GLU A 1 34 ? 12.08371  0.01173   1.83877   1.000 42.49496  ? 405 GLU A CG  1 
ATOM   283 C CD  . GLU A 1 34 ? 12.72963  1.37817   1.85033   1.000 56.91136  ? 405 GLU A CD  1 
ATOM   284 O OE1 . GLU A 1 34 ? 12.77129  2.00465   2.93052   1.000 73.56981  ? 405 GLU A OE1 1 
ATOM   285 O OE2 . GLU A 1 34 ? 13.20093  1.82267   0.78072   1.000 57.97366  ? 405 GLU A OE2 1 
ATOM   286 N N   . VAL A 1 35 ? 8.83635   -2.91011  4.19121   1.000 29.34970  ? 406 VAL A N   1 
ATOM   287 C CA  . VAL A 1 35 ? 7.95961   -3.22746  5.31471   1.000 26.53563  ? 406 VAL A CA  1 
ATOM   288 C C   . VAL A 1 35 ? 8.77981   -3.24637  6.60213   1.000 32.90843  ? 406 VAL A C   1 
ATOM   289 O O   . VAL A 1 35 ? 9.76759   -3.97942  6.71813   1.000 28.66972  ? 406 VAL A O   1 
ATOM   290 C CB  . VAL A 1 35 ? 7.26149   -4.56287  5.07549   1.000 26.00528  ? 406 VAL A CB  1 
ATOM   291 C CG1 . VAL A 1 35 ? 6.47645   -4.96477  6.30068   1.000 25.60787  ? 406 VAL A CG1 1 
ATOM   292 C CG2 . VAL A 1 35 ? 6.34443   -4.46697  3.85662   1.000 25.24308  ? 406 VAL A CG2 1 
ATOM   293 N N   A GLN A 1 36 ? 8.37174   -2.42981  7.56790   0.456 28.01106  ? 407 GLN A N   1 
ATOM   294 N N   B GLN A 1 36 ? 8.37598   -2.44294  7.58644   0.544 27.91893  ? 407 GLN A N   1 
ATOM   295 C CA  A GLN A 1 36 ? 9.06844   -2.35860  8.84205   0.456 29.17146  ? 407 GLN A CA  1 
ATOM   296 C CA  B GLN A 1 36 ? 9.14107   -2.34174  8.82686   0.544 29.36389  ? 407 GLN A CA  1 
ATOM   297 C C   A GLN A 1 36 ? 8.77228   -3.59804  9.67388   0.456 27.09028  ? 407 GLN A C   1 
ATOM   298 C C   B GLN A 1 36 ? 8.78644   -3.48033  9.77952   0.544 27.10637  ? 407 GLN A C   1 
ATOM   299 O O   A GLN A 1 36 ? 7.61847   -4.03200  9.77193   0.456 27.96696  ? 407 GLN A O   1 
ATOM   300 O O   B GLN A 1 36 ? 7.60773   -3.72412  10.06317  0.544 26.38759  ? 407 GLN A O   1 
ATOM   301 C CB  A GLN A 1 36 ? 8.64526   -1.10048  9.59589   0.456 28.71896  ? 407 GLN A CB  1 
ATOM   302 C CB  B GLN A 1 36 ? 8.90231   -0.98405  9.49348   0.544 29.20910  ? 407 GLN A CB  1 
ATOM   303 C CG  A GLN A 1 36 ? 9.28452   -0.94758  10.94736  0.456 28.02393  ? 407 GLN A CG  1 
ATOM   304 C CG  B GLN A 1 36 ? 9.51861   0.17692   8.71398   0.544 29.56899  ? 407 GLN A CG  1 
ATOM   305 C CD  A GLN A 1 36 ? 8.90742   0.35424   11.61868  0.456 36.78444  ? 407 GLN A CD  1 
ATOM   306 C CD  B GLN A 1 36 ? 8.90199   1.52880   9.04032   0.544 32.11696  ? 407 GLN A CD  1 
ATOM   307 O OE1 A GLN A 1 36 ? 8.14754   1.15553   11.06521  0.456 37.22911  ? 407 GLN A OE1 1 
ATOM   308 O OE1 B GLN A 1 36 ? 8.64286   2.33989   8.14403   0.544 30.74261  ? 407 GLN A OE1 1 
ATOM   309 N NE2 A GLN A 1 36 ? 9.42619   0.57117   12.82140  0.456 29.05737  ? 407 GLN A NE2 1 
ATOM   310 N NE2 B GLN A 1 36 ? 8.67779   1.78336   10.32396  0.544 31.59273  ? 407 GLN A NE2 1 
ATOM   311 N N   . LYS A 1 37 ? 9.81598   -4.17235  10.26972  1.000 28.55996  ? 408 LYS A N   1 
ATOM   312 C CA  . LYS A 1 37 ? 9.62543   -5.33471  11.12513  1.000 28.84022  ? 408 LYS A CA  1 
ATOM   313 C C   . LYS A 1 37 ? 8.80989   -4.96869  12.36325  1.000 29.66188  ? 408 LYS A C   1 
ATOM   314 O O   . LYS A 1 37 ? 9.12408   -4.00590  13.06683  1.000 32.11150  ? 408 LYS A O   1 
ATOM   315 C CB  . LYS A 1 37 ? 10.98526  -5.90234  11.52752  1.000 32.78545  ? 408 LYS A CB  1 
ATOM   316 C CG  . LYS A 1 37 ? 10.94130  -7.05462  12.50650  1.000 34.95528  ? 408 LYS A CG  1 
ATOM   317 C CD  . LYS A 1 37 ? 12.34483  -7.51290  12.80852  1.000 45.57903  ? 408 LYS A CD  1 
ATOM   318 C CE  . LYS A 1 37 ? 12.36546  -8.65435  13.80455  1.000 56.67062  ? 408 LYS A CE  1 
ATOM   319 N NZ  . LYS A 1 37 ? 13.76368  -8.97004  14.22502  1.000 60.33384  ? 408 LYS A NZ  1 
ATOM   320 N N   . GLY A 1 38 ? 7.73186   -5.71856  12.59783  1.000 31.28622  ? 409 GLY A N   1 
ATOM   321 C CA  . GLY A 1 38 ? 6.86223   -5.46696  13.72467  1.000 31.46615  ? 409 GLY A CA  1 
ATOM   322 C C   . GLY A 1 38 ? 5.90491   -4.30621  13.56035  1.000 30.02062  ? 409 GLY A C   1 
ATOM   323 O O   . GLY A 1 38 ? 5.10684   -4.05653  14.47256  1.000 33.22983  ? 409 GLY A O   1 
ATOM   324 N N   . GLY A 1 39 ? 5.97517   -3.57451  12.44826  1.000 27.75445  ? 410 GLY A N   1 
ATOM   325 C CA  . GLY A 1 39 ? 5.08900   -2.45753  12.20532  1.000 26.87840  ? 410 GLY A CA  1 
ATOM   326 C C   . GLY A 1 39 ? 3.74041   -2.90307  11.69676  1.000 27.19198  ? 410 GLY A C   1 
ATOM   327 O O   . GLY A 1 39 ? 3.47980   -4.09957  11.48707  1.000 25.54034  ? 410 GLY A O   1 
ATOM   328 N N   . PRO A 1 40 ? 2.85465   -1.91586  11.46707  1.000 25.27964  ? 411 PRO A N   1 
ATOM   329 C CA  . PRO A 1 40 ? 1.46622   -2.24415  11.09124  1.000 28.44055  ? 411 PRO A CA  1 
ATOM   330 C C   . PRO A 1 40 ? 1.35167   -3.03643  9.80510   1.000 23.26936  ? 411 PRO A C   1 
ATOM   331 O O   . PRO A 1 40 ? 0.51400   -3.94415  9.71085   1.000 24.89553  ? 411 PRO A O   1 
ATOM   332 C CB  . PRO A 1 40 ? 0.81586   -0.86406  10.94473  1.000 23.21470  ? 411 PRO A CB  1 
ATOM   333 C CG  . PRO A 1 40 ? 1.60008   0.01312   11.88845  1.000 27.68128  ? 411 PRO A CG  1 
ATOM   334 C CD  . PRO A 1 40 ? 3.02767   -0.47428  11.73445  1.000 27.24860  ? 411 PRO A CD  1 
ATOM   335 N N   . ALA A 1 41 ? 2.15719   -2.69501  8.80185   1.000 23.99357  ? 412 ALA A N   1 
ATOM   336 C CA  . ALA A 1 41 ? 2.10701   -3.41114  7.53108   1.000 23.97312  ? 412 ALA A CA  1 
ATOM   337 C C   . ALA A 1 41 ? 2.52275   -4.86626  7.71098   1.000 24.14940  ? 412 ALA A C   1 
ATOM   338 O O   . ALA A 1 41 ? 1.88024   -5.78201  7.17285   1.000 24.84178  ? 412 ALA A O   1 
ATOM   339 C CB  . ALA A 1 41 ? 3.00679   -2.71202  6.51405   1.000 25.34491  ? 412 ALA A CB  1 
ATOM   340 N N   . ASP A 1 42 ? 3.58101   -5.09048  8.49043   1.000 24.16284  ? 413 ASP A N   1 
ATOM   341 C CA  . ASP A 1 42 ? 4.04959   -6.43417  8.80115   1.000 28.41987  ? 413 ASP A CA  1 
ATOM   342 C C   . ASP A 1 42 ? 2.96215   -7.23330  9.50005   1.000 31.64483  ? 413 ASP A C   1 
ATOM   343 O O   . ASP A 1 42 ? 2.61226   -8.34135  9.07484   1.000 29.44236  ? 413 ASP A O   1 
ATOM   344 C CB  . ASP A 1 42 ? 5.30381   -6.31422  9.67214   1.000 26.80871  ? 413 ASP A CB  1 
ATOM   345 C CG  . ASP A 1 42 ? 5.93361   -7.64821  10.02529  1.000 34.36128  ? 413 ASP A CG  1 
ATOM   346 O OD1 . ASP A 1 42 ? 5.48822   -8.70195  9.53152   1.000 38.35809  ? 413 ASP A OD1 1 
ATOM   347 O OD2 . ASP A 1 42 ? 6.91426   -7.62774  10.80004  1.000 35.18716  ? 413 ASP A OD2 1 
ATOM   348 N N   . LEU A 1 43 ? 2.40437   -6.67122  10.57477  1.000 25.23687  ? 414 LEU A N   1 
ATOM   349 C CA  . LEU A 1 43 ? 1.36786   -7.36511  11.32846  1.000 27.39873  ? 414 LEU A CA  1 
ATOM   350 C C   . LEU A 1 43 ? 0.11625   -7.60267  10.50068  1.000 28.14880  ? 414 LEU A C   1 
ATOM   351 O O   . LEU A 1 43 ? -0.58727  -8.59496  10.72462  1.000 31.21499  ? 414 LEU A O   1 
ATOM   352 C CB  . LEU A 1 43 ? 1.01573   -6.56803  12.57847  1.000 25.61258  ? 414 LEU A CB  1 
ATOM   353 C CG  . LEU A 1 43 ? 2.20239   -6.30081  13.49510  1.000 29.75554  ? 414 LEU A CG  1 
ATOM   354 C CD1 . LEU A 1 43 ? 1.73716   -5.55083  14.73352  1.000 30.93766  ? 414 LEU A CD1 1 
ATOM   355 C CD2 . LEU A 1 43 ? 2.87046   -7.60669  13.85746  1.000 30.08754  ? 414 LEU A CD2 1 
ATOM   356 N N   . ALA A 1 44 ? -0.19520  -6.70496  9.55746   1.000 22.03647  ? 415 ALA A N   1 
ATOM   357 C CA  . ALA A 1 44 ? -1.39327  -6.86898  8.74005   1.000 24.99725  ? 415 ALA A CA  1 
ATOM   358 C C   . ALA A 1 44 ? -1.24011  -7.93104  7.65916   1.000 30.91413  ? 415 ALA A C   1 
ATOM   359 O O   . ALA A 1 44 ? -2.24881  -8.35568  7.07820   1.000 31.56618  ? 415 ALA A O   1 
ATOM   360 C CB  . ALA A 1 44 ? -1.77124  -5.53405  8.09907   1.000 28.10002  ? 415 ALA A CB  1 
ATOM   361 N N   . GLY A 1 45 ? -0.01908  -8.36206  7.36027   1.000 26.98823  ? 416 GLY A N   1 
ATOM   362 C CA  . GLY A 1 45 ? 0.19622   -9.39007  6.36281   1.000 29.56201  ? 416 GLY A CA  1 
ATOM   363 C C   . GLY A 1 45 ? 0.72724   -8.92020  5.02556   1.000 36.11982  ? 416 GLY A C   1 
ATOM   364 O O   . GLY A 1 45 ? 0.73275   -9.71209  4.07054   1.000 33.57120  ? 416 GLY A O   1 
ATOM   365 N N   . LEU A 1 46 ? 1.17344   -7.67175  4.91913   1.000 28.53398  ? 417 LEU A N   1 
ATOM   366 C CA  . LEU A 1 46 ? 1.72446   -7.18146  3.66514   1.000 30.37849  ? 417 LEU A CA  1 
ATOM   367 C C   . LEU A 1 46 ? 3.12863   -7.72696  3.45549   1.000 33.44014  ? 417 LEU A C   1 
ATOM   368 O O   . LEU A 1 46 ? 3.88833   -7.94444  4.40567   1.000 30.08660  ? 417 LEU A O   1 
ATOM   369 C CB  . LEU A 1 46 ? 1.76538   -5.65155  3.63479   1.000 28.90863  ? 417 LEU A CB  1 
ATOM   370 C CG  . LEU A 1 46 ? 0.42615   -4.90795  3.59076   1.000 25.27844  ? 417 LEU A CG  1 
ATOM   371 C CD1 . LEU A 1 46 ? 0.66913   -3.40819  3.59117   1.000 27.41090  ? 417 LEU A CD1 1 
ATOM   372 C CD2 . LEU A 1 46 ? -0.37417  -5.32351  2.34873   1.000 26.12213  ? 417 LEU A CD2 1 
ATOM   373 N N   . GLU A 1 47 ? 3.47188   -7.93829  2.19142   1.000 31.15019  ? 418 GLU A N   1 
ATOM   374 C CA  . GLU A 1 47 ? 4.78563   -8.42721  1.81354   1.000 32.11200  ? 418 GLU A CA  1 
ATOM   375 C C   . GLU A 1 47 ? 5.40793   -7.49828  0.77990   1.000 32.02677  ? 418 GLU A C   1 
ATOM   376 O O   . GLU A 1 47 ? 4.71457   -6.78370  0.04919   1.000 28.30146  ? 418 GLU A O   1 
ATOM   377 C CB  . GLU A 1 47 ? 4.71917   -9.85652  1.25546   1.000 43.58468  ? 418 GLU A CB  1 
ATOM   378 C CG  . GLU A 1 47 ? 4.46457   -10.92674 2.30558   1.000 56.96692  ? 418 GLU A CG  1 
ATOM   379 C CD  . GLU A 1 47 ? 4.63644   -12.33015 1.75291   1.000 64.76500  ? 418 GLU A CD  1 
ATOM   380 N N   . ASP A 1 48 ? 6.73615   -7.52064  0.73677   1.000 32.81520  ? 419 ASP A N   1 
ATOM   381 C CA  . ASP A 1 48 ? 7.47916   -6.74620  -0.24499  1.000 35.17634  ? 419 ASP A CA  1 
ATOM   382 C C   . ASP A 1 48 ? 6.97769   -7.04833  -1.65562  1.000 40.36912  ? 419 ASP A C   1 
ATOM   383 O O   . ASP A 1 48 ? 6.72690   -8.20383  -2.00586  1.000 36.48183  ? 419 ASP A O   1 
ATOM   384 C CB  . ASP A 1 48 ? 8.96916   -7.07170  -0.12447  1.000 41.93866  ? 419 ASP A CB  1 
ATOM   385 C CG  . ASP A 1 48 ? 9.84831   -5.99148  -0.70431  1.000 49.73912  ? 419 ASP A CG  1 
ATOM   386 O OD1 . ASP A 1 48 ? 9.95130   -4.91763  -0.07437  1.000 39.05559  ? 419 ASP A OD1 1 
ATOM   387 O OD2 . ASP A 1 48 ? 10.44163  -6.21549  -1.78329  1.000 51.80889  ? 419 ASP A OD2 1 
ATOM   388 N N   . GLU A 1 49 ? 6.81634   -5.99167  -2.45370  0.932 30.49146  ? 420 GLU A N   1 
ATOM   389 C CA  . GLU A 1 49 ? 6.37970   -6.01710  -3.84927  0.932 31.33792  ? 420 GLU A CA  1 
ATOM   390 C C   . GLU A 1 49 ? 4.89195   -6.31524  -4.02032  0.932 30.59162  ? 420 GLU A C   1 
ATOM   391 O O   . GLU A 1 49 ? 4.44665   -6.51352  -5.15014  0.932 32.20996  ? 420 GLU A O   1 
ATOM   392 C CB  . GLU A 1 49 ? 7.18831   -7.00660  -4.70166  0.932 36.53061  ? 420 GLU A CB  1 
ATOM   393 C CG  . GLU A 1 49 ? 8.67888   -6.72360  -4.75085  0.932 49.41607  ? 420 GLU A CG  1 
ATOM   394 C CD  . GLU A 1 49 ? 9.04809   -5.68323  -5.78878  0.932 70.50572  ? 420 GLU A CD  1 
ATOM   395 O OE1 . GLU A 1 49 ? 8.15559   -5.25992  -6.55664  0.932 80.94508  ? 420 GLU A OE1 1 
ATOM   396 O OE2 . GLU A 1 49 ? 10.23629  -5.29450  -5.83891  0.932 71.70621  ? 420 GLU A OE2 1 
ATOM   397 N N   . ASP A 1 50 ? 4.10353   -6.34492  -2.94319  1.000 28.16567  ? 421 ASP A N   1 
ATOM   398 C CA  . ASP A 1 50 ? 2.65405   -6.41397  -3.11319  1.000 29.39988  ? 421 ASP A CA  1 
ATOM   399 C C   . ASP A 1 50 ? 2.15587   -5.17364  -3.85059  1.000 29.55024  ? 421 ASP A C   1 
ATOM   400 O O   . ASP A 1 50 ? 2.58548   -4.05607  -3.56483  1.000 29.13011  ? 421 ASP A O   1 
ATOM   401 C CB  . ASP A 1 50 ? 1.94590   -6.50756  -1.75768  1.000 27.59841  ? 421 ASP A CB  1 
ATOM   402 C CG  . ASP A 1 50 ? 2.02756   -7.88936  -1.12596  1.000 34.73900  ? 421 ASP A CG  1 
ATOM   403 O OD1 . ASP A 1 50 ? 2.49468   -8.83743  -1.79115  1.000 34.48310  ? 421 ASP A OD1 1 
ATOM   404 O OD2 . ASP A 1 50 ? 1.60546   -8.02495  0.04978   1.000 30.90281  ? 421 ASP A OD2 1 
ATOM   405 N N   . VAL A 1 51 ? 1.20958   -5.36616  -4.77459  1.000 28.55086  ? 422 VAL A N   1 
ATOM   406 C CA  . VAL A 1 51 ? 0.64751   -4.27612  -5.57010  1.000 28.10891  ? 422 VAL A CA  1 
ATOM   407 C C   . VAL A 1 51 ? -0.70998  -3.89957  -4.99390  1.000 25.84030  ? 422 VAL A C   1 
ATOM   408 O O   . VAL A 1 51 ? -1.53260  -4.77743  -4.72332  1.000 27.88420  ? 422 VAL A O   1 
ATOM   409 C CB  . VAL A 1 51 ? 0.51271   -4.68611  -7.04838  1.000 29.53921  ? 422 VAL A CB  1 
ATOM   410 C CG1 . VAL A 1 51 ? -0.09973  -3.56467  -7.84702  1.000 29.99449  ? 422 VAL A CG1 1 
ATOM   411 C CG2 . VAL A 1 51 ? 1.87662   -5.09599  -7.61923  1.000 36.45413  ? 422 VAL A CG2 1 
ATOM   412 N N   A ILE A 1 52 ? -0.96346  -2.60325  -4.81232  0.681 25.25213  ? 423 ILE A N   1 
ATOM   413 N N   B ILE A 1 52 ? -0.94619  -2.59436  -4.83566  0.319 25.09150  ? 423 ILE A N   1 
ATOM   414 C CA  A ILE A 1 52 ? -2.23536  -2.17392  -4.22912  0.681 22.52313  ? 423 ILE A CA  1 
ATOM   415 C CA  B ILE A 1 52 ? -2.22736  -2.10802  -4.33904  0.319 22.62655  ? 423 ILE A CA  1 
ATOM   416 C C   A ILE A 1 52 ? -3.32312  -2.13547  -5.29815  0.681 22.89826  ? 423 ILE A C   1 
ATOM   417 C C   B ILE A 1 52 ? -3.29791  -2.26764  -5.40994  0.319 24.32556  ? 423 ILE A C   1 
ATOM   418 O O   A ILE A 1 52 ? -3.17786  -1.47440  -6.33371  0.681 26.98584  ? 423 ILE A O   1 
ATOM   419 O O   B ILE A 1 52 ? -3.08970  -1.93033  -6.58408  0.319 24.40769  ? 423 ILE A O   1 
ATOM   420 C CB  A ILE A 1 52 ? -2.09688  -0.80865  -3.54034  0.681 23.83284  ? 423 ILE A CB  1 
ATOM   421 C CB  B ILE A 1 52 ? -2.11363  -0.63887  -3.90096  0.319 22.57070  ? 423 ILE A CB  1 
ATOM   422 C CG1 A ILE A 1 52 ? -1.08602  -0.88623  -2.39846  0.681 22.96172  ? 423 ILE A CG1 1 
ATOM   423 C CG1 B ILE A 1 52 ? -0.89196  -0.44424  -3.00404  0.319 23.24195  ? 423 ILE A CG1 1 
ATOM   424 C CG2 A ILE A 1 52 ? -3.44168  -0.36446  -2.98749  0.681 22.82236  ? 423 ILE A CG2 1 
ATOM   425 C CG2 B ILE A 1 52 ? -3.37239  -0.20855  -3.16890  0.319 22.30004  ? 423 ILE A CG2 1 
ATOM   426 C CD1 A ILE A 1 52 ? -1.06469  0.35574   -1.51365  0.681 24.79534  ? 423 ILE A CD1 1 
ATOM   427 C CD1 B ILE A 1 52 ? -0.92130  -1.28940  -1.75484  0.319 22.67177  ? 423 ILE A CD1 1 
ATOM   428 N N   A ILE A 1 53 ? -4.43154  -2.81873  -5.02788  0.681 22.77339  ? 424 ILE A N   1 
ATOM   429 N N   B ILE A 1 53 ? -4.45867  -2.77019  -5.00202  0.319 22.99063  ? 424 ILE A N   1 
ATOM   430 C CA  A ILE A 1 53 ? -5.59149  -2.84020  -5.92087  0.681 24.98859  ? 424 ILE A CA  1 
ATOM   431 C CA  B ILE A 1 53 ? -5.61394  -2.92311  -5.87612  0.319 24.05997  ? 424 ILE A CA  1 
ATOM   432 C C   A ILE A 1 53 ? -6.68354  -1.88528  -5.44755  0.681 23.13170  ? 424 ILE A C   1 
ATOM   433 C C   B ILE A 1 53 ? -6.74814  -1.99043  -5.46204  0.319 23.38387  ? 424 ILE A C   1 
ATOM   434 O O   A ILE A 1 53 ? -7.18188  -1.07641  -6.22957  0.681 23.46218  ? 424 ILE A O   1 
ATOM   435 O O   B ILE A 1 53 ? -7.33044  -1.29809  -6.29779  0.319 22.71193  ? 424 ILE A O   1 
ATOM   436 C CB  A ILE A 1 53 ? -6.13712  -4.27708  -6.07102  0.681 23.75500  ? 424 ILE A CB  1 
ATOM   437 C CB  B ILE A 1 53 ? -6.09257  -4.39161  -5.90793  0.319 24.17007  ? 424 ILE A CB  1 
ATOM   438 C CG1 A ILE A 1 53 ? -5.04039  -5.21491  -6.58013  0.681 24.97222  ? 424 ILE A CG1 1 
ATOM   439 C CG1 B ILE A 1 53 ? -4.90269  -5.33439  -6.09267  0.319 24.28072  ? 424 ILE A CG1 1 
ATOM   440 C CG2 A ILE A 1 53 ? -7.31810  -4.28626  -7.02747  0.681 24.23689  ? 424 ILE A CG2 1 
ATOM   441 C CG2 B ILE A 1 53 ? -7.11700  -4.58850  -7.01373  0.319 25.64787  ? 424 ILE A CG2 1 
ATOM   442 C CD1 A ILE A 1 53 ? -5.35239  -6.67528  -6.39309  0.681 24.61659  ? 424 ILE A CD1 1 
ATOM   443 C CD1 B ILE A 1 53 ? -4.16323  -5.12579  -7.39120  0.319 25.55040  ? 424 ILE A CD1 1 
ATOM   444 N N   . GLU A 1 54 ? -7.07662  -1.96942  -4.16768  1.000 21.45557  ? 425 GLU A N   1 
ATOM   445 C CA  . GLU A 1 54 ? -8.11563  -1.10510  -3.61482  1.000 20.17412  ? 425 GLU A CA  1 
ATOM   446 C C   . GLU A 1 54 ? -7.64496  -0.52049  -2.29534  1.000 20.89302  ? 425 GLU A C   1 
ATOM   447 O O   . GLU A 1 54 ? -6.92579  -1.18154  -1.54670  1.000 20.26864  ? 425 GLU A O   1 
ATOM   448 C CB  . GLU A 1 54 ? -9.44136  -1.84957  -3.37449  1.000 19.96992  ? 425 GLU A CB  1 
ATOM   449 C CG  . GLU A 1 54 ? -10.08031 -2.35521  -4.66891  1.000 20.69057  ? 425 GLU A CG  1 
ATOM   450 C CD  . GLU A 1 54 ? -11.48111 -2.95988  -4.48789  1.000 29.97554  ? 425 GLU A CD  1 
ATOM   451 O OE1 . GLU A 1 54 ? -11.80677 -3.40893  -3.36602  1.000 24.86793  ? 425 GLU A OE1 1 
ATOM   452 O OE2 . GLU A 1 54 ? -12.25351 -2.98142  -5.47401  1.000 27.90650  ? 425 GLU A OE2 1 
ATOM   453 N N   . VAL A 1 55 ? -8.03122  0.72985   -2.04247  1.000 18.47178  ? 426 VAL A N   1 
ATOM   454 C CA  . VAL A 1 55 ? -7.83891  1.39815   -0.75189  1.000 17.88471  ? 426 VAL A CA  1 
ATOM   455 C C   . VAL A 1 55 ? -9.22520  1.71581   -0.20979  1.000 20.42909  ? 426 VAL A C   1 
ATOM   456 O O   . VAL A 1 55 ? -9.96379  2.49654   -0.82218  1.000 20.95224  ? 426 VAL A O   1 
ATOM   457 C CB  . VAL A 1 55 ? -6.99571  2.68119   -0.87561  1.000 19.58722  ? 426 VAL A CB  1 
ATOM   458 C CG1 . VAL A 1 55 ? -6.84510  3.36639   0.49107   1.000 19.67302  ? 426 VAL A CG1 1 
ATOM   459 C CG2 . VAL A 1 55 ? -5.62189  2.39601   -1.45981  1.000 20.22491  ? 426 VAL A CG2 1 
ATOM   460 N N   . ASN A 1 56 ? -9.57956  1.11809   0.93531   1.000 18.18856  ? 427 ASN A N   1 
ATOM   461 C CA  . ASN A 1 56 ? -10.90857 1.29085   1.52065   1.000 17.26200  ? 427 ASN A CA  1 
ATOM   462 C C   . ASN A 1 56 ? -12.00463 1.05283   0.47391   1.000 19.81070  ? 427 ASN A C   1 
ATOM   463 O O   . ASN A 1 56 ? -13.00062 1.78022   0.39236   1.000 19.15680  ? 427 ASN A O   1 
ATOM   464 C CB  . ASN A 1 56 ? -11.04813 2.67396   2.16322   1.000 18.36482  ? 427 ASN A CB  1 
ATOM   465 C CG  . ASN A 1 56 ? -10.16897 2.82636   3.39093   1.000 22.79864  ? 427 ASN A CG  1 
ATOM   466 O OD1 . ASN A 1 56 ? -9.80394  1.84056   4.02726   1.000 21.86836  ? 427 ASN A OD1 1 
ATOM   467 N ND2 . ASN A 1 56 ? -9.82205  4.06651   3.72761   1.000 29.62106  ? 427 ASN A ND2 1 
ATOM   468 N N   . GLY A 1 57 ? -11.80730 0.02779   -0.34844  1.000 19.14875  ? 428 GLY A N   1 
ATOM   469 C CA  . GLY A 1 57 ? -12.80941 -0.38768  -1.30921  1.000 22.12892  ? 428 GLY A CA  1 
ATOM   470 C C   . GLY A 1 57 ? -12.81762 0.37877   -2.61167  1.000 24.31125  ? 428 GLY A C   1 
ATOM   471 O O   . GLY A 1 57 ? -13.67298 0.10323   -3.46800  1.000 21.94780  ? 428 GLY A O   1 
ATOM   472 N N   . VAL A 1 58 ? -11.90144 1.32685   -2.80203  1.000 17.95318  ? 429 VAL A N   1 
ATOM   473 C CA  . VAL A 1 58 ? -11.83501 2.10878   -4.03324  1.000 19.33042  ? 429 VAL A CA  1 
ATOM   474 C C   . VAL A 1 58 ? -10.73735 1.52624   -4.90611  1.000 20.83238  ? 429 VAL A C   1 
ATOM   475 O O   . VAL A 1 58 ? -9.59594  1.38183   -4.45911  1.000 20.09699  ? 429 VAL A O   1 
ATOM   476 C CB  . VAL A 1 58 ? -11.55488 3.59202   -3.73879  1.000 23.70313  ? 429 VAL A CB  1 
ATOM   477 C CG1 . VAL A 1 58 ? -11.46517 4.37510   -5.03704  1.000 23.99758  ? 429 VAL A CG1 1 
ATOM   478 C CG2 . VAL A 1 58 ? -12.63590 4.17596   -2.82337  1.000 28.77215  ? 429 VAL A CG2 1 
ATOM   479 N N   A ASN A 1 59 ? -11.07779 1.22217   -6.15988  0.587 21.73618  ? 430 ASN A N   1 
ATOM   480 N N   B ASN A 1 59 ? -11.07653 1.18009   -6.14617  0.413 21.63377  ? 430 ASN A N   1 
ATOM   481 C CA  A ASN A 1 59 ? -10.10250 0.71464   -7.11800  0.587 20.86254  ? 430 ASN A CA  1 
ATOM   482 C CA  B ASN A 1 59 ? -10.05945 0.66529   -7.05183  0.413 19.66854  ? 430 ASN A CA  1 
ATOM   483 C C   A ASN A 1 59 ? -9.09287  1.80465   -7.45627  0.587 21.88636  ? 430 ASN A C   1 
ATOM   484 C C   B ASN A 1 59 ? -9.09820  1.78378   -7.41669  0.413 21.74074  ? 430 ASN A C   1 
ATOM   485 O O   A ASN A 1 59 ? -9.46540  2.86016   -7.97910  0.587 24.93223  ? 430 ASN A O   1 
ATOM   486 O O   B ASN A 1 59 ? -9.51455  2.83434   -7.91493  0.413 24.36202  ? 430 ASN A O   1 
ATOM   487 C CB  A ASN A 1 59 ? -10.82968 0.23949   -8.38115  0.587 20.21510  ? 430 ASN A CB  1 
ATOM   488 C CB  B ASN A 1 59 ? -10.68811 0.08016   -8.31444  0.413 22.05252  ? 430 ASN A CB  1 
ATOM   489 C CG  A ASN A 1 59 ? -9.88197  -0.21023  -9.47074  0.587 24.49672  ? 430 ASN A CG  1 
ATOM   490 C CG  B ASN A 1 59 ? -9.65524  -0.54749  -9.22991  0.413 25.00233  ? 430 ASN A CG  1 
ATOM   491 O OD1 A ASN A 1 59 ? -8.69042  -0.40353  -9.23658  0.587 24.06662  ? 430 ASN A OD1 1 
ATOM   492 O OD1 B ASN A 1 59 ? -8.84268  0.14789   -9.84505  0.413 22.28279  ? 430 ASN A OD1 1 
ATOM   493 N ND2 A ASN A 1 59 ? -10.41882 -0.39984  -10.67780 0.587 29.35936  ? 430 ASN A ND2 1 
ATOM   494 N ND2 B ASN A 1 59 ? -9.68013  -1.87313  -9.32671  0.413 30.83007  ? 430 ASN A ND2 1 
ATOM   495 N N   . VAL A 1 60 ? -7.81057  1.55582   -7.17830  1.000 19.44590  ? 431 VAL A N   1 
ATOM   496 C CA  . VAL A 1 60 ? -6.77332  2.54704   -7.44451  1.000 19.38083  ? 431 VAL A CA  1 
ATOM   497 C C   . VAL A 1 60 ? -5.83061  2.11302   -8.55997  1.000 21.50923  ? 431 VAL A C   1 
ATOM   498 O O   . VAL A 1 60 ? -4.80783  2.76989   -8.78078  1.000 25.19066  ? 431 VAL A O   1 
ATOM   499 C CB  . VAL A 1 60 ? -5.97833  2.87996   -6.16457  1.000 22.75423  ? 431 VAL A CB  1 
ATOM   500 C CG1 . VAL A 1 60 ? -6.88713  3.46840   -5.10114  1.000 22.08772  ? 431 VAL A CG1 1 
ATOM   501 C CG2 . VAL A 1 60 ? -5.29486  1.64248   -5.62744  1.000 20.53079  ? 431 VAL A CG2 1 
ATOM   502 N N   . LEU A 1 61 ? -6.15669  1.04360   -9.30172  1.000 22.64236  ? 432 LEU A N   1 
ATOM   503 C CA  . LEU A 1 61 ? -5.22123  0.53214   -10.30702 1.000 24.24672  ? 432 LEU A CA  1 
ATOM   504 C C   . LEU A 1 61 ? -4.91165  1.56746   -11.37944 1.000 27.50116  ? 432 LEU A C   1 
ATOM   505 O O   . LEU A 1 61 ? -3.80161  1.58448   -11.92786 1.000 30.67097  ? 432 LEU A O   1 
ATOM   506 C CB  . LEU A 1 61 ? -5.77692  -0.73590  -10.96321 1.000 29.36763  ? 432 LEU A CB  1 
ATOM   507 C CG  . LEU A 1 61 ? -5.79733  -1.99459  -10.08830 1.000 31.00874  ? 432 LEU A CG  1 
ATOM   508 C CD1 . LEU A 1 61 ? -6.46282  -3.14866  -10.83997 1.000 34.02820  ? 432 LEU A CD1 1 
ATOM   509 C CD2 . LEU A 1 61 ? -4.37214  -2.34384  -9.68854  1.000 31.61755  ? 432 LEU A CD2 1 
ATOM   510 N N   . ASP A 1 62 ? -5.87645  2.41930   -11.71703 1.000 25.89073  ? 433 ASP A N   1 
ATOM   511 C CA  . ASP A 1 62 ? -5.67914  3.44415   -12.73261 1.000 28.17105  ? 433 ASP A CA  1 
ATOM   512 C C   . ASP A 1 62 ? -5.34784  4.80532   -12.14668 1.000 28.06682  ? 433 ASP A C   1 
ATOM   513 O O   . ASP A 1 62 ? -5.14733  5.75623   -12.90755 1.000 30.89072  ? 433 ASP A O   1 
ATOM   514 C CB  . ASP A 1 62 ? -6.92710  3.57316   -13.60903 1.000 29.76664  ? 433 ASP A CB  1 
ATOM   515 C CG  . ASP A 1 62 ? -7.10653  2.40727   -14.54394 1.000 31.24603  ? 433 ASP A CG  1 
ATOM   516 O OD1 . ASP A 1 62 ? -6.11056  1.97629   -15.17210 1.000 35.45482  ? 433 ASP A OD1 1 
ATOM   517 O OD2 . ASP A 1 62 ? -8.25866  1.93899   -14.67384 1.000 32.74098  ? 433 ASP A OD2 1 
ATOM   518 N N   . GLU A 1 63 ? -5.26395  4.92004   -10.83255 1.000 27.42343  ? 434 GLU A N   1 
ATOM   519 C CA  . GLU A 1 63 ? -5.02942  6.24700   -10.28140 1.000 28.29916  ? 434 GLU A CA  1 
ATOM   520 C C   . GLU A 1 63 ? -3.53565  6.53653   -10.18532 1.000 27.58061  ? 434 GLU A C   1 
ATOM   521 O O   . GLU A 1 63 ? -2.72716  5.62379   -9.98748  1.000 30.02042  ? 434 GLU A O   1 
ATOM   522 C CB  . GLU A 1 63 ? -5.67043  6.36765   -8.89854  1.000 29.89207  ? 434 GLU A CB  1 
ATOM   523 C CG  . GLU A 1 63 ? -7.18190  6.56945   -8.99134  1.000 32.80095  ? 434 GLU A CG  1 
ATOM   524 C CD  . GLU A 1 63 ? -7.83994  6.77798   -7.64046  1.000 41.22284  ? 434 GLU A CD  1 
ATOM   525 O OE1 . GLU A 1 63 ? -9.05601  7.05473   -7.60917  1.000 37.14305  ? 434 GLU A OE1 1 
ATOM   526 O OE2 . GLU A 1 63 ? -7.14518  6.66214   -6.61336  1.000 32.72418  ? 434 GLU A OE2 1 
ATOM   527 N N   . PRO A 1 64 ? -3.14141  7.79217   -10.33227 1.000 29.04238  ? 435 PRO A N   1 
ATOM   528 C CA  . PRO A 1 64 ? -1.71963  8.11911   -10.23620 1.000 30.13664  ? 435 PRO A CA  1 
ATOM   529 C C   . PRO A 1 64 ? -1.19414  7.89960   -8.82449  1.000 28.31352  ? 435 PRO A C   1 
ATOM   530 O O   . PRO A 1 64 ? -1.93204  7.90821   -7.83769  1.000 26.68151  ? 435 PRO A O   1 
ATOM   531 C CB  . PRO A 1 64 ? -1.65554  9.59555   -10.63286 1.000 34.93355  ? 435 PRO A CB  1 
ATOM   532 C CG  . PRO A 1 64 ? -3.02998  10.11392  -10.38972 1.000 37.42364  ? 435 PRO A CG  1 
ATOM   533 C CD  . PRO A 1 64 ? -3.97312  8.97323   -10.60820 1.000 30.80393  ? 435 PRO A CD  1 
ATOM   534 N N   . TYR A 1 65 ? 0.11739   7.67379   -8.76752  1.000 29.04366  ? 436 TYR A N   1 
ATOM   535 C CA  . TYR A 1 65 ? 0.80543   7.36071   -7.51904  1.000 30.58037  ? 436 TYR A CA  1 
ATOM   536 C C   . TYR A 1 65 ? 0.49636   8.38623   -6.44092  1.000 30.62025  ? 436 TYR A C   1 
ATOM   537 O O   . TYR A 1 65 ? 0.22591   8.03422   -5.28572  1.000 28.63294  ? 436 TYR A O   1 
ATOM   538 C CB  . TYR A 1 65 ? 2.30774   7.30135   -7.80202  1.000 29.84471  ? 436 TYR A CB  1 
ATOM   539 C CG  . TYR A 1 65 ? 3.20720   7.22460   -6.58605  1.000 29.73543  ? 436 TYR A CG  1 
ATOM   540 C CD1 . TYR A 1 65 ? 3.36442   6.03607   -5.88490  1.000 30.34872  ? 436 TYR A CD1 1 
ATOM   541 C CD2 . TYR A 1 65 ? 3.93064   8.32989   -6.17317  1.000 31.63555  ? 436 TYR A CD2 1 
ATOM   542 C CE1 . TYR A 1 65 ? 4.21324   5.95561   -4.79306  1.000 28.69170  ? 436 TYR A CE1 1 
ATOM   543 C CE2 . TYR A 1 65 ? 4.77801   8.26582   -5.06151  1.000 33.31467  ? 436 TYR A CE2 1 
ATOM   544 C CZ  . TYR A 1 65 ? 4.91074   7.07407   -4.38229  1.000 35.47955  ? 436 TYR A CZ  1 
ATOM   545 O OH  . TYR A 1 65 ? 5.75415   6.99177   -3.29558  1.000 35.65049  ? 436 TYR A OH  1 
ATOM   546 N N   . GLU A 1 66 ? 0.54595   9.66629   -6.80272  1.000 32.26165  ? 437 GLU A N   1 
ATOM   547 C CA  . GLU A 1 66 ? 0.34522   10.72805  -5.82353  1.000 35.37307  ? 437 GLU A CA  1 
ATOM   548 C C   . GLU A 1 66 ? -1.05139  10.68100  -5.21727  1.000 36.82521  ? 437 GLU A C   1 
ATOM   549 O O   . GLU A 1 66 ? -1.24884  11.09495  -4.06676  1.000 31.73769  ? 437 GLU A O   1 
ATOM   550 C CB  . GLU A 1 66 ? 0.59354   12.08432  -6.47313  1.000 36.58894  ? 437 GLU A CB  1 
ATOM   551 C CG  . GLU A 1 66 ? 2.03283   12.30802  -6.94969  1.000 40.81571  ? 437 GLU A CG  1 
ATOM   552 C CD  . GLU A 1 66 ? 2.39010   11.55453  -8.22771  1.000 50.55432  ? 437 GLU A CD  1 
ATOM   553 O OE1 . GLU A 1 66 ? 1.47270   11.08119  -8.95220  1.000 38.52281  ? 437 GLU A OE1 1 
ATOM   554 O OE2 . GLU A 1 66 ? 3.60524   11.43498  -8.50554  1.000 48.55541  ? 437 GLU A OE2 1 
ATOM   555 N N   . LYS A 1 67 ? -2.03136  10.18387  -5.97326  1.000 29.31658  ? 438 LYS A N   1 
ATOM   556 C CA  . LYS A 1 67 ? -3.38685  10.07391  -5.45663  1.000 27.34855  ? 438 LYS A CA  1 
ATOM   557 C C   . LYS A 1 67 ? -3.51648  8.88560   -4.51394  1.000 30.14455  ? 438 LYS A C   1 
ATOM   558 O O   . LYS A 1 67 ? -4.21373  8.96666   -3.49441  1.000 30.55345  ? 438 LYS A O   1 
ATOM   559 C CB  . LYS A 1 67 ? -4.37432  9.96202   -6.63275  1.000 30.87285  ? 438 LYS A CB  1 
ATOM   560 C CG  . LYS A 1 67 ? -5.80327  9.65199   -6.23929  1.000 37.11665  ? 438 LYS A CG  1 
ATOM   561 C CD  . LYS A 1 67 ? -6.48282  10.83588  -5.58235  1.000 49.27240  ? 438 LYS A CD  1 
ATOM   562 C CE  . LYS A 1 67 ? -7.98852  10.61794  -5.52100  1.000 62.45948  ? 438 LYS A CE  1 
ATOM   563 N NZ  . LYS A 1 67 ? -8.67896  11.66666  -4.71833  1.000 74.87733  ? 438 LYS A NZ  1 
ATOM   564 N N   . VAL A 1 68 ? -2.84173  7.77868   -4.83216  1.000 23.82605  ? 439 VAL A N   1 
ATOM   565 C CA  . VAL A 1 68 ? -2.86925  6.62558   -3.94502  1.000 21.60600  ? 439 VAL A CA  1 
ATOM   566 C C   . VAL A 1 68 ? -2.21244  6.98161   -2.61613  1.000 26.73139  ? 439 VAL A C   1 
ATOM   567 O O   . VAL A 1 68 ? -2.73648  6.65985   -1.54689  1.000 23.78270  ? 439 VAL A O   1 
ATOM   568 C CB  . VAL A 1 68 ? -2.20148  5.41282   -4.61799  1.000 21.79341  ? 439 VAL A CB  1 
ATOM   569 C CG1 . VAL A 1 68 ? -2.29995  4.18576   -3.71845  1.000 21.72902  ? 439 VAL A CG1 1 
ATOM   570 C CG2 . VAL A 1 68 ? -2.88577  5.11561   -5.98746  1.000 22.43876  ? 439 VAL A CG2 1 
ATOM   571 N N   . VAL A 1 69 ? -1.07859  7.68743   -2.66742  1.000 25.40864  ? 440 VAL A N   1 
ATOM   572 C CA  . VAL A 1 69 ? -0.43804  8.18212   -1.44655  1.000 24.74989  ? 440 VAL A CA  1 
ATOM   573 C C   . VAL A 1 69 ? -1.42893  8.99627   -0.62530  1.000 27.61827  ? 440 VAL A C   1 
ATOM   574 O O   . VAL A 1 69 ? -1.57996  8.79320   0.58687   1.000 29.77085  ? 440 VAL A O   1 
ATOM   575 C CB  . VAL A 1 69 ? 0.81446   9.01244   -1.78728  1.000 27.14434  ? 440 VAL A CB  1 
ATOM   576 C CG1 . VAL A 1 69 ? 1.34035   9.76434   -0.53032  1.000 29.15830  ? 440 VAL A CG1 1 
ATOM   577 C CG2 . VAL A 1 69 ? 1.89915   8.12816   -2.37396  1.000 28.14373  ? 440 VAL A CG2 1 
ATOM   578 N N   . ASP A 1 70 ? -2.13749  9.91775   -1.28130  1.000 27.87167  ? 441 ASP A N   1 
ATOM   579 C CA  . ASP A 1 70 ? -3.03214  10.80179  -0.54752  1.000 30.77624  ? 441 ASP A CA  1 
ATOM   580 C C   . ASP A 1 70 ? -4.18054  10.03388  0.09050   1.000 30.97302  ? 441 ASP A C   1 
ATOM   581 O O   . ASP A 1 70 ? -4.58890  10.35206  1.21571   1.000 33.55854  ? 441 ASP A O   1 
ATOM   582 C CB  . ASP A 1 70 ? -3.56100  11.90013  -1.46148  1.000 36.27376  ? 441 ASP A CB  1 
ATOM   583 C CG  . ASP A 1 70 ? -4.31165  12.96730  -0.69876  1.000 52.84349  ? 441 ASP A CG  1 
ATOM   584 O OD1 . ASP A 1 70 ? -3.65417  13.78944  -0.02450  1.000 57.36756  ? 441 ASP A OD1 1 
ATOM   585 O OD2 . ASP A 1 70 ? -5.55857  12.97623  -0.75640  1.000 54.90991  ? 441 ASP A OD2 1 
ATOM   586 N N   . ARG A 1 71 ? -4.72050  9.02785   -0.60857  1.000 29.30554  ? 442 ARG A N   1 
ATOM   587 C CA  . ARG A 1 71 ? -5.77538  8.19840   -0.02609  1.000 24.59807  ? 442 ARG A CA  1 
ATOM   588 C C   . ARG A 1 71 ? -5.30155  7.51866   1.24934   1.000 29.75349  ? 442 ARG A C   1 
ATOM   589 O O   . ARG A 1 71 ? -6.04982  7.44012   2.22797   1.000 32.90336  ? 442 ARG A O   1 
ATOM   590 C CB  . ARG A 1 71 ? -6.25590  7.12803   -1.00970  1.000 23.17042  ? 442 ARG A CB  1 
ATOM   591 C CG  . ARG A 1 71 ? -7.03409  7.65102   -2.18874  1.000 23.48830  ? 442 ARG A CG  1 
ATOM   592 C CD  . ARG A 1 71 ? -7.59213  6.49107   -2.98982  1.000 24.62586  ? 442 ARG A CD  1 
ATOM   593 N NE  . ARG A 1 71 ? -8.35413  6.95200   -4.14639  1.000 26.72179  ? 442 ARG A NE  1 
ATOM   594 C CZ  . ARG A 1 71 ? -9.61095  7.37891   -4.08552  1.000 29.98101  ? 442 ARG A CZ  1 
ATOM   595 N NH1 . ARG A 1 71 ? -10.24004 7.39913   -2.91795  1.000 30.18348  ? 442 ARG A NH1 1 
ATOM   596 N NH2 . ARG A 1 71 ? -10.23513 7.78312   -5.18378  1.000 28.49623  ? 442 ARG A NH2 1 
ATOM   597 N N   . ILE A 1 72 ? -4.08578  6.97112   1.23865   1.000 22.83405  ? 443 ILE A N   1 
ATOM   598 C CA  . ILE A 1 72 ? -3.58033  6.29411   2.42969   1.000 24.12320  ? 443 ILE A CA  1 
ATOM   599 C C   . ILE A 1 72 ? -3.26143  7.30499   3.52645   1.000 27.24180  ? 443 ILE A C   1 
ATOM   600 O O   . ILE A 1 72 ? -3.57507  7.07976   4.70094   1.000 29.68671  ? 443 ILE A O   1 
ATOM   601 C CB  . ILE A 1 72 ? -2.36477  5.42361   2.06618   1.000 23.81198  ? 443 ILE A CB  1 
ATOM   602 C CG1 . ILE A 1 72 ? -2.78273  4.33235   1.07396   1.000 22.91738  ? 443 ILE A CG1 1 
ATOM   603 C CG2 . ILE A 1 72 ? -1.75406  4.79169   3.31540   1.000 23.70886  ? 443 ILE A CG2 1 
ATOM   604 C CD1 . ILE A 1 72 ? -1.62038  3.68033   0.36580   1.000 25.85857  ? 443 ILE A CD1 1 
ATOM   605 N N   . GLN A 1 73 ? -2.65891  8.44517   3.16732   1.000 25.57113  ? 444 GLN A N   1 
ATOM   606 C CA  . GLN A 1 73 ? -2.32222  9.44271   4.18269   1.000 30.50686  ? 444 GLN A CA  1 
ATOM   607 C C   . GLN A 1 73 ? -3.55993  10.04134  4.83607   1.000 34.94919  ? 444 GLN A C   1 
ATOM   608 O O   . GLN A 1 73 ? -3.49713  10.47407  5.99364   1.000 38.05598  ? 444 GLN A O   1 
ATOM   609 C CB  . GLN A 1 73 ? -1.47828  10.56353  3.58161   1.000 35.04560  ? 444 GLN A CB  1 
ATOM   610 C CG  . GLN A 1 73 ? -0.07839  10.16197  3.23715   1.000 37.89202  ? 444 GLN A CG  1 
ATOM   611 C CD  . GLN A 1 73 ? 0.69017   11.28430  2.58643   1.000 43.32476  ? 444 GLN A CD  1 
ATOM   612 O OE1 . GLN A 1 73 ? 0.10516   12.18076  1.97803   1.000 45.56226  ? 444 GLN A OE1 1 
ATOM   613 N NE2 . GLN A 1 73 ? 2.00993   11.24766  2.71259   1.000 43.31700  ? 444 GLN A NE2 1 
ATOM   614 N N   A SER A 1 74 ? -4.67776  10.08502  4.11969   0.550 27.47619  ? 445 SER A N   1 
ATOM   615 N N   B SER A 1 74 ? -4.68349  10.08181  4.12979   0.450 27.70424  ? 445 SER A N   1 
ATOM   616 C CA  A SER A 1 74 ? -5.89571  10.71825  4.60484   0.550 30.58846  ? 445 SER A CA  1 
ATOM   617 C CA  B SER A 1 74 ? -5.91634  10.62573  4.67916   0.450 30.31878  ? 445 SER A CA  1 
ATOM   618 C C   A SER A 1 74 ? -6.84066  9.75158   5.30638   0.550 29.20334  ? 445 SER A C   1 
ATOM   619 C C   B SER A 1 74 ? -6.81720  9.55224   5.27656   0.450 28.51634  ? 445 SER A C   1 
ATOM   620 O O   A SER A 1 74 ? -7.90395  10.18292  5.76830   0.550 26.92205  ? 445 SER A O   1 
ATOM   621 O O   B SER A 1 74 ? -7.97678  9.83759   5.59140   0.450 32.97970  ? 445 SER A O   1 
ATOM   622 C CB  A SER A 1 74 ? -6.64006  11.39038  3.44434   0.550 30.63891  ? 445 SER A CB  1 
ATOM   623 C CB  B SER A 1 74 ? -6.67506  11.40485  3.60425   0.450 31.15826  ? 445 SER A CB  1 
ATOM   624 O OG  A SER A 1 74 ? -5.80736  12.29979  2.74896   0.550 32.36010  ? 445 SER A OG  1 
ATOM   625 O OG  B SER A 1 74 ? -7.13196  10.53882  2.58286   0.450 33.96499  ? 445 SER A OG  1 
ATOM   626 N N   A SER A 1 75 ? -6.47989  8.46900   5.41024   0.550 26.80205  ? 446 SER A N   1 
ATOM   627 N N   B SER A 1 75 ? -6.30734  8.33182   5.45837   0.450 25.25094  ? 446 SER A N   1 
ATOM   628 C CA  A SER A 1 75 ? -7.44102  7.46608   5.86222   0.550 24.36681  ? 446 SER A CA  1 
ATOM   629 C CA  B SER A 1 75 ? -7.14678  7.22253   5.89941   0.450 24.91241  ? 446 SER A CA  1 
ATOM   630 C C   A SER A 1 75 ? -7.75900  7.59265   7.34778   0.550 29.74646  ? 446 SER A C   1 
ATOM   631 C C   B SER A 1 75 ? -7.51917  7.30349   7.37564   0.450 27.50496  ? 446 SER A C   1 
ATOM   632 O O   A SER A 1 75 ? -8.85099  7.19657   7.77486   0.550 31.31921  ? 446 SER A O   1 
ATOM   633 O O   B SER A 1 75 ? -8.43356  6.59686   7.81051   0.450 28.18926  ? 446 SER A O   1 
ATOM   634 C CB  A SER A 1 75 ? -6.92394  6.06050   5.55384   0.550 23.79962  ? 446 SER A CB  1 
ATOM   635 C CB  B SER A 1 75 ? -6.43807  5.90256   5.62060   0.450 24.94861  ? 446 SER A CB  1 
ATOM   636 O OG  A SER A 1 75 ? -7.85567  5.06661   5.96750   0.550 27.20410  ? 446 SER A OG  1 
ATOM   637 O OG  B SER A 1 75 ? -5.16416  5.88328   6.24126   0.450 18.33607  ? 446 SER A OG  1 
ATOM   638 N N   . GLY A 1 76 ? -6.84171  8.13689   8.15202   1.000 27.48190  ? 447 GLY A N   1 
ATOM   639 C CA  . GLY A 1 76 ? -7.12361  8.24158   9.57327   1.000 27.92313  ? 447 GLY A CA  1 
ATOM   640 C C   . GLY A 1 76 ? -6.34445  7.22987   10.39304  1.000 26.74532  ? 447 GLY A C   1 
ATOM   641 O O   . GLY A 1 76 ? -5.14704  7.05660   10.18993  1.000 32.22405  ? 447 GLY A O   1 
ATOM   642 N N   . LYS A 1 77 ? -7.01891  6.56142   11.32209  1.000 27.03252  ? 448 LYS A N   1 
ATOM   643 C CA  . LYS A 1 77 ? -6.32474  5.68827   12.26041  1.000 27.13049  ? 448 LYS A CA  1 
ATOM   644 C C   . LYS A 1 77 ? -6.12895  4.28465   11.72429  1.000 22.97148  ? 448 LYS A C   1 
ATOM   645 O O   . LYS A 1 77 ? -5.48818  3.46490   12.38732  1.000 24.22545  ? 448 LYS A O   1 
ATOM   646 C CB  . LYS A 1 77 ? -7.08029  5.63497   13.59284  1.000 31.08883  ? 448 LYS A CB  1 
ATOM   647 C CG  . LYS A 1 77 ? -7.18182  6.97634   14.29986  1.000 31.78614  ? 448 LYS A CG  1 
ATOM   648 C CD  . LYS A 1 77 ? -7.63864  6.79495   15.75378  1.000 37.19409  ? 448 LYS A CD  1 
ATOM   649 C CE  . LYS A 1 77 ? -7.86205  8.12747   16.45101  1.000 40.76606  ? 448 LYS A CE  1 
ATOM   650 N NZ  . LYS A 1 77 ? -8.37738  7.92222   17.83917  1.000 47.08696  ? 448 LYS A NZ  1 
ATOM   651 N N   . ASN A 1 78 ? -6.67617  3.97953   10.55582  1.000 21.08447  ? 449 ASN A N   1 
ATOM   652 C CA  . ASN A 1 78 ? -6.56611  2.63826   10.00655  1.000 19.07284  ? 449 ASN A CA  1 
ATOM   653 C C   . ASN A 1 78 ? -6.81559  2.73381   8.50754   1.000 20.62239  ? 449 ASN A C   1 
ATOM   654 O O   . ASN A 1 78 ? -7.32676  3.74105   8.01176   1.000 19.04877  ? 449 ASN A O   1 
ATOM   655 C CB  . ASN A 1 78 ? -7.56203  1.69727   10.69360  1.000 20.10276  ? 449 ASN A CB  1 
ATOM   656 C CG  . ASN A 1 78 ? -8.98979  2.21133   10.60991  1.000 26.18899  ? 449 ASN A CG  1 
ATOM   657 O OD1 . ASN A 1 78 ? -9.59887  2.17969   9.53686   1.000 23.52607  ? 449 ASN A OD1 1 
ATOM   658 N ND2 . ASN A 1 78 ? -9.52279  2.69688   11.72212  1.000 24.13383  ? 449 ASN A ND2 1 
ATOM   659 N N   . VAL A 1 79 ? -6.45200  1.67915   7.78624   1.000 16.52075  ? 450 VAL A N   1 
ATOM   660 C CA  . VAL A 1 79 ? -6.76056  1.62083   6.35349   1.000 15.03661  ? 450 VAL A CA  1 
ATOM   661 C C   . VAL A 1 79 ? -6.88652  0.16334   5.94109   1.000 18.40743  ? 450 VAL A C   1 
ATOM   662 O O   . VAL A 1 79 ? -6.17217  -0.70879  6.44066   1.000 18.14044  ? 450 VAL A O   1 
ATOM   663 C CB  . VAL A 1 79 ? -5.70626  2.37442   5.51178   1.000 19.48726  ? 450 VAL A CB  1 
ATOM   664 C CG1 . VAL A 1 79 ? -4.33041  1.70016   5.60695   1.000 19.83160  ? 450 VAL A CG1 1 
ATOM   665 C CG2 . VAL A 1 79 ? -6.17472  2.54748   4.03805   1.000 19.82443  ? 450 VAL A CG2 1 
ATOM   666 N N   . THR A 1 80 ? -7.80332  -0.09972  5.02252   1.000 17.55785  ? 451 THR A N   1 
ATOM   667 C CA  . THR A 1 80 ? -8.02018  -1.44692  4.51180   1.000 16.14046  ? 451 THR A CA  1 
ATOM   668 C C   . THR A 1 80 ? -7.51790  -1.50562  3.07147   1.000 16.50277  ? 451 THR A C   1 
ATOM   669 O O   . THR A 1 80 ? -7.87280  -0.65466  2.25019   1.000 19.23302  ? 451 THR A O   1 
ATOM   670 C CB  . THR A 1 80 ? -9.50602  -1.80086  4.62365   1.000 20.25218  ? 451 THR A CB  1 
ATOM   671 O OG1 . THR A 1 80 ? -9.86989  -1.83728  6.01561   1.000 20.15172  ? 451 THR A OG1 1 
ATOM   672 C CG2 . THR A 1 80 ? -9.82135  -3.15822  3.98056   1.000 23.72088  ? 451 THR A CG2 1 
ATOM   673 N N   . LEU A 1 81 ? -6.67220  -2.49341  2.77629   1.000 18.50776  ? 452 LEU A N   1 
ATOM   674 C CA  . LEU A 1 81 ? -6.07059  -2.63375  1.45506   1.000 20.32866  ? 452 LEU A CA  1 
ATOM   675 C C   . LEU A 1 81 ? -6.41230  -3.98105  0.83813   1.000 22.75470  ? 452 LEU A C   1 
ATOM   676 O O   . LEU A 1 81 ? -6.34151  -5.01791  1.50524   1.000 22.74579  ? 452 LEU A O   1 
ATOM   677 C CB  . LEU A 1 81 ? -4.54817  -2.51917  1.54259   1.000 19.36476  ? 452 LEU A CB  1 
ATOM   678 C CG  . LEU A 1 81 ? -3.99087  -1.27056  2.22275   1.000 19.68084  ? 452 LEU A CG  1 
ATOM   679 C CD1 . LEU A 1 81 ? -2.45869  -1.33938  2.28162   1.000 20.35260  ? 452 LEU A CD1 1 
ATOM   680 C CD2 . LEU A 1 81 ? -4.43787  -0.04906  1.44223   1.000 19.58179  ? 452 LEU A CD2 1 
ATOM   681 N N   . LEU A 1 82 ? -6.72511  -3.96452  -0.45032  1.000 19.13593  ? 453 LEU A N   1 
ATOM   682 C CA  . LEU A 1 82 ? -6.73780  -5.16379  -1.26620  1.000 18.92515  ? 453 LEU A CA  1 
ATOM   683 C C   . LEU A 1 82 ? -5.46827  -5.11173  -2.09445  1.000 18.97521  ? 453 LEU A C   1 
ATOM   684 O O   . LEU A 1 82 ? -5.25821  -4.14114  -2.82743  1.000 22.08635  ? 453 LEU A O   1 
ATOM   685 C CB  . LEU A 1 82 ? -7.96456  -5.20738  -2.17494  1.000 18.15080  ? 453 LEU A CB  1 
ATOM   686 C CG  . LEU A 1 82 ? -8.09091  -6.41388  -3.10354  1.000 23.26420  ? 453 LEU A CG  1 
ATOM   687 C CD1 . LEU A 1 82 ? -8.34764  -7.64068  -2.26111  1.000 26.31846  ? 453 LEU A CD1 1 
ATOM   688 C CD2 . LEU A 1 82 ? -9.19717  -6.20200  -4.12470  1.000 23.52080  ? 453 LEU A CD2 1 
ATOM   689 N N   . VAL A 1 83 ? -4.62885  -6.14465  -1.98541  1.000 19.49037  ? 454 VAL A N   1 
ATOM   690 C CA  . VAL A 1 83 ? -3.36307  -6.20399  -2.70695  1.000 21.36757  ? 454 VAL A CA  1 
ATOM   691 C C   . VAL A 1 83 ? -3.20515  -7.58420  -3.32393  1.000 25.65312  ? 454 VAL A C   1 
ATOM   692 O O   . VAL A 1 83 ? -3.97283  -8.50628  -3.05219  1.000 28.00043  ? 454 VAL A O   1 
ATOM   693 C CB  . VAL A 1 83 ? -2.16193  -5.90021  -1.78359  1.000 23.57150  ? 454 VAL A CB  1 
ATOM   694 C CG1 . VAL A 1 83 ? -2.41509  -4.64268  -0.96253  1.000 20.41111  ? 454 VAL A CG1 1 
ATOM   695 C CG2 . VAL A 1 83 ? -1.89535  -7.08848  -0.87326  1.000 28.02381  ? 454 VAL A CG2 1 
ATOM   696 N N   A CYS A 1 84 ? -2.19658  -7.72432  -4.17363  0.804 28.24618  ? 455 CYS A N   1 
ATOM   697 N N   B CYS A 1 84 ? -2.17501  -7.71503  -4.15936  0.196 28.47463  ? 455 CYS A N   1 
ATOM   698 C CA  A CYS A 1 84 ? -1.80983  -9.06373  -4.58140  0.804 32.33337  ? 455 CYS A CA  1 
ATOM   699 C CA  B CYS A 1 84 ? -1.78536  -8.98864  -4.74938  0.196 33.35865  ? 455 CYS A CA  1 
ATOM   700 C C   A CYS A 1 84 ? -0.30337  -9.13043  -4.75762  0.804 34.69609  ? 455 CYS A C   1 
ATOM   701 C C   B CYS A 1 84 ? -0.26774  -9.10317  -4.72117  0.196 34.85679  ? 455 CYS A C   1 
ATOM   702 O O   A CYS A 1 84 ? 0.35277   -8.13548  -5.07420  0.804 36.51911  ? 455 CYS A O   1 
ATOM   703 O O   B CYS A 1 84 ? 0.44215   -8.10235  -4.84909  0.196 35.22294  ? 455 CYS A O   1 
ATOM   704 C CB  A CYS A 1 84 ? -2.53310  -9.49704  -5.85234  0.804 42.16723  ? 455 CYS A CB  1 
ATOM   705 C CB  B CYS A 1 84 ? -2.29031  -9.12290  -6.19281  0.196 40.82235  ? 455 CYS A CB  1 
ATOM   706 S SG  A CYS A 1 84 ? -2.04664  -8.60204  -7.30321  0.804 47.48358  ? 455 CYS A SG  1 
ATOM   707 S SG  B CYS A 1 84 ? -4.06989  -8.90507  -6.39035  0.196 42.20350  ? 455 CYS A SG  1 
ATOM   708 N N   . GLY A 1 85 ? 0.22912   -10.33274 -4.55706  1.000 37.95668  ? 456 GLY A N   1 
ATOM   709 C CA  . GLY A 1 85 ? 1.65797   -10.56134 -4.52966  1.000 48.18753  ? 456 GLY A CA  1 
ATOM   710 C C   . GLY A 1 85 ? 2.27382   -10.66453 -5.91075  1.000 59.95763  ? 456 GLY A C   1 
ATOM   711 O O   . GLY A 1 85 ? 1.62028   -10.47595 -6.93698  1.000 70.75641  ? 456 GLY A O   1 
ATOM   712 N N   . LYS A 1 86 ? 3.56785   -10.98487 -5.91862  1.000 71.80996  ? 457 LYS A N   1 
ATOM   713 C CA  . LYS A 1 86 ? 4.39161   -11.01106 -7.13167  1.000 85.32615  ? 457 LYS A CA  1 
ATOM   714 C C   . LYS A 1 86 ? 4.46878   -9.62009  -7.75703  1.000 92.21411  ? 457 LYS A C   1 
ATOM   715 O O   . LYS A 1 86 ? 4.84333   -8.64987  -7.09442  1.000 89.47169  ? 457 LYS A O   1 
ATOM   716 C CB  . LYS A 1 86 ? 3.85520   -12.01840 -8.16072  1.000 84.64452  ? 457 LYS A CB  1 
ATOM   717 C CG  . LYS A 1 86 ? 3.73421   -13.44367 -7.65185  1.000 82.58611  ? 457 LYS A CG  1 
ATOM   718 C CD  . LYS A 1 86 ? 3.17445   -14.36183 -8.72774  1.000 79.40925  ? 457 LYS A CD  1 
ATOM   719 N N   . LEU B 2 3  ? 15.07227  4.47164   -15.19768 1.000 96.13081  ? 722 LEU B N   1 
ATOM   720 C CA  . LEU B 2 3  ? 14.28282  3.80719   -14.16715 1.000 91.84906  ? 722 LEU B CA  1 
ATOM   721 C C   . LEU B 2 3  ? 14.15037  4.68662   -12.92569 1.000 94.01186  ? 722 LEU B C   1 
ATOM   722 O O   . LEU B 2 3  ? 14.79222  4.43467   -11.90500 1.000 100.19792 ? 722 LEU B O   1 
ATOM   723 N N   . GLU B 2 4  ? 13.31287  5.71714   -13.01778 1.000 89.36976  ? 723 GLU B N   1 
ATOM   724 C CA  . GLU B 2 4  ? 13.10136  6.64881   -11.91603 1.000 86.57993  ? 723 GLU B CA  1 
ATOM   725 C C   . GLU B 2 4  ? 12.04887  6.08041   -10.97081 1.000 77.49241  ? 723 GLU B C   1 
ATOM   726 O O   . GLU B 2 4  ? 10.93126  5.76161   -11.39357 1.000 63.26508  ? 723 GLU B O   1 
ATOM   727 C CB  . GLU B 2 4  ? 12.67691  8.02122   -12.43978 1.000 85.05398  ? 723 GLU B CB  1 
ATOM   728 C CG  . GLU B 2 4  ? 12.63061  9.11073   -11.37538 1.000 83.00153  ? 723 GLU B CG  1 
ATOM   729 N N   . THR B 2 5  ? 12.40590  5.95139   -9.69674  1.000 72.29085  ? 724 THR B N   1 
ATOM   730 C CA  . THR B 2 5  ? 11.52824  5.37956   -8.68524  1.000 63.87289  ? 724 THR B CA  1 
ATOM   731 C C   . THR B 2 5  ? 11.03516  6.47711   -7.75606  1.000 61.93905  ? 724 THR B C   1 
ATOM   732 O O   . THR B 2 5  ? 11.83317  7.27988   -7.26140  1.000 61.11786  ? 724 THR B O   1 
ATOM   733 C CB  . THR B 2 5  ? 12.24715  4.29724   -7.87645  1.000 63.52079  ? 724 THR B CB  1 
ATOM   734 O OG1 . THR B 2 5  ? 12.73702  3.28286   -8.76147  1.000 71.61782  ? 724 THR B OG1 1 
ATOM   735 C CG2 . THR B 2 5  ? 11.29913  3.66405   -6.86605  1.000 59.15555  ? 724 THR B CG2 1 
ATOM   736 N N   . LYS B 2 6  ? 9.72270   6.51432   -7.53711  1.000 54.52620  ? 725 LYS B N   1 
ATOM   737 C CA  . LYS B 2 6  ? 9.11770   7.35901   -6.51893  1.000 51.83648  ? 725 LYS B CA  1 
ATOM   738 C C   . LYS B 2 6  ? 8.93138   6.54346   -5.24710  1.000 55.17069  ? 725 LYS B C   1 
ATOM   739 O O   . LYS B 2 6  ? 8.54089   5.37514   -5.30015  1.000 48.13356  ? 725 LYS B O   1 
ATOM   740 C CB  . LYS B 2 6  ? 7.76464   7.90190   -6.98663  1.000 49.17881  ? 725 LYS B CB  1 
ATOM   741 C CG  . LYS B 2 6  ? 7.77348   8.58560   -8.34448  1.000 58.80161  ? 725 LYS B CG  1 
ATOM   742 C CD  . LYS B 2 6  ? 6.34958   8.86534   -8.81367  1.000 51.28618  ? 725 LYS B CD  1 
ATOM   743 C CE  . LYS B 2 6  ? 6.33260   9.48758   -10.19128 1.000 58.17992  ? 725 LYS B CE  1 
ATOM   744 N NZ  . LYS B 2 6  ? 4.95779   9.88285   -10.57800 1.000 55.32305  ? 725 LYS B NZ  1 
ATOM   745 N N   . LYS B 2 7  ? 9.22763   7.15962   -4.10160  1.000 50.00719  ? 726 LYS B N   1 
ATOM   746 C CA  . LYS B 2 7  ? 9.13604   6.48346   -2.81506  1.000 47.21594  ? 726 LYS B CA  1 
ATOM   747 C C   . LYS B 2 7  ? 8.51902   7.42954   -1.79709  1.000 47.04998  ? 726 LYS B C   1 
ATOM   748 O O   . LYS B 2 7  ? 8.85596   8.61636   -1.76298  1.000 46.46760  ? 726 LYS B O   1 
ATOM   749 C CB  . LYS B 2 7  ? 10.52045  6.01441   -2.32382  1.000 50.91313  ? 726 LYS B CB  1 
ATOM   750 C CG  . LYS B 2 7  ? 11.27260  5.13452   -3.32167  1.000 59.95459  ? 726 LYS B CG  1 
ATOM   751 C CD  . LYS B 2 7  ? 12.59567  4.61805   -2.77219  1.000 64.02474  ? 726 LYS B CD  1 
ATOM   752 C CE  . LYS B 2 7  ? 13.34180  3.80717   -3.82929  1.000 68.14011  ? 726 LYS B CE  1 
ATOM   753 N NZ  . LYS B 2 7  ? 14.62098  3.22982   -3.32983  1.000 72.51803  ? 726 LYS B NZ  1 
ATOM   754 N N   . THR B 2 8  ? 7.62202   6.89901   -0.96544  1.000 41.15806  ? 727 THR B N   1 
ATOM   755 C CA  . THR B 2 8  ? 7.00670   7.66866   0.11032   1.000 38.82249  ? 727 THR B CA  1 
ATOM   756 C C   . THR B 2 8  ? 6.86655   6.79805   1.34986   1.000 36.85720  ? 727 THR B C   1 
ATOM   757 O O   . THR B 2 8  ? 6.27996   5.71442   1.28584   1.000 35.07735  ? 727 THR B O   1 
ATOM   758 C CB  . THR B 2 8  ? 5.63029   8.19897   -0.29884  1.000 36.16701  ? 727 THR B CB  1 
ATOM   759 O OG1 . THR B 2 8  ? 5.75338   8.99625   -1.48209  1.000 41.22110  ? 727 THR B OG1 1 
ATOM   760 C CG2 . THR B 2 8  ? 5.03604   9.03517   0.82501   1.000 35.30705  ? 727 THR B CG2 1 
ATOM   761 N N   A LYS B 2 9  ? 7.41418   7.26343   2.47305   0.845 37.59804  ? 728 LYS B N   1 
ATOM   762 N N   B LYS B 2 9  ? 7.31975   7.29907   2.48699   0.155 37.33848  ? 728 LYS B N   1 
ATOM   763 C CA  A LYS B 2 9  ? 7.20621   6.57286   3.73937   0.845 35.70550  ? 728 LYS B CA  1 
ATOM   764 C CA  B LYS B 2 9  ? 7.18657   6.58141   3.74086   0.155 35.65192  ? 728 LYS B CA  1 
ATOM   765 C C   A LYS B 2 9  ? 5.78121   6.80706   4.22803   0.845 31.58673  ? 728 LYS B C   1 
ATOM   766 C C   B LYS B 2 9  ? 5.78175   6.80450   4.26812   0.155 32.05393  ? 728 LYS B C   1 
ATOM   767 O O   A LYS B 2 9  ? 5.31065   7.94837   4.27153   0.845 34.00116  ? 728 LYS B O   1 
ATOM   768 O O   B LYS B 2 9  ? 5.31235   7.89337   4.30070   0.155 32.45363  ? 728 LYS B O   1 
ATOM   769 C CB  A LYS B 2 9  ? 8.21635   7.05874   4.78474   0.845 38.19047  ? 728 LYS B CB  1 
ATOM   770 C CB  B LYS B 2 9  ? 8.20603   7.07400   4.77126   0.155 38.17446  ? 728 LYS B CB  1 
ATOM   771 C CG  A LYS B 2 9  ? 8.10085   6.35426   6.12746   0.845 36.71363  ? 728 LYS B CG  1 
ATOM   772 C CG  B LYS B 2 9  ? 8.12130   6.40966   6.12097   0.155 36.80184  ? 728 LYS B CG  1 
ATOM   773 C CD  A LYS B 2 9  ? 9.01369   6.99429   7.18619   0.845 39.42715  ? 728 LYS B CD  1 
ATOM   774 C CD  B LYS B 2 9  ? 9.49777   6.35281   6.77921   0.155 42.03135  ? 728 LYS B CD  1 
ATOM   775 C CE  A LYS B 2 9  ? 10.48127  6.90051   6.80796   0.845 44.77837  ? 728 LYS B CE  1 
ATOM   776 C CE  B LYS B 2 9  ? 9.73486   7.39502   7.83569   0.155 44.49046  ? 728 LYS B CE  1 
ATOM   777 N NZ  A LYS B 2 9  ? 11.33164  7.55861   7.85030   0.845 52.99638  ? 728 LYS B NZ  1 
ATOM   778 N NZ  B LYS B 2 9  ? 11.20780  7.63852   7.98033   0.155 50.08322  ? 728 LYS B NZ  1 
ATOM   779 N N   . LEU B 2 10 ? 5.08932   5.72553   4.58344   1.000 29.25511  ? 729 LEU B N   1 
ATOM   780 C CA  . LEU B 2 10 ? 3.70006   5.81049   5.03967   1.000 34.49796  ? 729 LEU B CA  1 
ATOM   781 C C   . LEU B 2 10 ? 3.49056   5.19261   6.42403   1.000 35.70758  ? 729 LEU B C   1 
ATOM   782 O O   . LEU B 2 10 ? 2.50539   5.51921   7.09334   1.000 36.41577  ? 729 LEU B O   1 
ATOM   783 C CB  . LEU B 2 10 ? 2.76452   5.12911   4.03993   1.000 27.53455  ? 729 LEU B CB  1 
ATOM   784 C CG  . LEU B 2 10 ? 2.64283   5.84711   2.69831   1.000 29.62322  ? 729 LEU B CG  1 
ATOM   785 C CD1 . LEU B 2 10 ? 1.79461   5.05475   1.72978   1.000 30.13402  ? 729 LEU B CD1 1 
ATOM   786 C CD2 . LEU B 2 10 ? 2.04602   7.21650   2.91628   1.000 33.23974  ? 729 LEU B CD2 1 
ATOM   787 O OXT . LEU B 2 10 ? 4.27259   4.36202   6.91105   1.000 32.70175  ? 729 LEU B OXT 1 
HETATM 788 C C1  . GOL C 3 .  ? 3.78660   6.26761   -11.54623 1.000 49.73712  ? 501 GOL A C1  1 
HETATM 789 O O1  . GOL C 3 .  ? 4.46974   7.45323   -11.99083 1.000 46.16854  ? 501 GOL A O1  1 
HETATM 790 C C2  . GOL C 3 .  ? 2.30500   6.36071   -11.91609 1.000 45.82767  ? 501 GOL A C2  1 
HETATM 791 O O2  . GOL C 3 .  ? 1.68864   7.49265   -11.27329 1.000 35.27007  ? 501 GOL A O2  1 
HETATM 792 C C3  . GOL C 3 .  ? 1.57589   5.06666   -11.55082 1.000 42.35369  ? 501 GOL A C3  1 
HETATM 793 O O3  . GOL C 3 .  ? 1.94022   4.62136   -10.23815 1.000 41.80894  ? 501 GOL A O3  1 
HETATM 794 O O   . HOH D 4 .  ? -15.49014 -0.50917  -4.52187  0.647 16.83698  ? 601 HOH A O   1 
HETATM 795 O O   . HOH D 4 .  ? -4.10629  7.39252   7.59934   0.686 39.25646  ? 602 HOH A O   1 
HETATM 796 O O   . HOH D 4 .  ? 11.96987  -3.51986  0.17616   0.890 40.08642  ? 603 HOH A O   1 
HETATM 797 O O   . HOH D 4 .  ? 6.16714   1.05572   12.60581  0.992 57.33429  ? 604 HOH A O   1 
HETATM 798 O O   . HOH D 4 .  ? 4.48821   -9.67921  -3.07860  0.572 23.83051  ? 605 HOH A O   1 
HETATM 799 O O   . HOH D 4 .  ? -9.60108  8.98263   -9.19020  0.795 40.73407  ? 606 HOH A O   1 
HETATM 800 O O   . HOH D 4 .  ? 9.26630   1.65030   5.55514   0.912 27.92491  ? 607 HOH A O   1 
HETATM 801 O O   . HOH D 4 .  ? 6.51701   4.50089   8.39804   1.000 34.54216  ? 608 HOH A O   1 
HETATM 802 O O   . HOH D 4 .  ? 2.99850   2.55484   -18.85715 1.000 60.72640  ? 609 HOH A O   1 
HETATM 803 O O   . HOH D 4 .  ? -1.12028  8.98728   7.54932   1.000 63.80884  ? 610 HOH A O   1 
HETATM 804 O O   . HOH D 4 .  ? 9.68662   -4.98623  2.53895   0.770 35.97823  ? 611 HOH A O   1 
HETATM 805 O O   . HOH D 4 .  ? -10.08546 0.12656   7.76303   1.000 23.27885  ? 612 HOH A O   1 
HETATM 806 O O   . HOH D 4 .  ? -0.45243  4.41393   -8.73859  0.775 26.48028  ? 613 HOH A O   1 
HETATM 807 O O   . HOH D 4 .  ? 10.96919  -2.11973  13.24335  1.000 59.23693  ? 614 HOH A O   1 
HETATM 808 O O   . HOH D 4 .  ? 5.66201   12.46403  -7.17648  0.717 47.80204  ? 615 HOH A O   1 
HETATM 809 O O   . HOH D 4 .  ? -4.85342  10.26282  8.28122   0.790 39.39531  ? 616 HOH A O   1 
HETATM 810 O O   . HOH D 4 .  ? 3.67437   2.49158   17.07502  0.783 34.73233  ? 617 HOH A O   1 
HETATM 811 O O   . HOH D 4 .  ? -10.06360 2.22113   -12.72074 0.967 34.08311  ? 618 HOH A O   1 
HETATM 812 O O   . HOH D 4 .  ? 12.14601  7.47272   2.87052   1.000 65.75849  ? 619 HOH A O   1 
HETATM 813 O O   . HOH D 4 .  ? 2.28351   10.10246  -11.45424 0.967 36.72517  ? 620 HOH A O   1 
HETATM 814 O O   . HOH D 4 .  ? 4.69920   2.14721   -11.04179 1.000 32.26025  ? 621 HOH A O   1 
HETATM 815 O O   . HOH D 4 .  ? -0.17853  12.95402  -9.98249  0.840 39.19054  ? 622 HOH A O   1 
HETATM 816 O O   . HOH D 4 .  ? -1.23719  -12.77388 -2.85321  0.962 56.11632  ? 623 HOH A O   1 
HETATM 817 O O   . HOH D 4 .  ? -11.92748 -3.15156  -8.15372  0.984 35.28421  ? 624 HOH A O   1 
HETATM 818 O O   . HOH D 4 .  ? 5.29752   -2.75035  9.04775   0.902 21.77889  ? 625 HOH A O   1 
HETATM 819 O O   . HOH D 4 .  ? -8.67590  8.10137   2.33177   1.000 44.56321  ? 626 HOH A O   1 
HETATM 820 O O   . HOH D 4 .  ? -11.09388 -4.12734  -0.84896  0.999 21.03168  ? 627 HOH A O   1 
HETATM 821 O O   . HOH D 4 .  ? -7.55748  11.35190  -1.64468  1.000 44.41238  ? 628 HOH A O   1 
HETATM 822 O O   . HOH D 4 .  ? 4.48514   7.57765   -14.71511 1.000 38.74037  ? 629 HOH A O   1 
HETATM 823 O O   . HOH D 4 .  ? -10.11863 3.84390   6.90247   1.000 32.17768  ? 630 HOH A O   1 
HETATM 824 O O   . HOH D 4 .  ? -3.38740  1.69853   -15.24654 0.640 22.90546  ? 631 HOH A O   1 
HETATM 825 O O   . HOH D 4 .  ? -14.05607 -1.04772  -6.19023  1.000 33.27666  ? 632 HOH A O   1 
HETATM 826 O O   . HOH D 4 .  ? -13.92231 4.36422   0.50287   0.870 45.41060  ? 633 HOH A O   1 
HETATM 827 O O   . HOH D 4 .  ? 5.12172   -5.25691  16.94323  0.637 26.44481  ? 634 HOH A O   1 
HETATM 828 O O   . HOH D 4 .  ? 4.00680   2.74760   13.30006  1.000 31.69944  ? 635 HOH A O   1 
HETATM 829 O O   . HOH D 4 .  ? 3.66981   -9.50628  6.66682   0.819 28.05795  ? 636 HOH A O   1 
HETATM 830 O O   . HOH D 4 .  ? 5.58966   -5.44613  -7.56502  0.679 42.55164  ? 637 HOH A O   1 
HETATM 831 O O   . HOH D 4 .  ? -1.65596  3.32841   -11.77340 0.983 31.03561  ? 638 HOH A O   1 
HETATM 832 O O   . HOH D 4 .  ? 0.44179   12.84280  -2.71999  0.741 31.14678  ? 639 HOH A O   1 
HETATM 833 O O   . HOH D 4 .  ? -15.17609 2.22811   -1.28734  0.443 24.28840  ? 640 HOH A O   1 
HETATM 834 O O   . HOH D 4 .  ? -0.08018  13.73545  -0.33211  1.000 53.73469  ? 641 HOH A O   1 
HETATM 835 O O   . HOH D 4 .  ? -4.22850  4.28587   14.85945  0.803 22.64479  ? 642 HOH A O   1 
HETATM 836 O O   . HOH D 4 .  ? -2.10284  2.22909   -8.29157  1.000 33.77970  ? 643 HOH A O   1 
HETATM 837 O O   . HOH D 4 .  ? -1.39156  -0.45539  -8.25809  0.871 31.72093  ? 644 HOH A O   1 
HETATM 838 O O   . HOH D 4 .  ? -2.16724  13.98228  2.34930   1.000 74.29312  ? 645 HOH A O   1 
HETATM 839 O O   . HOH D 4 .  ? -11.12492 7.61619   17.30686  0.859 73.29219  ? 646 HOH A O   1 
HETATM 840 O O   . HOH D 4 .  ? 7.37396   -10.02177 12.20936  0.871 49.64579  ? 647 HOH A O   1 
HETATM 841 O O   . HOH D 4 .  ? 12.89335  0.73862   -1.80346  1.000 47.18596  ? 648 HOH A O   1 
HETATM 842 O O   . HOH D 4 .  ? -5.79599  -10.23790 6.73905   0.963 55.16541  ? 649 HOH A O   1 
HETATM 843 O O   . HOH D 4 .  ? -10.49085 -4.59560  -9.14989  1.000 61.27326  ? 650 HOH A O   1 
HETATM 844 O O   . HOH D 4 .  ? -8.41500  3.14486   -10.62154 0.852 24.04917  ? 651 HOH A O   1 
HETATM 845 O O   . HOH D 4 .  ? -6.54526  -4.30291  11.73105  0.811 25.07378  ? 652 HOH A O   1 
HETATM 846 O O   . HOH D 4 .  ? -13.76084 1.81563   -7.02146  1.000 30.99184  ? 653 HOH A O   1 
HETATM 847 O O   . HOH D 4 .  ? -10.45015 5.62787   9.65334   1.000 48.33412  ? 654 HOH A O   1 
HETATM 848 O O   . HOH D 4 .  ? -9.85278  -2.02645  0.30348   1.000 22.68672  ? 655 HOH A O   1 
HETATM 849 O O   . HOH D 4 .  ? 1.86185   -11.75424 -0.83347  0.992 49.39011  ? 656 HOH A O   1 
HETATM 850 O O   . HOH D 4 .  ? -1.99374  -0.66589  -12.34401 1.000 63.14755  ? 657 HOH A O   1 
HETATM 851 O O   . HOH D 4 .  ? -9.91457  6.82612   11.70110  1.000 41.26191  ? 658 HOH A O   1 
HETATM 852 O O   . HOH D 4 .  ? -9.98555  5.41551   -0.53978  1.000 35.36313  ? 659 HOH A O   1 
HETATM 853 O O   . HOH D 4 .  ? -7.07791  -12.13586 2.48051   1.000 43.77045  ? 660 HOH A O   1 
HETATM 854 O O   . HOH D 4 .  ? -8.44334  10.83502  18.27517  0.927 46.51034  ? 661 HOH A O   1 
HETATM 855 O O   . HOH D 4 .  ? -2.69689  7.19519   -13.72922 1.000 36.98337  ? 662 HOH A O   1 
HETATM 856 O O   . HOH D 4 .  ? 2.86832   5.35343   -15.09849 0.728 30.21720  ? 663 HOH A O   1 
HETATM 857 O O   . HOH D 4 .  ? -9.95120  6.43294   1.94482   1.000 57.26717  ? 664 HOH A O   1 
HETATM 858 O O   . HOH D 4 .  ? -1.72240  -3.39651  11.58220  1.000 26.67726  ? 665 HOH A O   1 
HETATM 859 O O   . HOH D 4 .  ? -9.10788  -0.85629  -13.30902 0.949 41.28229  ? 666 HOH A O   1 
HETATM 860 O O   . HOH D 4 .  ? 2.22173   -11.30372 9.37315   1.000 72.75954  ? 667 HOH A O   1 
HETATM 861 O O   . HOH D 4 .  ? -5.02392  -7.73475  8.09500   0.966 29.61258  ? 668 HOH A O   1 
HETATM 862 O O   . HOH D 4 .  ? 7.23544   0.02883   14.84798  1.000 69.60432  ? 669 HOH A O   1 
HETATM 863 O O   . HOH D 4 .  ? -12.84235 9.32717   -4.71403  1.000 58.68246  ? 670 HOH A O   1 
HETATM 864 O O   . HOH D 4 .  ? 7.70270   -10.96956 -1.00360  0.814 43.95898  ? 671 HOH A O   1 
HETATM 865 O O   . HOH D 4 .  ? -0.10864  -10.54424 13.09968  1.000 54.08835  ? 672 HOH A O   1 
HETATM 866 O O   . HOH D 4 .  ? 11.18475  -2.69887  -7.29150  1.000 70.70381  ? 673 HOH A O   1 
HETATM 867 O O   . HOH D 4 .  ? -1.06249  6.81630   15.60552  1.000 53.55504  ? 674 HOH A O   1 
HETATM 868 O O   . HOH D 4 .  ? -13.49838 7.94499   -3.13538  0.890 50.97419  ? 675 HOH A O   1 
HETATM 869 O O   . HOH D 4 .  ? 2.76650   13.36664  0.27973   1.000 62.54569  ? 676 HOH A O   1 
HETATM 870 O O   . HOH D 4 .  ? -0.52359  -2.48431  13.97541  0.797 28.08295  ? 677 HOH A O   1 
HETATM 871 O O   . HOH D 4 .  ? -9.10405  10.91816  -0.09368  1.000 67.16338  ? 678 HOH A O   1 
HETATM 872 O O   . HOH D 4 .  ? -4.45433  -11.68639 5.36943   1.000 69.89577  ? 679 HOH A O   1 
HETATM 873 O O   . HOH D 4 .  ? -4.73091  -7.38663  10.78591  1.000 42.44087  ? 680 HOH A O   1 
HETATM 874 O O   . HOH D 4 .  ? 3.64833   -11.03348 11.19471  1.000 63.29411  ? 681 HOH A O   1 
HETATM 875 O O   . HOH D 4 .  ? -3.17215  -5.55866  12.03030  1.000 45.16754  ? 682 HOH A O   1 
HETATM 876 O O   . HOH D 4 .  ? -12.49147 6.13152   3.15124   1.000 59.04037  ? 683 HOH A O   1 
HETATM 877 O O   . HOH D 4 .  ? 8.73963   -8.25591  3.44340   1.000 64.43408  ? 684 HOH A O   1 
HETATM 878 O O   . HOH D 4 .  ? 11.50860  -0.53200  -5.64064  1.000 57.02283  ? 685 HOH A O   1 
HETATM 879 O O   . HOH D 4 .  ? -12.57221 0.57723   -13.24021 1.000 55.18956  ? 686 HOH A O   1 
HETATM 880 O O   . HOH D 4 .  ? -3.48764  14.43824  4.30608   1.000 77.48269  ? 687 HOH A O   1 
HETATM 881 O O   . HOH D 4 .  ? 7.94967   -10.21052 2.65629   1.000 60.49658  ? 688 HOH A O   1 
HETATM 882 O O   . HOH D 4 .  ? 2.39171   -2.03453  15.47135  1.000 61.36997  ? 689 HOH A O   1 
HETATM 883 O O   . HOH D 4 .  ? 8.79148   -1.24228  15.88949  1.000 63.19559  ? 690 HOH A O   1 
HETATM 884 O O   . HOH D 4 .  ? -0.65186  12.67883  6.65623   1.000 61.86688  ? 691 HOH A O   1 
HETATM 885 O O   . HOH D 4 .  ? -12.00679 6.49233   6.05634   1.000 64.29562  ? 692 HOH A O   1 
HETATM 886 O O   . HOH D 4 .  ? -15.65991 2.54420   -5.37133  1.000 68.25269  ? 693 HOH A O   1 
HETATM 887 O O   . HOH D 4 .  ? 4.52572   -12.30757 -2.61575  1.000 76.50259  ? 694 HOH A O   1 
HETATM 888 O O   . HOH D 4 .  ? 8.37951   -8.26403  15.19436  0.589 44.80488  ? 695 HOH A O   1 
HETATM 889 O O   . HOH D 4 .  ? -3.30330  6.76420   15.11545  1.000 42.00739  ? 696 HOH A O   1 
HETATM 890 O O   . HOH D 4 .  ? 7.27854   9.09281   -17.68888 0.704 52.49581  ? 697 HOH A O   1 
HETATM 891 O O   . HOH D 4 .  ? -12.57129 6.40688   0.16789   1.000 56.45677  ? 698 HOH A O   1 
HETATM 892 O O   . HOH D 4 .  ? -1.72405  4.05381   -14.28462 0.744 32.65947  ? 699 HOH A O   1 
HETATM 893 O O   . HOH D 4 .  ? 0.27638   4.71312   -15.93985 0.988 44.90006  ? 700 HOH A O   1 
HETATM 894 O O   . HOH D 4 .  ? 16.43997  -11.07267 16.42499  1.000 66.08958  ? 701 HOH A O   1 
HETATM 895 O O   . HOH D 4 .  ? 0.49428   3.13763   -18.10897 0.993 45.58053  ? 702 HOH A O   1 
HETATM 896 O O   . HOH D 4 .  ? 9.54815   -6.36086  16.65851  1.000 73.80652  ? 703 HOH A O   1 
HETATM 897 O O   . HOH D 4 .  ? -11.46897 10.91303  18.30878  0.663 51.69766  ? 704 HOH A O   1 
HETATM 898 O O   . HOH D 4 .  ? 2.73795   12.54665  -3.20346  0.870 53.32302  ? 705 HOH A O   1 
HETATM 899 O O   . HOH D 4 .  ? -5.20604  -4.84098  13.98407  1.000 43.12867  ? 706 HOH A O   1 
HETATM 900 O O   . HOH D 4 .  ? -0.36398  10.23111  -14.32617 1.000 65.96712  ? 707 HOH A O   1 
HETATM 901 O O   . HOH D 4 .  ? -15.21552 6.64014   -4.98979  0.658 48.56163  ? 708 HOH A O   1 
HETATM 902 O O   . HOH D 4 .  ? -11.51584 -12.45375 -5.84334  1.000 61.59607  ? 709 HOH A O   1 
HETATM 903 O O   . HOH E 4 .  ? 13.09818  8.92306   7.37766   0.985 72.64909  ? 801 HOH B O   1 
HETATM 904 O O   . HOH E 4 .  ? 11.03759  10.04254  7.27939   1.000 107.65695 ? 802 HOH B O   1 
HETATM 905 O O   . HOH E 4 .  ? 16.06617  3.19626   -1.13127  1.000 72.77133  ? 803 HOH B O   1 
HETATM 906 O O   . HOH E 4 .  ? 4.85231   11.50553  -1.80183  1.000 49.36499  ? 804 HOH B O   1 
HETATM 907 O O   . HOH E 4 .  ? 0.77242   7.57307   6.69445   1.000 45.78041  ? 805 HOH B O   1 
HETATM 908 O O   . HOH E 4 .  ? 3.24257   9.65086   4.93369   0.998 57.08510  ? 806 HOH B O   1 
HETATM 909 O O   . HOH E 4 .  ? 11.47958  5.18099   -15.01842 0.998 64.17740  ? 807 HOH B O   1 
HETATM 910 O O   . HOH E 4 .  ? 15.61475  4.92621   -9.28437  1.000 62.11150  ? 808 HOH B O   1 
HETATM 911 O O   . HOH E 4 .  ? 8.99653   9.63968   2.39500   0.793 33.89665  ? 809 HOH B O   1 
HETATM 912 O O   . HOH E 4 .  ? 9.42969   10.47228  -4.21738  1.000 62.97508  ? 810 HOH B O   1 
HETATM 913 O O   . HOH E 4 .  ? 6.22365   11.05425  4.12543   1.000 58.80169  ? 811 HOH B O   1 
HETATM 914 O O   . HOH E 4 .  ? 9.05730   11.32023  0.30133   1.000 77.16924  ? 812 HOH B O   1 
HETATM 915 O O   . HOH E 4 .  ? 11.50736  9.78183   -3.79864  1.000 72.84960  ? 813 HOH B O   1 
HETATM 916 O O   . HOH E 4 .  ? 10.85491  8.92910   1.27655   1.000 73.83787  ? 814 HOH B O   1 
HETATM 917 O O   . HOH E 4 .  ? 13.39639  10.01648  5.43710   1.000 89.12528  ? 815 HOH B O   1 
# 
loop_
_atom_site_anisotrop.id 
_atom_site_anisotrop.type_symbol 
_atom_site_anisotrop.pdbx_label_atom_id 
_atom_site_anisotrop.pdbx_label_alt_id 
_atom_site_anisotrop.pdbx_label_comp_id 
_atom_site_anisotrop.pdbx_label_asym_id 
_atom_site_anisotrop.pdbx_label_seq_id 
_atom_site_anisotrop.pdbx_PDB_ins_code 
_atom_site_anisotrop.U[1][1] 
_atom_site_anisotrop.U[2][2] 
_atom_site_anisotrop.U[3][3] 
_atom_site_anisotrop.U[1][2] 
_atom_site_anisotrop.U[1][3] 
_atom_site_anisotrop.U[2][3] 
_atom_site_anisotrop.pdbx_auth_seq_id 
_atom_site_anisotrop.pdbx_auth_comp_id 
_atom_site_anisotrop.pdbx_auth_asym_id 
_atom_site_anisotrop.pdbx_auth_atom_id 
1   N N   . SER A 1  ? 1.24909 1.04155 0.77728 -0.03225 0.13815  -0.26985 372 SER A N   
2   C CA  . SER A 1  ? 1.31540 1.06521 0.78430 -0.05098 0.11061  -0.30021 372 SER A CA  
3   C C   . SER A 1  ? 1.38085 1.09003 0.85987 -0.07714 0.06155  -0.28389 372 SER A C   
4   O O   . SER A 1  ? 1.26900 0.95084 0.81275 -0.06621 0.05415  -0.27792 372 SER A O   
5   C CB  . SER A 1  ? 1.25786 0.97292 0.73841 -0.02260 0.12922  -0.35222 372 SER A CB  
6   O OG  . SER A 1  ? 1.28090 0.94116 0.73598 -0.03903 0.09180  -0.38027 372 SER A OG  
7   N N   . MET A 2  ? 1.46562 1.17310 0.88717 -0.11166 0.02615  -0.27137 373 MET A N   
8   C CA  . MET A 2  ? 1.39316 1.06830 0.83748 -0.13581 -0.02375 -0.24704 373 MET A CA  
9   C C   . MET A 2  ? 1.41187 1.03017 0.89189 -0.13056 -0.04511 -0.27689 373 MET A C   
10  O O   . MET A 2  ? 1.36992 0.96697 0.88263 -0.14844 -0.08602 -0.25105 373 MET A O   
11  C CB  . MET A 2  ? 1.38464 1.07537 0.77626 -0.17350 -0.05972 -0.21897 373 MET A CB  
12  C CG  . MET A 2  ? 1.28938 0.99889 0.72050 -0.19177 -0.08895 -0.15984 373 MET A CG  
13  S SD  . MET A 2  ? 1.34066 1.11481 0.74222 -0.19983 -0.06656 -0.12777 373 MET A SD  
14  C CE  . MET A 2  ? 1.25231 1.03750 0.65035 -0.24240 -0.12008 -0.07376 373 MET A CE  
15  N N   . HIS A 3  ? 1.44778 1.04546 0.93248 -0.10526 -0.01924 -0.32731 374 HIS A N   
16  C CA  . HIS A 3  ? 1.42128 0.96588 0.95329 -0.10034 -0.04031 -0.35701 374 HIS A CA  
17  C C   . HIS A 3  ? 1.45817 0.98590 1.09038 -0.07875 -0.03476 -0.33530 374 HIS A C   
18  O O   . HIS A 3  ? 1.58192 1.07175 1.27790 -0.07991 -0.05536 -0.33986 374 HIS A O   
19  C CB  . HIS A 3  ? 1.35366 0.87791 0.85609 -0.07899 -0.01987 -0.42095 374 HIS A CB  
20  N N   . LYS A 4  ? 1.26895 0.83078 0.91884 -0.06163 -0.00417 -0.30824 375 LYS A N   
21  C CA  . LYS A 4  ? 1.11178 0.67147 0.85153 -0.03949 0.00542  -0.28058 375 LYS A CA  
22  C C   . LYS A 4  ? 0.90529 0.53536 0.66344 -0.03873 0.01005  -0.22652 375 LYS A C   
23  O O   . LYS A 4  ? 0.92856 0.60090 0.70839 -0.01665 0.04557  -0.22004 375 LYS A O   
24  C CB  . LYS A 4  ? 1.09292 0.65866 0.88153 -0.00026 0.04776  -0.30557 375 LYS A CB  
25  N N   . PRO A 5  ? 0.85371 0.49490 0.60971 -0.06304 -0.02704 -0.18893 376 PRO A N   
26  C CA  . PRO A 5  ? 0.68738 0.39040 0.46701 -0.06022 -0.02087 -0.14547 376 PRO A CA  
27  C C   . PRO A 5  ? 0.56121 0.29391 0.43298 -0.03705 -0.01612 -0.11337 376 PRO A C   
28  O O   . PRO A 5  ? 0.67198 0.38108 0.59377 -0.02928 -0.02652 -0.11098 376 PRO A O   
29  C CB  . PRO A 5  ? 0.76358 0.46423 0.51760 -0.09320 -0.06155 -0.11966 376 PRO A CB  
30  C CG  . PRO A 5  ? 0.86673 0.51216 0.62378 -0.10804 -0.09558 -0.13175 376 PRO A CG  
31  C CD  . PRO A 5  ? 0.91514 0.51711 0.64132 -0.09611 -0.07430 -0.18663 376 PRO A CD  
32  N N   . LYS A 6  ? 0.48632 0.27305 0.37889 -0.02859 -0.00231 -0.08757 377 LYS A N   
33  C CA  . LYS A 6  ? 0.41750 0.24323 0.38339 -0.00876 0.00447  -0.05872 377 LYS A CA  
34  C C   . LYS A 6  ? 0.36047 0.22497 0.33902 -0.01803 -0.00803 -0.02851 377 LYS A C   
35  O O   . LYS A 6  ? 0.38521 0.26400 0.32980 -0.02834 -0.00560 -0.02962 377 LYS A O   
36  C CB  . LYS A 6  ? 0.47355 0.32873 0.45631 0.01532  0.03987  -0.06717 377 LYS A CB  
37  C CG  . LYS A 6  ? 0.58422 0.48563 0.63298 0.03263  0.04540  -0.03716 377 LYS A CG  
38  C CD  . LYS A 6  ? 0.61029 0.53274 0.68339 0.05439  0.07526  -0.04460 377 LYS A CD  
39  C CE  . LYS A 6  ? 0.52489 0.46144 0.55195 0.05208  0.09690  -0.06247 377 LYS A CE  
40  N NZ  . LYS A 6  ? 0.44086 0.40472 0.50204 0.07334  0.12714  -0.06505 377 LYS A NZ  
41  N N   A LEU A 7  ? 0.31475 0.19985 0.34812 -0.01348 -0.01919 -0.00067 378 LEU A N   
42  N N   B LEU A 7  ? 0.31878 0.20029 0.35035 -0.01500 -0.02112 -0.00112 378 LEU A N   
43  C CA  A LEU A 7  ? 0.26439 0.19009 0.32055 -0.01618 -0.02382 0.02198  378 LEU A CA  
44  C CA  B LEU A 7  ? 0.30042 0.21744 0.35374 -0.02031 -0.02934 0.02234  378 LEU A CA  
45  C C   A LEU A 7  ? 0.21705 0.19461 0.30338 0.00380  -0.00192 0.02973  378 LEU A C   
46  C C   B LEU A 7  ? 0.22095 0.19080 0.31375 -0.00044 -0.01026 0.03527  378 LEU A C   
47  O O   A LEU A 7  ? 0.20989 0.19996 0.32808 0.01649  0.00415  0.04036  378 LEU A O   
48  O O   B LEU A 7  ? 0.22050 0.20172 0.34950 0.01009  -0.00799 0.04974  378 LEU A O   
49  C CB  A LEU A 7  ? 0.27711 0.19945 0.37240 -0.02559 -0.04771 0.04759  378 LEU A CB  
50  C CB  B LEU A 7  ? 0.34884 0.25007 0.43011 -0.03486 -0.05805 0.04403  378 LEU A CB  
51  C CG  A LEU A 7  ? 0.29602 0.17943 0.37253 -0.05132 -0.07888 0.05095  378 LEU A CG  
52  C CG  B LEU A 7  ? 0.29001 0.22059 0.39884 -0.04149 -0.06666 0.06499  378 LEU A CG  
53  C CD1 A LEU A 7  ? 0.29384 0.17299 0.42425 -0.05763 -0.10143 0.07940  378 LEU A CD1 
54  C CD1 B LEU A 7  ? 0.29947 0.22552 0.37149 -0.05411 -0.06970 0.05520  378 LEU A CD1 
55  C CD2 A LEU A 7  ? 0.30148 0.20287 0.37073 -0.06193 -0.08386 0.05798  378 LEU A CD2 
56  C CD2 B LEU A 7  ? 0.25741 0.17177 0.40216 -0.05647 -0.09559 0.09004  378 LEU A CD2 
57  N N   A CYS A 8  ? 0.24017 0.24803 0.31972 0.00419  0.00620  0.02646  379 CYS A N   
58  N N   B CYS A 8  ? 0.19248 0.19528 0.27922 0.00234  0.00062  0.03149  379 CYS A N   
59  C CA  A CYS A 8  ? 0.18331 0.24008 0.28296 0.01886  0.02247  0.02944  379 CYS A CA  
60  C CA  B CYS A 8  ? 0.20654 0.26003 0.31830 0.01757  0.01610  0.03800  379 CYS A CA  
61  C C   A CYS A 8  ? 0.22175 0.30838 0.33528 0.01627  0.02019  0.03034  379 CYS A C   
62  C C   B CYS A 8  ? 0.19201 0.27470 0.31297 0.01505  0.01596  0.03624  379 CYS A C   
63  O O   A CYS A 8  ? 0.19483 0.26689 0.29921 0.00531  0.01262  0.02354  379 CYS A O   
64  O O   B CYS A 8  ? 0.13708 0.20086 0.25246 0.00296  0.00513  0.03261  379 CYS A O   
65  C CB  A CYS A 8  ? 0.19822 0.26043 0.27933 0.02487  0.03873  0.01527  379 CYS A CB  
66  C CB  B CYS A 8  ? 0.21925 0.28276 0.31951 0.02782  0.03343  0.02664  379 CYS A CB  
67  S SG  A CYS A 8  ? 0.22364 0.24886 0.29440 0.03258  0.05003  0.00361  379 CYS A SG  
68  S SG  B CYS A 8  ? 0.36265 0.41426 0.42409 0.01903  0.04011  0.00675  379 CYS A SG  
69  N N   . ARG A 9  ? 0.13820 0.26839 0.27589 0.02585  0.02700  0.03869  380 ARG A N   
70  C CA  . ARG A 9  ? 0.09311 0.25279 0.24533 0.02683  0.02989  0.03018  380 ARG A CA  
71  C C   . ARG A 9  ? 0.14950 0.34349 0.28950 0.03284  0.03960  0.01690  380 ARG A C   
72  O O   . ARG A 9  ? 0.14923 0.35616 0.27872 0.03607  0.04183  0.02653  380 ARG A O   
73  C CB  . ARG A 9  ? 0.12579 0.30771 0.30618 0.03022  0.03129  0.04552  380 ARG A CB  
74  C CG  . ARG A 9  ? 0.10699 0.30684 0.29529 0.03234  0.03779  0.02494  380 ARG A CG  
75  C CD  . ARG A 9  ? 0.13197 0.34871 0.33393 0.03517  0.04333  0.03621  380 ARG A CD  
76  N NE  . ARG A 9  ? 0.11649 0.35286 0.33693 0.03975  0.05455  0.01124  380 ARG A NE  
77  C CZ  . ARG A 9  ? 0.14494 0.40140 0.35137 0.04468  0.07046  -0.00633 380 ARG A CZ  
78  N NH1 . ARG A 9  ? 0.13553 0.40643 0.30002 0.04380  0.06899  -0.00332 380 ARG A NH1 
79  N NH2 . ARG A 9  ? 0.14389 0.40937 0.37064 0.05304  0.08448  -0.02140 380 ARG A NH2 
80  N N   . LEU A 10 ? 0.11316 0.30886 0.25294 0.02950  0.03871  -0.00270 381 LEU A N   
81  C CA  . LEU A 10 ? 0.11299 0.32256 0.23729 0.02930  0.03985  -0.01446 381 LEU A CA  
82  C C   . LEU A 10 ? 0.13181 0.36071 0.25955 0.03056  0.04097  -0.03357 381 LEU A C   
83  O O   . LEU A 10 ? 0.13159 0.35139 0.28311 0.03047  0.04035  -0.04540 381 LEU A O   
84  C CB  . LEU A 10 ? 0.14614 0.34938 0.27377 0.02363  0.03678  -0.02250 381 LEU A CB  
85  C CG  . LEU A 10 ? 0.14769 0.33874 0.26467 0.02390  0.04235  -0.01010 381 LEU A CG  
86  C CD1 . LEU A 10 ? 0.14872 0.29645 0.25240 0.01898  0.03958  -0.00242 381 LEU A CD1 
87  C CD2 . LEU A 10 ? 0.18830 0.38118 0.30878 0.01665  0.04122  -0.01503 381 LEU A CD2 
88  N N   . ALA A 11 ? 0.13819 0.39989 0.24595 0.03194  0.04220  -0.03795 382 ALA A N   
89  C CA  . ALA A 11 ? 0.16215 0.45454 0.26571 0.03304  0.04493  -0.06653 382 ALA A CA  
90  C C   . ALA A 11 ? 0.17866 0.48812 0.28525 0.02731  0.03605  -0.09239 382 ALA A C   
91  O O   . ALA A 11 ? 0.22416 0.55617 0.31898 0.02390  0.03040  -0.08013 382 ALA A O   
92  C CB  . ALA A 11 ? 0.17670 0.51278 0.25473 0.03540  0.05014  -0.05643 382 ALA A CB  
93  N N   A LYS A 12 ? 0.17814 0.47852 0.31279 0.02596  0.03351  -0.12688 383 LYS A N   
94  N N   B LYS A 12 ? 0.16574 0.46679 0.30002 0.02598  0.03358  -0.12723 383 LYS A N   
95  C CA  A LYS A 12 ? 0.21652 0.52739 0.37141 0.01792  0.02069  -0.15156 383 LYS A CA  
96  C CA  B LYS A 12 ? 0.22089 0.53161 0.37564 0.01785  0.02063  -0.15075 383 LYS A CA  
97  C C   A LYS A 12 ? 0.22466 0.58330 0.34687 0.01351  0.01571  -0.17105 383 LYS A C   
98  C C   B LYS A 12 ? 0.18325 0.54077 0.30659 0.01335  0.01537  -0.17224 383 LYS A C   
99  O O   A LYS A 12 ? 0.24141 0.63377 0.33793 0.01847  0.02662  -0.19335 383 LYS A O   
100 O O   B LYS A 12 ? 0.24588 0.63505 0.34537 0.01822  0.02592  -0.19752 383 LYS A O   
101 C CB  A LYS A 12 ? 0.25048 0.52648 0.45079 0.01577  0.01360  -0.18198 383 LYS A CB  
102 C CB  B LYS A 12 ? 0.25748 0.53118 0.45860 0.01523  0.01297  -0.17846 383 LYS A CB  
103 C CG  A LYS A 12 ? 0.28856 0.55500 0.51142 0.00256  -0.00774 -0.19987 383 LYS A CG  
104 C CG  B LYS A 12 ? 0.26316 0.51807 0.49135 0.00113  -0.00809 -0.17918 383 LYS A CG  
105 C CD  A LYS A 12 ? 0.35184 0.58040 0.63554 0.00027  -0.01761 -0.22616 383 LYS A CD  
106 C CD  B LYS A 12 ? 0.33223 0.54434 0.62018 -0.00373 -0.01873 -0.18394 383 LYS A CD  
107 C CE  A LYS A 12 ? 0.39695 0.58906 0.71751 -0.00435 -0.02256 -0.18751 383 LYS A CE  
108 C CE  B LYS A 12 ? 0.42397 0.62943 0.74658 0.00154  -0.02002 -0.23490 383 LYS A CE  
109 N NZ  A LYS A 12 ? 0.45410 0.61101 0.84790 -0.00796 -0.03613 -0.20327 383 LYS A NZ  
110 N NZ  B LYS A 12 ? 0.47386 0.63656 0.87317 -0.00318 -0.03354 -0.23246 383 LYS A NZ  
111 N N   . GLY A 13 ? 0.25253 0.61913 0.37540 0.00258  -0.00101 -0.16034 384 GLY A N   
112 C CA  . GLY A 13 ? 0.24757 0.65919 0.34267 -0.00717 -0.01434 -0.17337 384 GLY A CA  
113 C C   . GLY A 13 ? 0.26565 0.66331 0.38201 -0.02087 -0.03713 -0.21107 384 GLY A C   
114 O O   . GLY A 13 ? 0.33831 0.69188 0.49686 -0.02131 -0.04105 -0.22992 384 GLY A O   
115 N N   . GLU A 14 ? 0.28992 0.72640 0.38202 -0.03452 -0.05633 -0.21813 385 GLU A N   
116 C CA  . GLU A 14 ? 0.36429 0.77254 0.47384 -0.04730 -0.07753 -0.24545 385 GLU A CA  
117 C C   . GLU A 14 ? 0.38277 0.75628 0.54858 -0.05508 -0.09226 -0.21653 385 GLU A C   
118 O O   . GLU A 14 ? 0.42302 0.76074 0.62124 -0.06395 -0.10896 -0.23569 385 GLU A O   
119 C CB  . GLU A 14 ? 0.46935 0.91421 0.53452 -0.06064 -0.09320 -0.24674 385 GLU A CB  
120 C CG  . GLU A 14 ? 0.63765 1.10380 0.65211 -0.05698 -0.07990 -0.28689 385 GLU A CG  
121 N N   . ASN A 15 ? 0.28675 0.66936 0.46633 -0.05099 -0.08363 -0.16770 386 ASN A N   
122 C CA  . ASN A 15 ? 0.26870 0.62435 0.49645 -0.05621 -0.08832 -0.13494 386 ASN A CA  
123 C C   . ASN A 15 ? 0.22079 0.54583 0.46411 -0.04556 -0.06782 -0.12115 386 ASN A C   
124 O O   . ASN A 15 ? 0.31439 0.63375 0.57543 -0.04504 -0.05921 -0.08398 386 ASN A O   
125 C CB  . ASN A 15 ? 0.27220 0.65889 0.50697 -0.05881 -0.09044 -0.08980 386 ASN A CB  
126 C CG  . ASN A 15 ? 0.37627 0.74905 0.66533 -0.06737 -0.09723 -0.05907 386 ASN A CG  
127 O OD1 . ASN A 15 ? 0.42221 0.80398 0.72826 -0.05918 -0.08068 -0.02349 386 ASN A OD1 
128 N ND2 . ASN A 15 ? 0.39323 0.74292 0.70929 -0.08274 -0.11800 -0.07341 386 ASN A ND2 
129 N N   . GLY A 16 ? 0.19537 0.50352 0.43239 -0.03753 -0.05917 -0.15026 387 GLY A N   
130 C CA  . GLY A 16 ? 0.15984 0.43797 0.40886 -0.03014 -0.04403 -0.13277 387 GLY A CA  
131 C C   . GLY A 16 ? 0.17828 0.46925 0.38988 -0.01733 -0.02230 -0.10599 387 GLY A C   
132 O O   . GLY A 16 ? 0.18037 0.50239 0.36016 -0.01070 -0.01643 -0.10805 387 GLY A O   
133 N N   . TYR A 17 ? 0.15979 0.42626 0.37520 -0.01572 -0.01200 -0.07883 388 TYR A N   
134 C CA  . TYR A 17 ? 0.13820 0.40473 0.32317 -0.00424 0.00643  -0.05788 388 TYR A CA  
135 C C   . TYR A 17 ? 0.15908 0.43964 0.33699 -0.00093 0.01425  -0.03189 388 TYR A C   
136 O O   . TYR A 17 ? 0.18702 0.45572 0.34389 0.00922  0.02730  -0.01702 388 TYR A O   
137 C CB  . TYR A 17 ? 0.11664 0.34436 0.29971 -0.00571 0.01185  -0.04653 388 TYR A CB  
138 C CG  . TYR A 17 ? 0.12881 0.33808 0.32276 -0.00465 0.00671  -0.06342 388 TYR A CG  
139 C CD1 . TYR A 17 ? 0.15984 0.34364 0.38942 -0.01484 -0.00614 -0.06570 388 TYR A CD1 
140 C CD2 . TYR A 17 ? 0.15463 0.37661 0.33302 0.00663  0.01521  -0.07252 388 TYR A CD2 
141 C CE1 . TYR A 17 ? 0.12841 0.29674 0.38295 -0.01145 -0.00942 -0.07937 388 TYR A CE1 
142 C CE2 . TYR A 17 ? 0.14002 0.35043 0.33761 0.00993  0.01509  -0.08643 388 TYR A CE2 
143 C CZ  . TYR A 17 ? 0.16153 0.34390 0.39960 0.00198  0.00319  -0.09132 388 TYR A CZ  
144 O OH  . TYR A 17 ? 0.13590 0.30816 0.40759 0.00724  0.00406  -0.10337 388 TYR A OH  
145 N N   . GLY A 18 ? 0.13213 0.43120 0.33494 -0.00928 0.00525  -0.02558 389 GLY A N   
146 C CA  . GLY A 18 ? 0.10703 0.41876 0.31422 -0.00412 0.01336  -0.00127 389 GLY A CA  
147 C C   . GLY A 18 ? 0.14617 0.43627 0.35139 0.00199  0.03511  0.01506  389 GLY A C   
148 O O   . GLY A 18 ? 0.14665 0.43117 0.34537 0.01274  0.04804  0.02521  389 GLY A O   
149 N N   . PHE A 19 ? 0.13694 0.41780 0.34842 -0.00645 0.03849  0.01661  390 PHE A N   
150 C CA  . PHE A 19 ? 0.18014 0.45099 0.38099 -0.00370 0.06086  0.03042  390 PHE A CA  
151 C C   . PHE A 19 ? 0.18007 0.45860 0.40023 -0.02085 0.05647  0.04346  390 PHE A C   
152 O O   . PHE A 19 ? 0.17692 0.45581 0.42246 -0.03442 0.03346  0.03942  390 PHE A O   
153 C CB  . PHE A 19 ? 0.19734 0.44065 0.35934 0.00510  0.07597  0.02369  390 PHE A CB  
154 C CG  . PHE A 19 ? 0.14619 0.36908 0.29117 -0.00566 0.06516  0.01781  390 PHE A CG  
155 C CD1 . PHE A 19 ? 0.16747 0.38021 0.31350 -0.00476 0.04863  0.00376  390 PHE A CD1 
156 C CD2 . PHE A 19 ? 0.17994 0.38568 0.30286 -0.01770 0.06984  0.02680  390 PHE A CD2 
157 C CE1 . PHE A 19 ? 0.25905 0.44310 0.39812 -0.01365 0.03646  -0.00023 390 PHE A CE1 
158 C CE2 . PHE A 19 ? 0.15352 0.33068 0.26379 -0.03032 0.05223  0.02618  390 PHE A CE2 
159 C CZ  . PHE A 19 ? 0.24587 0.41088 0.37026 -0.02719 0.03575  0.01329  390 PHE A CZ  
160 N N   . HIS A 20 ? 0.21631 0.58419 0.35293 -0.09626 -0.00042 -0.01019 391 HIS A N   
161 C CA  . HIS A 20 ? 0.18183 0.55706 0.31727 -0.11602 0.00280  0.00136  391 HIS A CA  
162 C C   . HIS A 20 ? 0.23228 0.58718 0.34759 -0.10782 0.00819  0.00160  391 HIS A C   
163 O O   . HIS A 20 ? 0.24431 0.60305 0.35189 -0.08675 0.01338  -0.00715 391 HIS A O   
164 C CB  . HIS A 20 ? 0.19319 0.61154 0.33783 -0.11925 0.00989  0.00831  391 HIS A CB  
165 C CG  . HIS A 20 ? 0.23504 0.65437 0.39205 -0.13290 0.00249  0.01287  391 HIS A CG  
166 N ND1 . HIS A 20 ? 0.26129 0.67609 0.42600 -0.12729 -0.00585 0.00470  391 HIS A ND1 
167 C CD2 . HIS A 20 ? 0.27450 0.70020 0.43819 -0.15186 0.00164  0.02457  391 HIS A CD2 
168 C CE1 . HIS A 20 ? 0.32868 0.74762 0.50452 -0.14233 -0.01198 0.00957  391 HIS A CE1 
169 N NE2 . HIS A 20 ? 0.29230 0.71690 0.46922 -0.15757 -0.00763 0.02163  391 HIS A NE2 
170 N N   . LEU A 21 ? 0.19824 0.52960 0.30512 -0.12407 0.00534  0.01119  392 LEU A N   
171 C CA  . LEU A 21 ? 0.20826 0.52822 0.29578 -0.11980 0.00953  0.01409  392 LEU A CA  
172 C C   . LEU A 21 ? 0.26100 0.62075 0.34839 -0.13255 0.01830  0.02734  392 LEU A C   
173 O O   . LEU A 21 ? 0.29221 0.66023 0.39099 -0.15519 0.01603  0.04083  392 LEU A O   
174 C CB  . LEU A 21 ? 0.23345 0.50403 0.31105 -0.12774 0.00053  0.01813  392 LEU A CB  
175 C CG  . LEU A 21 ? 0.26148 0.51706 0.31824 -0.11922 0.00196  0.01807  392 LEU A CG  
176 C CD1 . LEU A 21 ? 0.24953 0.49538 0.30096 -0.09559 0.00260  0.00204  392 LEU A CD1 
177 C CD2 . LEU A 21 ? 0.26931 0.48392 0.31980 -0.12978 -0.00724 0.02599  392 LEU A CD2 
178 N N   . ASN A 22 ? 0.23269 0.61740 0.30745 -0.11815 0.02827  0.02352  393 ASN A N   
179 C CA  . ASN A 22 ? 0.24584 0.67563 0.31849 -0.12730 0.03949  0.03599  393 ASN A CA  
180 C C   . ASN A 22 ? 0.26500 0.68345 0.30890 -0.12366 0.04238  0.03933  393 ASN A C   
181 O O   . ASN A 22 ? 0.27933 0.66466 0.30670 -0.10809 0.03727  0.02703  393 ASN A O   
182 C CB  . ASN A 22 ? 0.27969 0.76314 0.36320 -0.11174 0.05117  0.02807  393 ASN A CB  
183 C CG  . ASN A 22 ? 0.37219 0.86994 0.48156 -0.11745 0.04688  0.02920  393 ASN A CG  
184 O OD1 . ASN A 22 ? 0.34404 0.81128 0.46268 -0.12931 0.03538  0.03074  393 ASN A OD1 
185 N ND2 . ASN A 22 ? 0.37078 0.90745 0.48798 -0.10619 0.05431  0.02692  393 ASN A ND2 
186 N N   . ALA A 23 ? 0.28467 0.73254 0.32309 -0.13915 0.05008  0.05719  394 ALA A N   
187 C CA  . ALA A 23 ? 0.30795 0.75642 0.31591 -0.13469 0.05447  0.06139  394 ALA A CA  
188 C C   . ALA A 23 ? 0.32671 0.83568 0.33327 -0.14185 0.07059  0.07538  394 ALA A C   
189 O O   . ALA A 23 ? 0.39576 0.91904 0.42451 -0.15334 0.06993  0.08518  394 ALA A O   
190 C CB  . ALA A 23 ? 0.31995 0.72337 0.31552 -0.15052 0.04281  0.07545  394 ALA A CB  
191 N N   . ILE A 24 ? 0.34859 0.87427 0.32578 -0.12860 0.07880  0.07209  395 ILE A N   
192 C CA  . ILE A 24 ? 0.37833 0.94252 0.35026 -0.12762 0.08865  0.08165  395 ILE A CA  
193 C C   . ILE A 24 ? 0.50933 1.06070 0.45801 -0.14343 0.08614  0.10276  395 ILE A C   
194 O O   . ILE A 24 ? 0.41508 0.94401 0.33382 -0.13738 0.08222  0.09874  395 ILE A O   
195 C CB  . ILE A 24 ? 0.47624 1.06941 0.43392 -0.09750 0.09904  0.06011  395 ILE A CB  
196 C CG1 . ILE A 24 ? 0.47468 1.08068 0.45985 -0.08278 0.10019  0.04334  395 ILE A CG1 
197 C CG2 . ILE A 24 ? 0.42488 1.05657 0.37292 -0.09703 0.10984  0.07114  395 ILE A CG2 
198 C CD1 . ILE A 24 ? 0.59199 1.21087 0.56515 -0.05017 0.10627  0.01815  395 ILE A CD1 
199 N N   . ARG A 25 ? 0.45419 1.01669 0.41671 -0.16368 0.08651  0.12545  396 ARG A N   
200 C CA  . ARG A 25 ? 0.50064 1.05045 0.44550 -0.17983 0.08325  0.14879  396 ARG A CA  
201 C C   . ARG A 25 ? 0.53277 1.10394 0.44180 -0.16297 0.09208  0.14442  396 ARG A C   
202 O O   . ARG A 25 ? 0.49824 1.11131 0.40585 -0.14851 0.10482  0.13646  396 ARG A O   
203 C CB  . ARG A 25 ? 0.50020 1.06603 0.46822 -0.20083 0.08447  0.17122  396 ARG A CB  
204 C CG  . ARG A 25 ? 0.59114 1.13259 0.55036 -0.22181 0.07712  0.19800  396 ARG A CG  
205 C CD  . ARG A 25 ? 0.60727 1.16311 0.59287 -0.24215 0.07788  0.21777  396 ARG A CD  
206 N N   . GLY A 26 ? 0.49734 1.03813 0.37686 -0.16323 0.08420  0.14807  397 GLY A N   
207 C CA  . GLY A 26 ? 0.52825 1.08196 0.36992 -0.14620 0.08917  0.14122  397 GLY A CA  
208 C C   . GLY A 26 ? 0.53659 1.07738 0.35673 -0.12058 0.08646  0.11049  397 GLY A C   
209 O O   . GLY A 26 ? 0.57486 1.11456 0.36014 -0.10639 0.08572  0.10208  397 GLY A O   
210 N N   . LEU A 27 ? 0.48246 1.01162 0.32194 -0.11389 0.08384  0.09280  398 LEU A N   
211 C CA  . LEU A 27 ? 0.47122 0.98316 0.29200 -0.08979 0.07928  0.06307  398 LEU A CA  
212 C C   . LEU A 27 ? 0.51739 0.96983 0.34938 -0.09504 0.06017  0.05885  398 LEU A C   
213 O O   . LEU A 27 ? 0.53891 0.97470 0.40163 -0.11165 0.05557  0.07039  398 LEU A O   
214 C CB  . LEU A 27 ? 0.48454 1.02144 0.32473 -0.06867 0.08879  0.03964  398 LEU A CB  
215 C CG  . LEU A 27 ? 0.55878 1.14056 0.39774 -0.05495 0.10297  0.03607  398 LEU A CG  
216 C CD1 . LEU A 27 ? 0.59054 1.18814 0.45084 -0.03316 0.10846  0.01302  398 LEU A CD1 
217 C CD2 . LEU A 27 ? 0.56530 1.14586 0.36344 -0.04062 0.10306  0.02764  398 LEU A CD2 
218 N N   . PRO A 28 ? 0.53389 0.95064 0.34566 -0.08020 0.04732  0.04092  399 PRO A N   
219 C CA  . PRO A 28 ? 0.44535 0.80512 0.27313 -0.08367 0.02881  0.03688  399 PRO A CA  
220 C C   . PRO A 28 ? 0.42845 0.77518 0.28833 -0.07515 0.02819  0.02027  399 PRO A C   
221 O O   . PRO A 28 ? 0.51535 0.88683 0.37896 -0.05862 0.03769  0.00340  399 PRO A O   
222 C CB  . PRO A 28 ? 0.51334 0.84880 0.31118 -0.06872 0.01665  0.02066  399 PRO A CB  
223 C CG  . PRO A 28 ? 0.61587 0.99050 0.38873 -0.04938 0.02914  0.00349  399 PRO A CG  
224 C CD  . PRO A 28 ? 0.57091 0.99904 0.34410 -0.06025 0.04846  0.02365  399 PRO A CD  
225 N N   . GLY A 29 ? 0.37318 0.68088 0.25539 -0.08536 0.01674  0.02544  400 GLY A N   
226 C CA  . GLY A 29 ? 0.34415 0.62992 0.25079 -0.07561 0.01256  0.00922  400 GLY A CA  
227 C C   . GLY A 29 ? 0.32414 0.62652 0.26009 -0.08529 0.01938  0.01632  400 GLY A C   
228 O O   . GLY A 29 ? 0.32980 0.66833 0.26991 -0.09740 0.02941  0.03057  400 GLY A O   
229 N N   A SER A 30 ? 0.29782 0.57479 0.25469 -0.08002 0.01338  0.00633  401 SER A N   
230 N N   B SER A 30 ? 0.29728 0.57339 0.25403 -0.08078 0.01307  0.00704  401 SER A N   
231 C CA  A SER A 30 ? 0.27633 0.56420 0.25995 -0.08724 0.01658  0.00982  401 SER A CA  
232 C CA  B SER A 30 ? 0.27696 0.56658 0.25992 -0.08660 0.01709  0.00945  401 SER A CA  
233 C C   A SER A 30 ? 0.32709 0.61311 0.32242 -0.06767 0.01731  -0.00886 401 SER A C   
234 C C   B SER A 30 ? 0.33862 0.62990 0.33091 -0.06560 0.01882  -0.00997 401 SER A C   
235 O O   A SER A 30 ? 0.30116 0.55444 0.29344 -0.05586 0.00970  -0.02043 401 SER A O   
236 O O   B SER A 30 ? 0.27538 0.54102 0.25958 -0.05066 0.01306  -0.02367 401 SER A O   
237 C CB  A SER A 30 ? 0.29830 0.55164 0.29538 -0.10406 0.00643  0.02077  401 SER A CB  
238 C CB  B SER A 30 ? 0.30231 0.55768 0.30081 -0.10209 0.00711  0.01879  401 SER A CB  
239 O OG  A SER A 30 ? 0.32704 0.57901 0.31575 -0.12258 0.00460  0.04006  401 SER A OG  
240 O OG  B SER A 30 ? 0.32260 0.53648 0.31920 -0.09324 -0.00304 0.00977  401 SER A OG  
241 N N   . PHE A 31 ? 0.28320 0.60478 0.29397 -0.06493 0.02570  -0.01022 402 PHE A N   
242 C CA  . PHE A 31 ? 0.27257 0.59807 0.29276 -0.04416 0.02717  -0.02632 402 PHE A CA  
243 C C   . PHE A 31 ? 0.28363 0.62034 0.32878 -0.04937 0.02666  -0.02303 402 PHE A C   
244 O O   . PHE A 31 ? 0.23828 0.59214 0.29452 -0.06842 0.02764  -0.01011 402 PHE A O   
245 C CB  . PHE A 31 ? 0.29354 0.65700 0.30464 -0.02630 0.03804  -0.03656 402 PHE A CB  
246 C CG  . PHE A 31 ? 0.37240 0.78817 0.38613 -0.03679 0.05019  -0.02452 402 PHE A CG  
247 C CD1 . PHE A 31 ? 0.44510 0.87270 0.43828 -0.04741 0.05469  -0.01387 402 PHE A CD1 
248 C CD2 . PHE A 31 ? 0.39292 0.84925 0.43024 -0.03607 0.05711  -0.02254 402 PHE A CD2 
249 C CE1 . PHE A 31 ? 0.52119 1.00042 0.51805 -0.05846 0.06733  0.00009  402 PHE A CE1 
250 C CE2 . PHE A 31 ? 0.46512 0.97445 0.50889 -0.04715 0.06895  -0.00993 402 PHE A CE2 
251 C CZ  . PHE A 31 ? 0.48212 1.00318 0.50600 -0.05890 0.07482  0.00208  402 PHE A CZ  
252 N N   A ILE A 32 ? 0.24685 0.57282 0.30036 -0.03228 0.02399  -0.03473 403 ILE A N   
253 N N   B ILE A 32 ? 0.24855 0.57486 0.30211 -0.03241 0.02406  -0.03464 403 ILE A N   
254 C CA  A ILE A 32 ? 0.19605 0.52805 0.26986 -0.03327 0.02127  -0.03367 403 ILE A CA  
255 C CA  B ILE A 32 ? 0.19603 0.52819 0.26990 -0.03386 0.02125  -0.03333 403 ILE A CA  
256 C C   A ILE A 32 ? 0.23125 0.61566 0.31843 -0.02619 0.02977  -0.03481 403 ILE A C   
257 C C   B ILE A 32 ? 0.23285 0.61668 0.32015 -0.02605 0.02961  -0.03490 403 ILE A C   
258 O O   A ILE A 32 ? 0.25702 0.66097 0.33935 -0.00738 0.03660  -0.04414 403 ILE A O   
259 O O   B ILE A 32 ? 0.25113 0.65322 0.33378 -0.00668 0.03612  -0.04458 403 ILE A O   
260 C CB  A ILE A 32 ? 0.23422 0.53112 0.30972 -0.01762 0.01460  -0.04290 403 ILE A CB  
261 C CB  B ILE A 32 ? 0.23499 0.53061 0.31048 -0.01929 0.01424  -0.04210 403 ILE A CB  
262 C CG1 A ILE A 32 ? 0.27953 0.53037 0.34316 -0.02176 0.00765  -0.04285 403 ILE A CG1 
263 C CG1 B ILE A 32 ? 0.27616 0.52775 0.34571 -0.03043 0.00623  -0.03781 403 ILE A CG1 
264 C CG2 A ILE A 32 ? 0.26843 0.56807 0.36006 -0.02029 0.01049  -0.04002 403 ILE A CG2 
265 C CG2 B ILE A 32 ? 0.17709 0.48793 0.26989 -0.01380 0.01283  -0.04260 403 ILE A CG2 
266 C CD1 A ILE A 32 ? 0.27232 0.50463 0.33850 -0.04191 0.00237  -0.03242 403 ILE A CD1 
267 C CD1 B ILE A 32 ? 0.30301 0.51903 0.36739 -0.01654 0.00148  -0.04586 403 ILE A CD1 
268 N N   . LYS A 33 ? 0.21800 0.62598 0.32323 -0.04060 0.02863  -0.02632 404 LYS A N   
269 C CA  . LYS A 33 ? 0.19984 0.66007 0.32412 -0.03467 0.03454  -0.02656 404 LYS A CA  
270 C C   . LYS A 33 ? 0.22315 0.68366 0.36535 -0.04112 0.02549  -0.02454 404 LYS A C   
271 O O   . LYS A 33 ? 0.19093 0.61605 0.32972 -0.05407 0.01655  -0.02165 404 LYS A O   
272 C CB  . LYS A 33 ? 0.23931 0.74648 0.36951 -0.05058 0.04408  -0.01523 404 LYS A CB  
273 C CG  . LYS A 33 ? 0.32751 0.84330 0.43693 -0.04365 0.05437  -0.01658 404 LYS A CG  
274 C CD  . LYS A 33 ? 0.32364 0.85643 0.42923 -0.01269 0.06128  -0.03271 404 LYS A CD  
275 C CE  . LYS A 33 ? 0.35602 0.93056 0.47260 -0.00662 0.06746  -0.02981 404 LYS A CE  
276 N NZ  . LYS A 33 ? 0.38232 0.96448 0.49429 0.02485  0.07182  -0.04609 404 LYS A NZ  
277 N N   . GLU A 34 ? 0.17368 0.66763 0.33057 -0.02989 0.02680  -0.02671 405 GLU A N   
278 C CA  . GLU A 34 ? 0.17154 0.66528 0.34009 -0.03648 0.01731  -0.02372 405 GLU A CA  
279 C C   . GLU A 34 ? 0.19765 0.65742 0.36351 -0.03360 0.00750  -0.02839 405 GLU A C   
280 O O   . GLU A 34 ? 0.21913 0.66250 0.38571 -0.04951 -0.00120 -0.02524 405 GLU A O   
281 C CB  . GLU A 34 ? 0.24369 0.74324 0.41721 -0.06355 0.01477  -0.01252 405 GLU A CB  
282 C CG  . GLU A 34 ? 0.29985 0.83702 0.47774 -0.06707 0.02480  -0.00549 405 GLU A CG  
283 C CD  . GLU A 34 ? 0.47720 1.02083 0.66435 -0.09309 0.02129  0.00678  405 GLU A CD  
284 O OE1 . GLU A 34 ? 0.69115 1.21854 0.88563 -0.10372 0.01013  0.00679  405 GLU A OE1 
285 O OE2 . GLU A 34 ? 0.48379 1.04837 0.67058 -0.10229 0.02941  0.01618  405 GLU A OE2 
286 N N   . VAL A 35 ? 0.17303 0.61161 0.33052 -0.01172 0.00853  -0.03589 406 VAL A N   
287 C CA  . VAL A 35 ? 0.15311 0.55203 0.30309 -0.00558 0.00033  -0.03791 406 VAL A CA  
288 C C   . VAL A 35 ? 0.22155 0.64408 0.38474 -0.00298 -0.00695 -0.03675 406 VAL A C   
289 O O   . VAL A 35 ? 0.15366 0.60751 0.32815 0.01192  -0.00557 -0.03791 406 VAL A O   
290 C CB  . VAL A 35 ? 0.15884 0.53004 0.29921 0.01710  0.00253  -0.04406 406 VAL A CB  
291 C CG1 . VAL A 35 ? 0.16660 0.50409 0.30229 0.02352  -0.00455 -0.04295 406 VAL A CG1 
292 C CG2 . VAL A 35 ? 0.16267 0.50819 0.28826 0.01277  0.00680  -0.04621 406 VAL A CG2 
293 N N   A GLN A 36 ? 0.16701 0.57116 0.32613 -0.01652 -0.01530 -0.03493 407 GLN A N   
294 N N   B GLN A 36 ? 0.16581 0.57002 0.32496 -0.01625 -0.01538 -0.03496 407 GLN A N   
295 C CA  A GLN A 36 ? 0.17222 0.59655 0.33962 -0.01534 -0.02431 -0.03478 407 GLN A CA  
296 C CA  B GLN A 36 ? 0.17340 0.60043 0.34186 -0.01568 -0.02432 -0.03471 407 GLN A CA  
297 C C   A GLN A 36 ? 0.15257 0.56287 0.31386 0.00852  -0.02642 -0.03551 407 GLN A C   
298 C C   B GLN A 36 ? 0.15268 0.56335 0.31389 0.00667  -0.02742 -0.03542 407 GLN A C   
299 O O   A GLN A 36 ? 0.18210 0.55151 0.32901 0.01519  -0.02467 -0.03550 407 GLN A O   
300 O O   B GLN A 36 ? 0.16257 0.53161 0.30842 0.01064  -0.02700 -0.03527 407 GLN A O   
301 C CB  A GLN A 36 ? 0.17510 0.58011 0.33599 -0.03582 -0.03299 -0.03517 407 GLN A CB  
302 C CB  B GLN A 36 ? 0.17800 0.59001 0.34179 -0.03825 -0.03284 -0.03457 407 GLN A CB  
303 C CG  A GLN A 36 ? 0.16177 0.57907 0.32395 -0.03506 -0.04350 -0.03652 407 GLN A CG  
304 C CG  B GLN A 36 ? 0.17837 0.59749 0.34764 -0.06016 -0.03103 -0.03016 407 GLN A CG  
305 C CD  A GLN A 36 ? 0.28228 0.67877 0.43659 -0.05466 -0.05248 -0.04003 407 GLN A CD  
306 C CD  B GLN A 36 ? 0.22309 0.61174 0.38546 -0.08131 -0.03830 -0.03076 407 GLN A CD  
307 O OE1 A GLN A 36 ? 0.29796 0.66925 0.44733 -0.06869 -0.05077 -0.04053 407 GLN A OE1 
308 O OE1 B GLN A 36 ? 0.21049 0.58589 0.37170 -0.09633 -0.03520 -0.02620 407 GLN A OE1 
309 N NE2 A GLN A 36 ? 0.18242 0.58723 0.33440 -0.05463 -0.06284 -0.04312 407 GLN A NE2 
310 N NE2 B GLN A 36 ? 0.22238 0.59911 0.37887 -0.08136 -0.04838 -0.03645 407 GLN A NE2 
311 N N   . LYS A 37 ? 0.15686 0.59900 0.32930 0.02091  -0.03035 -0.03442 408 LYS A N   
312 C CA  . LYS A 37 ? 0.16464 0.59763 0.33352 0.04359  -0.03395 -0.03245 408 LYS A CA  
313 C C   . LYS A 37 ? 0.19039 0.59437 0.34225 0.03848  -0.04096 -0.03019 408 LYS A C   
314 O O   . LYS A 37 ? 0.21764 0.63402 0.36843 0.02414  -0.04879 -0.03178 408 LYS A O   
315 C CB  . LYS A 37 ? 0.20132 0.66411 0.38028 0.05563  -0.03695 -0.03006 408 LYS A CB  
316 C CG  . LYS A 37 ? 0.23252 0.68742 0.40820 0.07829  -0.04242 -0.02533 408 LYS A CG  
317 C CD  . LYS A 37 ? 0.35341 0.83808 0.54030 0.08819  -0.04564 -0.02309 408 LYS A CD  
318 C CE  . LYS A 37 ? 0.49808 0.97376 0.68139 0.11030  -0.05206 -0.01622 408 LYS A CE  
319 N NZ  . LYS A 37 ? 0.52990 1.03724 0.72528 0.11818  -0.05721 -0.01378 408 LYS A NZ  
320 N N   . GLY A 38 ? 0.22826 0.59356 0.36691 0.04968  -0.03799 -0.02696 409 GLY A N   
321 C CA  . GLY A 38 ? 0.24481 0.58433 0.36644 0.04709  -0.04169 -0.02380 409 GLY A CA  
322 C C   . GLY A 38 ? 0.23866 0.55225 0.34974 0.02797  -0.03978 -0.02801 409 GLY A C   
323 O O   . GLY A 38 ? 0.29113 0.58394 0.38751 0.02699  -0.04129 -0.02669 409 GLY A O   
324 N N   . GLY A 39 ? 0.20702 0.52269 0.32483 0.01366  -0.03642 -0.03239 410 GLY A N   
325 C CA  . GLY A 39 ? 0.20732 0.49694 0.31700 -0.00349 -0.03559 -0.03548 410 GLY A CA  
326 C C   . GLY A 39 ? 0.22623 0.47828 0.32866 0.00128  -0.02871 -0.03332 410 GLY A C   
327 O O   . GLY A 39 ? 0.20759 0.45139 0.31144 0.01649  -0.02492 -0.02985 410 GLY A O   
328 N N   . PRO A 40 ? 0.21210 0.43997 0.30844 -0.01214 -0.02820 -0.03552 411 PRO A N   
329 C CA  . PRO A 40 ? 0.26521 0.45879 0.35661 -0.00861 -0.02307 -0.03319 411 PRO A CA  
330 C C   . PRO A 40 ? 0.19916 0.38878 0.29619 -0.00336 -0.01856 -0.03226 411 PRO A C   
331 O O   . PRO A 40 ? 0.22696 0.39561 0.32335 0.00650  -0.01595 -0.02959 411 PRO A O   
332 C CB  . PRO A 40 ? 0.20640 0.38202 0.29364 -0.02457 -0.02490 -0.03650 411 PRO A CB  
333 C CG  . PRO A 40 ? 0.25848 0.45019 0.34309 -0.03233 -0.03192 -0.04126 411 PRO A CG  
334 C CD  . PRO A 40 ? 0.23738 0.46614 0.33181 -0.02989 -0.03396 -0.04027 411 PRO A CD  
335 N N   . ALA A 41 ? 0.19990 0.40959 0.30215 -0.01035 -0.01780 -0.03450 412 ALA A N   
336 C CA  . ALA A 41 ? 0.19954 0.40805 0.30328 -0.00422 -0.01347 -0.03588 412 ALA A CA  
337 C C   . ALA A 41 ? 0.19805 0.41347 0.30605 0.01610  -0.01227 -0.03673 412 ALA A C   
338 O O   . ALA A 41 ? 0.21428 0.40879 0.32080 0.02582  -0.01087 -0.03830 412 ALA A O   
339 C CB  . ALA A 41 ? 0.20674 0.44227 0.31398 -0.01538 -0.01141 -0.03670 412 ALA A CB  
340 N N   . ASP A 42 ? 0.18693 0.43005 0.30109 0.02277  -0.01433 -0.03575 413 ASP A N   
341 C CA  . ASP A 42 ? 0.23691 0.48647 0.35644 0.04360  -0.01463 -0.03515 413 ASP A CA  
342 C C   . ASP A 42 ? 0.29111 0.50546 0.40579 0.05234  -0.01590 -0.02980 413 ASP A C   
343 O O   . ASP A 42 ? 0.26860 0.46451 0.38557 0.06498  -0.01516 -0.03044 413 ASP A O   
344 C CB  . ASP A 42 ? 0.20151 0.48832 0.32877 0.04696  -0.01864 -0.03331 413 ASP A CB  
345 C CG  . ASP A 42 ? 0.29123 0.58841 0.42594 0.07003  -0.02016 -0.03151 413 ASP A CG  
346 O OD1 . ASP A 42 ? 0.34937 0.62408 0.48398 0.08370  -0.01797 -0.03283 413 ASP A OD1 
347 O OD2 . ASP A 42 ? 0.28906 0.61716 0.43073 0.07455  -0.02490 -0.02900 413 ASP A OD2 
348 N N   . LEU A 43 ? 0.21537 0.42004 0.32348 0.04539  -0.01784 -0.02456 414 LEU A N   
349 C CA  . LEU A 43 ? 0.25339 0.42992 0.35772 0.05231  -0.01739 -0.01669 414 LEU A CA  
350 C C   . LEU A 43 ? 0.27333 0.41752 0.37868 0.04862  -0.01465 -0.01733 414 LEU A C   
351 O O   . LEU A 43 ? 0.31852 0.44035 0.42716 0.05686  -0.01445 -0.01104 414 LEU A O   
352 C CB  . LEU A 43 ? 0.23380 0.41094 0.32842 0.04550  -0.01844 -0.01266 414 LEU A CB  
353 C CG  . LEU A 43 ? 0.27651 0.48546 0.36860 0.04823  -0.02374 -0.01277 414 LEU A CG  
354 C CD1 . LEU A 43 ? 0.29710 0.50312 0.37527 0.04291  -0.02525 -0.01114 414 LEU A CD1 
355 C CD2 . LEU A 43 ? 0.27556 0.49448 0.37316 0.06697  -0.02601 -0.00596 414 LEU A CD2 
356 N N   . ALA A 44 ? 0.19753 0.33867 0.30110 0.03558  -0.01356 -0.02358 415 ALA A N   
357 C CA  . ALA A 44 ? 0.24403 0.35697 0.34879 0.03164  -0.01286 -0.02442 415 ALA A CA  
358 C C   . ALA A 44 ? 0.32007 0.42603 0.42851 0.04126  -0.01397 -0.03009 415 ALA A C   
359 O O   . ALA A 44 ? 0.33612 0.41651 0.44674 0.04026  -0.01564 -0.03095 415 ALA A O   
360 C CB  . ALA A 44 ? 0.28519 0.39681 0.38568 0.01555  -0.01272 -0.02792 415 ALA A CB  
361 N N   . GLY A 45 ? 0.26226 0.39112 0.37205 0.05103  -0.01366 -0.03511 416 GLY A N   
362 C CA  . GLY A 45 ? 0.29631 0.41910 0.40782 0.06323  -0.01454 -0.04333 416 GLY A CA  
363 C C   . GLY A 45 ? 0.37527 0.51639 0.48072 0.05949  -0.01192 -0.05318 416 GLY A C   
364 O O   . GLY A 45 ? 0.34648 0.47966 0.44942 0.06947  -0.01272 -0.06256 416 GLY A O   
365 N N   . LEU A 46 ? 0.27235 0.43713 0.37468 0.04548  -0.00908 -0.05127 417 LEU A N   
366 C CA  . LEU A 46 ? 0.29063 0.47667 0.38695 0.04058  -0.00534 -0.05711 417 LEU A CA  
367 C C   . LEU A 46 ? 0.31552 0.53770 0.41735 0.05445  -0.00117 -0.06233 417 LEU A C   
368 O O   . LEU A 46 ? 0.26369 0.50401 0.37545 0.06132  -0.00178 -0.05892 417 LEU A O   
369 C CB  . LEU A 46 ? 0.26883 0.46693 0.36264 0.01957  -0.00429 -0.05088 417 LEU A CB  
370 C CG  . LEU A 46 ? 0.23515 0.40167 0.32365 0.00602  -0.00787 -0.04665 417 LEU A CG  
371 C CD1 . LEU A 46 ? 0.25855 0.43686 0.34607 -0.01291 -0.00773 -0.04092 417 LEU A CD1 
372 C CD2 . LEU A 46 ? 0.25517 0.40234 0.33500 0.00809  -0.00942 -0.05177 417 LEU A CD2 
373 N N   . GLU A 47 ? 0.28451 0.51962 0.37943 0.05949  0.00304  -0.07075 418 GLU A N   
374 C CA  . GLU A 47 ? 0.28193 0.55581 0.38236 0.07419  0.00893  -0.07704 418 GLU A CA  
375 C C   . GLU A 47 ? 0.27077 0.58045 0.36565 0.06242  0.01671  -0.07619 418 GLU A C   
376 O O   . GLU A 47 ? 0.23214 0.52892 0.31427 0.04773  0.01670  -0.07371 418 GLU A O   
377 C CB  . GLU A 47 ? 0.43383 0.69144 0.53075 0.09807  0.00790  -0.09050 418 GLU A CB  
378 C CG  . GLU A 47 ? 0.60909 0.83938 0.71600 0.11266  0.00102  -0.08915 418 GLU A CG  
379 C CD  . GLU A 47 ? 0.71263 0.92908 0.81906 0.13767  -0.00076 -0.10331 418 GLU A CD  
380 N N   . ASP A 48 ? 0.26128 0.61825 0.36730 0.06909  0.02329  -0.07663 419 ASP A N   
381 C CA  . ASP A 48 ? 0.27806 0.67672 0.38178 0.05904  0.03264  -0.07390 419 ASP A CA  
382 C C   . ASP A 48 ? 0.35460 0.74276 0.43649 0.06454  0.03674  -0.08293 419 ASP A C   
383 O O   . ASP A 48 ? 0.31399 0.68380 0.38836 0.08581  0.03530  -0.09696 419 ASP A O   
384 C CB  . ASP A 48 ? 0.33937 0.79274 0.46137 0.07174  0.03972  -0.07543 419 ASP A CB  
385 C CG  . ASP A 48 ? 0.41925 0.92273 0.54788 0.05391  0.04868  -0.06585 419 ASP A CG  
386 O OD1 . ASP A 48 ? 0.27899 0.78747 0.41748 0.03096  0.04446  -0.05350 419 ASP A OD1 
387 O OD2 . ASP A 48 ? 0.44098 0.96707 0.56045 0.06121  0.05754  -0.06923 419 ASP A OD2 
388 N N   . GLU A 49 ? 0.22989 0.62780 0.30085 0.04495  0.04055  -0.07464 420 GLU A N   
389 C CA  . GLU A 49 ? 0.24996 0.64398 0.29676 0.04606  0.04424  -0.07999 420 GLU A CA  
390 C C   . GLU A 49 ? 0.26442 0.60234 0.29559 0.04567  0.03330  -0.08546 420 GLU A C   
391 O O   . GLU A 49 ? 0.29458 0.62515 0.30410 0.04946  0.03353  -0.09273 420 GLU A O   
392 C CB  . GLU A 49 ? 0.30764 0.73282 0.34754 0.07082  0.05370  -0.09513 420 GLU A CB  
393 C CG  . GLU A 49 ? 0.44394 0.93342 0.50023 0.07232  0.06656  -0.08962 420 GLU A CG  
394 C CD  . GLU A 49 ? 0.70223 1.22867 0.74800 0.05442  0.07711  -0.07745 420 GLU A CD  
395 O OE1 . GLU A 49 ? 0.85078 1.35191 0.87285 0.04390  0.07417  -0.07472 420 GLU A OE1 
396 O OE2 . GLU A 49 ? 0.70004 1.26536 0.75911 0.04884  0.08311  -0.06721 420 GLU A OE2 
397 N N   . ASP A 50 ? 0.24263 0.54346 0.28408 0.04106  0.02367  -0.08194 421 ASP A N   
398 C CA  . ASP A 50 ? 0.27760 0.53096 0.30850 0.03628  0.01380  -0.08358 421 ASP A CA  
399 C C   . ASP A 50 ? 0.28394 0.53656 0.30227 0.01546  0.01328  -0.07258 421 ASP A C   
400 O O   . ASP A 50 ? 0.27017 0.54096 0.29569 -0.00145 0.01644  -0.05903 421 ASP A O   
401 C CB  . ASP A 50 ? 0.26041 0.48166 0.30654 0.03319  0.00605  -0.07851 421 ASP A CB  
402 C CG  . ASP A 50 ? 0.35254 0.55961 0.40777 0.05393  0.00320  -0.08789 421 ASP A CG  
403 O OD1 . ASP A 50 ? 0.34866 0.56330 0.39824 0.07202  0.00537  -0.10101 421 ASP A OD1 
404 O OD2 . ASP A 50 ? 0.30648 0.49378 0.37391 0.05266  -0.00135 -0.08178 421 ASP A OD2 
405 N N   . VAL A 51 ? 0.28518 0.51414 0.28548 0.01630  0.00746  -0.07804 422 VAL A N   
406 C CA  . VAL A 51 ? 0.28540 0.51093 0.27167 -0.00115 0.00518  -0.06706 422 VAL A CA  
407 C C   . VAL A 51 ? 0.26829 0.45178 0.26174 -0.01101 -0.00625 -0.06136 422 VAL A C   
408 O O   . VAL A 51 ? 0.30278 0.45678 0.29991 -0.00168 -0.01383 -0.07065 422 VAL A O   
409 C CB  . VAL A 51 ? 0.31047 0.54232 0.26956 0.00692  0.00543  -0.07655 422 VAL A CB  
410 C CG1 . VAL A 51 ? 0.32276 0.55031 0.26660 -0.01070 0.00172  -0.06271 422 VAL A CG1 
411 C CG2 . VAL A 51 ? 0.38501 0.66302 0.33706 0.01950  0.01892  -0.08341 422 VAL A CG2 
412 N N   A ILE A 52 ? 0.26065 0.44115 0.25767 -0.02964 -0.00769 -0.04595 423 ILE A N   
413 N N   B ILE A 52 ? 0.25849 0.43968 0.25519 -0.02973 -0.00754 -0.04586 423 ILE A N   
414 C CA  A ILE A 52 ? 0.23536 0.37934 0.24107 -0.03726 -0.01739 -0.04080 423 ILE A CA  
415 C CA  B ILE A 52 ? 0.23684 0.38191 0.24096 -0.03807 -0.01734 -0.04018 423 ILE A CA  
416 C C   A ILE A 52 ? 0.25175 0.37619 0.24209 -0.03889 -0.02630 -0.04134 423 ILE A C   
417 C C   B ILE A 52 ? 0.27013 0.39559 0.25854 -0.03723 -0.02624 -0.04298 423 ILE A C   
418 O O   A ILE A 52 ? 0.30496 0.44196 0.27841 -0.04649 -0.02572 -0.03408 423 ILE A O   
419 O O   B ILE A 52 ? 0.27291 0.41308 0.24139 -0.04058 -0.02524 -0.03995 423 ILE A O   
420 C CB  A ILE A 52 ? 0.24809 0.39273 0.26471 -0.05430 -0.01679 -0.02642 423 ILE A CB  
421 C CB  B ILE A 52 ? 0.23302 0.37970 0.24486 -0.05657 -0.01699 -0.02448 423 ILE A CB  
422 C CG1 A ILE A 52 ? 0.22573 0.38891 0.25780 -0.05272 -0.01070 -0.02737 423 ILE A CG1 
423 C CG1 B ILE A 52 ? 0.22850 0.40073 0.25386 -0.05890 -0.00943 -0.02263 423 ILE A CG1 
424 C CG2 A ILE A 52 ? 0.24441 0.35323 0.26950 -0.05917 -0.02582 -0.02264 423 ILE A CG2 
425 C CG2 B ILE A 52 ? 0.23772 0.34908 0.26051 -0.06112 -0.02562 -0.02103 423 ILE A CG2 
426 C CD1 A ILE A 52 ? 0.24713 0.40413 0.29085 -0.06813 -0.01286 -0.01736 423 ILE A CD1 
427 C CD1 B ILE A 52 ? 0.21949 0.38291 0.25902 -0.04705 -0.00987 -0.03116 423 ILE A CD1 
428 N N   A ILE A 53 ? 0.25775 0.35259 0.25495 -0.03272 -0.03518 -0.04832 424 ILE A N   
429 N N   B ILE A 53 ? 0.26052 0.35479 0.25823 -0.03332 -0.03533 -0.04773 424 ILE A N   
430 C CA  A ILE A 53 ? 0.29576 0.37079 0.28291 -0.03436 -0.04653 -0.04956 424 ILE A CA  
431 C CA  B ILE A 53 ? 0.28405 0.35804 0.27208 -0.03355 -0.04670 -0.05041 424 ILE A CA  
432 C C   A ILE A 53 ? 0.27498 0.32826 0.27566 -0.04563 -0.05360 -0.03740 424 ILE A C   
433 C C   B ILE A 53 ? 0.27858 0.33048 0.27942 -0.04470 -0.05423 -0.03851 424 ILE A C   
434 O O   A ILE A 53 ? 0.28369 0.33336 0.27441 -0.05382 -0.05972 -0.02873 424 ILE A O   
435 O O   B ILE A 53 ? 0.27516 0.32216 0.26563 -0.05186 -0.06130 -0.03122 424 ILE A O   
436 C CB  A ILE A 53 ? 0.28564 0.34326 0.27369 -0.02082 -0.05360 -0.06607 424 ILE A CB  
437 C CB  B ILE A 53 ? 0.29023 0.34716 0.28096 -0.01962 -0.05294 -0.06688 424 ILE A CB  
438 C CG1 A ILE A 53 ? 0.29915 0.37666 0.27302 -0.00671 -0.04690 -0.08030 424 ILE A CG1 
439 C CG1 B ILE A 53 ? 0.28791 0.36460 0.27005 -0.00540 -0.04479 -0.07984 424 ILE A CG1 
440 C CG2 A ILE A 53 ? 0.30088 0.34070 0.27933 -0.02365 -0.06745 -0.06813 424 ILE A CG2 
441 C CG2 B ILE A 53 ? 0.31844 0.36007 0.29599 -0.02013 -0.06614 -0.07202 424 ILE A CG2 
442 C CD1 A ILE A 53 ? 0.29929 0.35630 0.27973 0.00766  -0.05292 -0.09677 424 ILE A CD1 
443 C CD1 B ILE A 53 ? 0.30404 0.40781 0.25895 -0.00338 -0.04010 -0.08315 424 ILE A CD1 
444 N N   . GLU A 54 ? 0.25096 0.29048 0.27379 -0.04487 -0.05276 -0.03631 425 GLU A N   
445 C CA  . GLU A 54 ? 0.23614 0.25691 0.27347 -0.05252 -0.05794 -0.02677 425 GLU A CA  
446 C C   . GLU A 54 ? 0.23985 0.26357 0.29043 -0.05567 -0.05032 -0.02205 425 GLU A C   
447 O O   . GLU A 54 ? 0.22721 0.26056 0.28235 -0.04920 -0.04360 -0.02748 425 GLU A O   
448 C CB  . GLU A 54 ? 0.23571 0.23489 0.28817 -0.04748 -0.06627 -0.03103 425 GLU A CB  
449 C CG  . GLU A 54 ? 0.25075 0.24396 0.29143 -0.04575 -0.07765 -0.03674 425 GLU A CG  
450 C CD  . GLU A 54 ? 0.36849 0.34176 0.42869 -0.04411 -0.08812 -0.03906 425 GLU A CD  
451 O OE1 . GLU A 54 ? 0.29911 0.26502 0.38074 -0.04142 -0.08422 -0.03854 425 GLU A OE1 
452 O OE2 . GLU A 54 ? 0.34627 0.31339 0.40065 -0.04601 -0.10053 -0.04043 425 GLU A OE2 
453 N N   . VAL A 55 ? 0.21045 0.22535 0.26605 -0.06485 -0.05252 -0.01250 426 VAL A N   
454 C CA  . VAL A 55 ? 0.19997 0.21194 0.26763 -0.06764 -0.04802 -0.01005 426 VAL A CA  
455 C C   . VAL A 55 ? 0.23451 0.22462 0.31708 -0.06568 -0.05290 -0.00787 426 VAL A C   
456 O O   . VAL A 55 ? 0.24500 0.22326 0.32783 -0.07035 -0.06012 -0.00144 426 VAL A O   
457 C CB  . VAL A 55 ? 0.22095 0.24053 0.28274 -0.08008 -0.04666 -0.00221 426 VAL A CB  
458 C CG1 . VAL A 55 ? 0.22034 0.23379 0.29336 -0.08243 -0.04434 -0.00298 426 VAL A CG1 
459 C CG2 . VAL A 55 ? 0.22357 0.27124 0.27364 -0.08261 -0.04053 -0.00261 426 VAL A CG2 
460 N N   . ASN A 56 ? 0.19901 0.26370 0.22836 0.03137  0.00607  0.00113  427 ASN A N   
461 C CA  . ASN A 56 ? 0.18359 0.25882 0.21347 0.04774  0.00462  -0.00053 427 ASN A CA  
462 C C   . ASN A 56 ? 0.21409 0.28935 0.24928 0.04892  0.00282  0.00598  427 ASN A C   
463 O O   . ASN A 56 ? 0.20698 0.27904 0.24185 0.06128  -0.00296 0.00634  427 ASN A O   
464 C CB  . ASN A 56 ? 0.20937 0.26529 0.22312 0.05758  -0.00115 -0.01315 427 ASN A CB  
465 C CG  . ASN A 56 ? 0.26550 0.33128 0.26947 0.05295  -0.00047 -0.02163 427 ASN A CG  
466 O OD1 . ASN A 56 ? 0.23948 0.33798 0.25344 0.04871  0.00364  -0.01318 427 ASN A OD1 
467 N ND2 . ASN A 56 ? 0.36775 0.40489 0.35282 0.05167  -0.00593 -0.03685 427 ASN A ND2 
468 N N   . GLY A 57 ? 0.20173 0.28198 0.24386 0.03525  0.00793  0.01067  428 GLY A N   
469 C CA  . GLY A 57 ? 0.23666 0.32346 0.28069 0.02944  0.00542  0.01588  428 GLY A CA  
470 C C   . GLY A 57 ? 0.27671 0.34484 0.30218 0.01819  -0.00370 0.01889  428 GLY A C   
471 O O   . GLY A 57 ? 0.24386 0.32274 0.26733 0.00960  -0.00910 0.02531  428 GLY A O   
472 N N   . VAL A 58 ? 0.20904 0.25289 0.22020 0.01439  -0.00725 0.01720  429 VAL A N   
473 C CA  . VAL A 58 ? 0.23833 0.26552 0.23062 0.00053  -0.01717 0.02567  429 VAL A CA  
474 C C   . VAL A 58 ? 0.26169 0.28846 0.24139 -0.02345 -0.00651 0.01991  429 VAL A C   
475 O O   . VAL A 58 ? 0.25169 0.27519 0.23671 -0.02520 0.00316  0.01226  429 VAL A O   
476 C CB  . VAL A 58 ? 0.30577 0.30289 0.29194 0.00891  -0.02785 0.02941  429 VAL A CB  
477 C CG1 . VAL A 58 ? 0.32084 0.30154 0.28942 -0.00814 -0.03995 0.04542  429 VAL A CG1 
478 C CG2 . VAL A 58 ? 0.36483 0.36130 0.36707 0.03634  -0.03311 0.02886  429 VAL A CG2 
479 N N   A ASN A 59 ? 0.27596 0.31058 0.23933 -0.04295 -0.00796 0.02348  430 ASN A N   
480 N N   B ASN A 59 ? 0.27434 0.30944 0.23820 -0.04289 -0.00747 0.02302  430 ASN A N   
481 C CA  A ASN A 59 ? 0.26933 0.30648 0.21686 -0.06728 0.00582  0.01384  430 ASN A CA  
482 C CA  B ASN A 59 ? 0.25366 0.29084 0.20282 -0.06640 0.00685  0.01292  430 ASN A CA  
483 C C   A ASN A 59 ? 0.29216 0.31465 0.22477 -0.07744 0.00209  0.02134  430 ASN A C   
484 C C   B ASN A 59 ? 0.28999 0.31255 0.22351 -0.07669 0.00230  0.02101  430 ASN A C   
485 O O   A ASN A 59 ? 0.33969 0.35144 0.25617 -0.08327 -0.01522 0.03935  430 ASN A O   
486 O O   B ASN A 59 ? 0.33194 0.34380 0.24991 -0.08169 -0.01529 0.03899  430 ASN A O   
487 C CB  A ASN A 59 ? 0.26367 0.31570 0.18871 -0.09014 0.00346  0.01421  430 ASN A CB  
488 C CB  B ASN A 59 ? 0.28621 0.33808 0.21360 -0.08986 0.00712  0.01080  430 ASN A CB  
489 C CG  A ASN A 59 ? 0.32389 0.38101 0.22587 -0.11776 0.02071  -0.00018 430 ASN A CG  
490 C CG  B ASN A 59 ? 0.32759 0.38376 0.23863 -0.11387 0.02803  -0.00711 430 ASN A CG  
491 O OD1 A ASN A 59 ? 0.31627 0.36928 0.22887 -0.11631 0.03802  -0.01170 430 ASN A OD1 
492 O OD1 B ASN A 59 ? 0.29997 0.35482 0.19186 -0.12852 0.02920  -0.00233 430 ASN A OD1 
493 N ND2 A ASN A 59 ? 0.39097 0.46282 0.26173 -0.14445 0.01677  0.00004  430 ASN A ND2 
494 N ND2 B ASN A 59 ? 0.39661 0.45756 0.31723 -0.11852 0.04639  -0.02858 430 ASN A ND2 
495 N N   . VAL A 60 ? 0.25766 0.28152 0.19968 -0.08061 0.01729  0.01102  431 VAL A N   
496 C CA  . VAL A 60 ? 0.26358 0.27813 0.19468 -0.09386 0.01439  0.01884  431 VAL A CA  
497 C C   . VAL A 60 ? 0.28866 0.32188 0.20672 -0.11948 0.03284  0.01141  431 VAL A C   
498 O O   . VAL A 60 ? 0.33640 0.37082 0.24992 -0.13336 0.03472  0.01752  431 VAL A O   
499 C CB  . VAL A 60 ? 0.30114 0.30911 0.25431 -0.08009 0.01395  0.01625  431 VAL A CB  
500 C CG1 . VAL A 60 ? 0.29691 0.28667 0.25566 -0.05769 -0.00174 0.01939  431 VAL A CG1 
501 C CG2 . VAL A 60 ? 0.25561 0.28684 0.23763 -0.07266 0.03340  0.00321  431 VAL A CG2 
502 N N   . LEU A 61 ? 0.30029 0.34913 0.21089 -0.12863 0.04771  -0.00330 432 LEU A N   
503 C CA  . LEU A 61 ? 0.31767 0.38643 0.21716 -0.15130 0.07189  -0.01821 432 LEU A CA  
504 C C   . LEU A 61 ? 0.36935 0.44452 0.23104 -0.18048 0.06393  -0.00166 432 LEU A C   
505 O O   . LEU A 61 ? 0.40446 0.49506 0.26584 -0.19183 0.07787  -0.00879 432 LEU A O   
506 C CB  . LEU A 61 ? 0.38230 0.45977 0.27377 -0.15932 0.08859  -0.04156 432 LEU A CB  
507 C CG  . LEU A 61 ? 0.39098 0.46268 0.32453 -0.13601 0.10393  -0.05940 432 LEU A CG  
508 C CD1 . LEU A 61 ? 0.43354 0.50512 0.35425 -0.14961 0.11784  -0.08338 432 LEU A CD1 
509 C CD2 . LEU A 61 ? 0.38320 0.46422 0.35391 -0.12563 0.12578  -0.06792 432 LEU A CD2 
510 N N   . ASP A 62 ? 0.36098 0.42449 0.19827 -0.18662 0.03729  0.02179  433 ASP A N   
511 C CA  . ASP A 62 ? 0.39926 0.46681 0.20431 -0.21333 0.02409  0.04479  433 ASP A CA  
512 C C   . ASP A 62 ? 0.40444 0.44408 0.21788 -0.20906 0.00483  0.07143  433 ASP A C   
513 O O   . ASP A 62 ? 0.44642 0.48370 0.24358 -0.22580 -0.00995 0.09209  433 ASP A O   
514 C CB  . ASP A 62 ? 0.42572 0.50049 0.20479 -0.22485 0.00357  0.05938  433 ASP A CB  
515 C CG  . ASP A 62 ? 0.44040 0.54226 0.20456 -0.24072 0.01909  0.03164  433 ASP A CG  
516 O OD1 . ASP A 62 ? 0.48996 0.60701 0.25015 -0.25326 0.03960  0.00993  433 ASP A OD1 
517 O OD2 . ASP A 62 ? 0.45948 0.56724 0.21730 -0.24158 0.00986  0.03177  433 ASP A OD2 
518 N N   . GLU A 63 ? 0.39260 0.41023 0.23913 -0.18056 0.00154  0.06472  434 GLU A N   
519 C CA  . GLU A 63 ? 0.41284 0.39666 0.26574 -0.17705 -0.01795 0.08380  434 GLU A CA  
520 C C   . GLU A 63 ? 0.39898 0.39113 0.25782 -0.19428 -0.00675 0.08182  434 GLU A C   
521 O O   . GLU A 63 ? 0.41445 0.43628 0.28991 -0.19308 0.01634  0.06179  434 GLU A O   
522 C CB  . GLU A 63 ? 0.43287 0.39073 0.31217 -0.14244 -0.02731 0.07551  434 GLU A CB  
523 C CG  . GLU A 63 ? 0.47393 0.42006 0.35229 -0.12601 -0.04438 0.08718  434 GLU A CG  
524 C CD  . GLU A 63 ? 0.57936 0.50405 0.48288 -0.09221 -0.05040 0.07762  434 GLU A CD  
525 O OE1 . GLU A 63 ? 0.52767 0.44500 0.43860 -0.07510 -0.06322 0.08766  434 GLU A OE1 
526 O OE2 . GLU A 63 ? 0.46873 0.38955 0.38509 -0.08380 -0.04201 0.06079  434 GLU A OE2 
527 N N   . PRO A 64 ? 0.42859 0.39606 0.27884 -0.21088 -0.02296 0.10433  435 PRO A N   
528 C CA  . PRO A 64 ? 0.43431 0.41559 0.29515 -0.22409 -0.01522 0.10097  435 PRO A CA  
529 C C   . PRO A 64 ? 0.40308 0.37978 0.29292 -0.21131 -0.01088 0.08612  435 PRO A C   
530 O O   . PRO A 64 ? 0.38731 0.33873 0.28773 -0.18434 -0.02059 0.07672  435 PRO A O   
531 C CB  . PRO A 64 ? 0.50989 0.45849 0.35893 -0.23749 -0.03865 0.12628  435 PRO A CB  
532 C CG  . PRO A 64 ? 0.55740 0.46151 0.40301 -0.22207 -0.05978 0.14033  435 PRO A CG  
533 C CD  . PRO A 64 ? 0.46803 0.39543 0.30695 -0.21130 -0.05050 0.13201  435 PRO A CD  
534 N N   . TYR A 65 ? 0.39518 0.40604 0.30230 -0.21951 0.00293  0.07899  436 TYR A N   
535 C CA  . TYR A 65 ? 0.40004 0.42350 0.33837 -0.21121 0.00679  0.06785  436 TYR A CA  
536 C C   . TYR A 65 ? 0.41741 0.39328 0.35274 -0.20690 -0.01755 0.06988  436 TYR A C   
537 O O   . TYR A 65 ? 0.38838 0.36170 0.33782 -0.18423 -0.02014 0.05525  436 TYR A O   
538 C CB  . TYR A 65 ? 0.37060 0.43568 0.32768 -0.22187 0.01902  0.06789  436 TYR A CB  
539 C CG  . TYR A 65 ? 0.35191 0.43615 0.34175 -0.21865 0.01687  0.06407  436 TYR A CG  
540 C CD1 . TYR A 65 ? 0.33677 0.45505 0.36129 -0.19910 0.03076  0.05314  436 TYR A CD1 
541 C CD2 . TYR A 65 ? 0.38124 0.45234 0.36843 -0.23605 -0.00002 0.07302  436 TYR A CD2 
542 C CE1 . TYR A 65 ? 0.29682 0.44093 0.35241 -0.19711 0.02547  0.05463  436 TYR A CE1 
543 C CE2 . TYR A 65 ? 0.38573 0.48045 0.39962 -0.23667 -0.00469 0.07027  436 TYR A CE2 
544 C CZ  . TYR A 65 ? 0.38874 0.52281 0.43651 -0.21728 0.00708  0.06266  436 TYR A CZ  
545 O OH  . TYR A 65 ? 0.37193 0.53619 0.44644 -0.21820 -0.00051 0.06462  436 TYR A OH  
546 N N   . GLU A 66 ? 0.45690 0.39491 0.37399 -0.22474 -0.03476 0.08551  437 GLU A N   
547 C CA  . GLU A 66 ? 0.51511 0.39958 0.42932 -0.22378 -0.05557 0.08266  437 GLU A CA  
548 C C   . GLU A 66 ? 0.54622 0.39566 0.45731 -0.19010 -0.06250 0.07065  437 GLU A C   
549 O O   . GLU A 66 ? 0.49015 0.31180 0.40393 -0.17780 -0.07070 0.05415  437 GLU A O   
550 C CB  . GLU A 66 ? 0.54616 0.39689 0.44716 -0.23977 -0.06976 0.10037  437 GLU A CB  
551 C CG  . GLU A 66 ? 0.58504 0.47464 0.49113 -0.26366 -0.06347 0.10829  437 GLU A CG  
552 C CD  . GLU A 66 ? 0.69173 0.63481 0.59429 -0.27054 -0.04551 0.11628  437 GLU A CD  
553 O OE1 . GLU A 66 ? 0.54334 0.48795 0.43240 -0.26227 -0.04152 0.11953  437 GLU A OE1 
554 O OE2 . GLU A 66 ? 0.64889 0.63392 0.56207 -0.28471 -0.03510 0.11759  437 GLU A OE2 
555 N N   . LYS A 67 ? 0.45109 0.30678 0.35602 -0.17582 -0.05847 0.07725  438 LYS A N   
556 C CA  . LYS A 67 ? 0.43229 0.26658 0.34025 -0.14268 -0.06347 0.06808  438 LYS A CA  
557 C C   . LYS A 67 ? 0.45063 0.32089 0.37384 -0.12044 -0.04969 0.04592  438 LYS A C   
558 O O   . LYS A 67 ? 0.45922 0.31418 0.38749 -0.09717 -0.05326 0.03172  438 LYS A O   
559 C CB  . LYS A 67 ? 0.47975 0.31577 0.37751 -0.14016 -0.06719 0.08725  438 LYS A CB  
560 C CG  . LYS A 67 ? 0.55757 0.38811 0.46458 -0.10697 -0.07027 0.08088  438 LYS A CG  
561 C CD  . LYS A 67 ? 0.72683 0.50271 0.64259 -0.08815 -0.08562 0.08125  438 LYS A CD  
562 C CE  . LYS A 67 ? 0.88825 0.66737 0.81757 -0.05719 -0.08897 0.08340  438 LYS A CE  
563 N NZ  . LYS A 67 ? 1.05654 0.78623 1.00224 -0.03155 -0.09752 0.07638  438 LYS A NZ  
564 N N   . VAL A 68 ? 0.35135 0.26989 0.28405 -0.12739 -0.03269 0.04336  439 VAL A N   
565 C CA  . VAL A 68 ? 0.30570 0.25659 0.25864 -0.10791 -0.02091 0.02834  439 VAL A CA  
566 C C   . VAL A 68 ? 0.36787 0.31872 0.32908 -0.10796 -0.02752 0.01947  439 VAL A C   
567 O O   . VAL A 68 ? 0.32759 0.28222 0.29382 -0.08857 -0.02867 0.00844  439 VAL A O   
568 C CB  . VAL A 68 ? 0.28791 0.28394 0.25620 -0.11452 0.00009  0.02753  439 VAL A CB  
569 C CG1 . VAL A 68 ? 0.26894 0.29245 0.26421 -0.09291 0.01064  0.01733  439 VAL A CG1 
570 C CG2 . VAL A 68 ? 0.30216 0.29837 0.25203 -0.12105 0.00615  0.03216  439 VAL A CG2 
571 N N   . VAL A 69 ? 0.35192 0.30161 0.31188 -0.13345 -0.03294 0.02499  440 VAL A N   
572 C CA  . VAL A 69 ? 0.34336 0.29192 0.30511 -0.14112 -0.04320 0.01627  440 VAL A CA  
573 C C   . VAL A 69 ? 0.40236 0.30230 0.34470 -0.12669 -0.05513 0.00092  440 VAL A C   
574 O O   . VAL A 69 ? 0.42619 0.33712 0.36784 -0.11632 -0.05662 -0.01397 440 VAL A O   
575 C CB  . VAL A 69 ? 0.37428 0.32217 0.33491 -0.17627 -0.05021 0.02635  440 VAL A CB  
576 C CG1 . VAL A 69 ? 0.40616 0.34185 0.35986 -0.19034 -0.06569 0.01437  440 VAL A CG1 
577 C CG2 . VAL A 69 ? 0.35742 0.36649 0.34542 -0.18742 -0.03430 0.03802  440 VAL A CG2 
578 N N   . ASP A 70 ? 0.42750 0.27584 0.35565 -0.12524 -0.06279 0.00526  441 ASP A N   
579 C CA  . ASP A 70 ? 0.48501 0.28257 0.40177 -0.10924 -0.07134 -0.01130 441 ASP A CA  
580 C C   . ASP A 70 ? 0.47923 0.29583 0.40177 -0.07575 -0.06260 -0.02353 441 ASP A C   
581 O O   . ASP A 70 ? 0.51866 0.32254 0.43388 -0.06365 -0.06304 -0.04558 441 ASP A O   
582 C CB  . ASP A 70 ? 0.57579 0.31554 0.48691 -0.11137 -0.08180 0.00256  441 ASP A CB  
583 C CG  . ASP A 70 ? 0.80739 0.48629 0.71414 -0.09507 -0.08891 -0.01689 441 ASP A CG  
584 O OD1 . ASP A 70 ? 0.87935 0.52500 0.77536 -0.11322 -0.09569 -0.03314 441 ASP A OD1 
585 O OD2 . ASP A 70 ? 0.83488 0.50074 0.75072 -0.06457 -0.08668 -0.01777 441 ASP A OD2 
586 N N   . ARG A 71 ? 0.44376 0.29215 0.37756 -0.06325 -0.05372 -0.01098 442 ARG A N   
587 C CA  . ARG A 71 ? 0.37332 0.24577 0.31553 -0.03575 -0.04556 -0.01910 442 ARG A CA  
588 C C   . ARG A 71 ? 0.42509 0.33498 0.37042 -0.03478 -0.04025 -0.03121 442 ARG A C   
589 O O   . ARG A 71 ? 0.46408 0.37985 0.40624 -0.01726 -0.03748 -0.04504 442 ARG A O   
590 C CB  . ARG A 71 ? 0.34180 0.24372 0.29485 -0.03053 -0.03747 -0.00448 442 ARG A CB  
591 C CG  . ARG A 71 ? 0.35553 0.23299 0.30392 -0.02942 -0.04467 0.01050  442 ARG A CG  
592 C CD  . ARG A 71 ? 0.35658 0.26833 0.31076 -0.02719 -0.03661 0.01893  442 ARG A CD  
593 N NE  . ARG A 71 ? 0.38995 0.28823 0.33711 -0.03031 -0.04652 0.03692  442 ARG A NE  
594 C CZ  . ARG A 71 ? 0.43212 0.31909 0.38793 -0.00991 -0.05542 0.04292  442 ARG A CZ  
595 N NH1 . ARG A 71 ? 0.43017 0.31712 0.39955 0.01522  -0.05191 0.02785  442 ARG A NH1 
596 N NH2 . ARG A 71 ? 0.41626 0.29777 0.36870 -0.01524 -0.06755 0.06555  442 ARG A NH2 
597 N N   . ILE A 72 ? 0.32360 0.26597 0.27802 -0.05321 -0.03821 -0.02333 443 ILE A N   
598 C CA  . ILE A 72 ? 0.32334 0.30793 0.28530 -0.05383 -0.03667 -0.02683 443 ILE A CA  
599 C C   . ILE A 72 ? 0.37622 0.34371 0.31513 -0.06572 -0.04753 -0.04498 443 ILE A C   
600 O O   . ILE A 72 ? 0.40309 0.39166 0.33321 -0.05888 -0.04720 -0.05614 443 ILE A O   
601 C CB  . ILE A 72 ? 0.29634 0.32378 0.28462 -0.06716 -0.03139 -0.01002 443 ILE A CB  
602 C CG1 . ILE A 72 ? 0.27407 0.31455 0.28214 -0.05471 -0.01692 -0.00030 443 ILE A CG1 
603 C CG2 . ILE A 72 ? 0.27478 0.34968 0.27637 -0.06936 -0.03430 -0.00585 443 ILE A CG2 
604 C CD1 . ILE A 72 ? 0.29236 0.36298 0.32718 -0.06660 -0.00667 0.01112  443 ILE A CD1 
605 N N   . GLN A 73 ? 0.37237 0.30089 0.29832 -0.08658 -0.05707 -0.04914 444 GLN A N   
606 C CA  . GLN A 73 ? 0.45088 0.35615 0.35209 -0.10269 -0.06736 -0.07129 444 GLN A CA  
607 C C   . GLN A 73 ? 0.52617 0.39348 0.40826 -0.08076 -0.06365 -0.09791 444 GLN A C   
608 O O   . GLN A 73 ? 0.57397 0.43916 0.43282 -0.08834 -0.06607 -0.12303 444 GLN A O   
609 C CB  . GLN A 73 ? 0.52472 0.38828 0.41858 -0.13175 -0.07856 -0.06911 444 GLN A CB  
610 C CG  . GLN A 73 ? 0.53970 0.44875 0.45128 -0.15900 -0.08213 -0.04818 444 GLN A CG  
611 C CD  . GLN A 73 ? 0.62375 0.49382 0.52856 -0.19051 -0.09277 -0.04294 444 GLN A CD  
612 O OE1 . GLN A 73 ? 0.67682 0.48389 0.57046 -0.18782 -0.09589 -0.04520 444 GLN A OE1 
613 N NE2 . GLN A 73 ? 0.60679 0.51666 0.52241 -0.22147 -0.09947 -0.03220 444 GLN A NE2 
614 N N   A SER A 74 ? 0.35890 0.32041 0.36466 -0.05095 0.00094  -0.02626 445 SER A N   
615 N N   B SER A 74 ? 0.36187 0.32322 0.36754 -0.05079 0.00107  -0.02638 445 SER A N   
616 C CA  A SER A 74 ? 0.41377 0.33232 0.41613 -0.03007 0.01126  -0.03463 445 SER A CA  
617 C CA  B SER A 74 ? 0.40978 0.33004 0.41215 -0.02893 0.01279  -0.03538 445 SER A CA  
618 C C   A SER A 74 ? 0.38670 0.32017 0.40272 -0.00667 0.03440  -0.04174 445 SER A C   
619 C C   B SER A 74 ? 0.37453 0.31553 0.39343 -0.00677 0.03490  -0.04096 445 SER A C   
620 O O   A SER A 74 ? 0.36493 0.27120 0.38679 0.01405  0.05042  -0.04801 445 SER A O   
621 O O   B SER A 74 ? 0.43289 0.35482 0.46537 0.01459  0.05082  -0.04474 445 SER A O   
622 C CB  A SER A 74 ? 0.40814 0.31798 0.43803 -0.02737 0.00258  -0.02267 445 SER A CB  
623 C CB  B SER A 74 ? 0.41664 0.32304 0.44420 -0.02548 0.00438  -0.02463 445 SER A CB  
624 O OG  A SER A 74 ? 0.43969 0.33530 0.45454 -0.05260 -0.01988 -0.01305 445 SER A OG  
625 O OG  B SER A 74 ? 0.42694 0.37481 0.48877 -0.02343 0.00447  -0.01204 445 SER A OG  
626 N N   A SER A 75 ? 0.33942 0.31526 0.36366 -0.00913 0.03717  -0.03982 446 SER A N   
627 N N   B SER A 75 ? 0.31894 0.29917 0.34131 -0.01130 0.03617  -0.03992 446 SER A N   
628 C CA  A SER A 75 ? 0.29578 0.29122 0.33882 0.00911  0.05460  -0.04059 446 SER A CA  
629 C CA  B SER A 75 ? 0.30130 0.30411 0.34115 0.00519  0.05201  -0.04059 446 SER A CA  
630 C C   A SER A 75 ? 0.38569 0.34996 0.39458 0.01771  0.07307  -0.05434 446 SER A C   
631 C C   B SER A 75 ? 0.35493 0.32786 0.36228 0.01389  0.06997  -0.05347 446 SER A C   
632 O O   A SER A 75 ? 0.39778 0.36865 0.42356 0.03564  0.09431  -0.05427 446 SER A O   
633 O O   B SER A 75 ? 0.35360 0.34127 0.37618 0.02818  0.08764  -0.05225 446 SER A O   
634 C CB  A SER A 75 ? 0.26882 0.30970 0.32575 0.00318  0.04817  -0.03492 446 SER A CB  
635 C CB  B SER A 75 ? 0.28360 0.32976 0.33458 -0.00259 0.04406  -0.03579 446 SER A CB  
636 O OG  A SER A 75 ? 0.30048 0.35844 0.37471 0.01696  0.05982  -0.03228 446 SER A OG  
637 O OG  B SER A 75 ? 0.20845 0.25300 0.23524 -0.01853 0.03385  -0.03993 446 SER A OG  
638 N N   . GLY A 76 ? 0.38594 0.31420 0.34405 0.00301  0.06537  -0.06439 447 GLY A N   
639 C CA  . GLY A 76 ? 0.42177 0.30927 0.32991 0.00747  0.08298  -0.07875 447 GLY A CA  
640 C C   . GLY A 76 ? 0.41173 0.31184 0.29262 -0.00942 0.07308  -0.07765 447 GLY A C   
641 O O   . GLY A 76 ? 0.47687 0.39023 0.35726 -0.02996 0.04664  -0.07073 447 GLY A O   
642 N N   . LYS A 77 ? 0.42221 0.32002 0.28488 -0.00182 0.09367  -0.08188 448 LYS A N   
643 C CA  . LYS A 77 ? 0.43565 0.33265 0.26254 -0.02103 0.08061  -0.07994 448 LYS A CA  
644 C C   . LYS A 77 ? 0.34470 0.30398 0.22414 -0.02222 0.06705  -0.06499 448 LYS A C   
645 O O   . LYS A 77 ? 0.36496 0.32832 0.22718 -0.03802 0.05010  -0.06010 448 LYS A O   
646 C CB  . LYS A 77 ? 0.51835 0.37599 0.28689 -0.01756 0.10868  -0.09087 448 LYS A CB  
647 C CG  . LYS A 77 ? 0.57678 0.35646 0.27449 -0.01644 0.12358  -0.11059 448 LYS A CG  
648 C CD  . LYS A 77 ? 0.68185 0.42141 0.30994 -0.02014 0.14624  -0.11938 448 LYS A CD  
649 C CE  . LYS A 77 ? 0.76610 0.43933 0.34349 -0.01388 0.15748  -0.13394 448 LYS A CE  
650 N NZ  . LYS A 77 ? 0.87238 0.51946 0.39725 -0.01666 0.17858  -0.13780 448 LYS A NZ  
651 N N   . ASN A 78 ? 0.28708 0.28788 0.22617 -0.00694 0.07122  -0.05720 449 ASN A N   
652 C CA  . ASN A 78 ? 0.23187 0.28038 0.21242 -0.00617 0.05878  -0.04566 449 ASN A CA  
653 C C   . ASN A 78 ? 0.22690 0.30210 0.25455 0.00374  0.05638  -0.03958 449 ASN A C   
654 O O   . ASN A 78 ? 0.20988 0.27021 0.24368 0.01092  0.06544  -0.04117 449 ASN A O   
655 C CB  . ASN A 78 ? 0.24129 0.30002 0.22251 0.00015  0.07252  -0.04027 449 ASN A CB  
656 C CG  . ASN A 78 ? 0.31315 0.36993 0.31198 0.01887  0.10227  -0.03936 449 ASN A CG  
657 O OD1 . ASN A 78 ? 0.25504 0.33594 0.30290 0.03018  0.10138  -0.03019 449 ASN A OD1 
658 N ND2 . ASN A 78 ? 0.31056 0.33656 0.26986 0.02189  0.12868  -0.04790 449 ASN A ND2 
659 N N   . VAL A 79 ? 0.15439 0.26269 0.21064 0.00334  0.04270  -0.03269 450 VAL A N   
660 C CA  . VAL A 79 ? 0.11971 0.24508 0.20654 0.00978  0.04006  -0.02687 450 VAL A CA  
661 C C   . VAL A 79 ? 0.14820 0.29680 0.25440 0.01384  0.03014  -0.02074 450 VAL A C   
662 O O   . VAL A 79 ? 0.14240 0.30038 0.24646 0.01026  0.02018  -0.02243 450 VAL A O   
663 C CB  . VAL A 79 ? 0.17619 0.30275 0.26149 0.00018  0.03304  -0.02936 450 VAL A CB  
664 C CG1 . VAL A 79 ? 0.17161 0.31979 0.26211 -0.00805 0.02198  -0.03086 450 VAL A CG1 
665 C CG2 . VAL A 79 ? 0.17349 0.30509 0.27466 0.00267  0.03192  -0.02288 450 VAL A CG2 
666 N N   . THR A 80 ? 0.12997 0.28249 0.25466 0.02013  0.02863  -0.01209 451 THR A N   
667 C CA  . THR A 80 ? 0.10519 0.26781 0.24027 0.02271  0.01527  -0.00601 451 THR A CA  
668 C C   . THR A 80 ? 0.11218 0.27227 0.24259 0.02087  0.00863  -0.00890 451 THR A C   
669 O O   . THR A 80 ? 0.15067 0.30076 0.27934 0.01735  0.01033  -0.00472 451 THR A O   
670 C CB  . THR A 80 ? 0.15025 0.31419 0.30504 0.02684  0.01468  0.00996  451 THR A CB  
671 O OG1 . THR A 80 ? 0.14836 0.31643 0.30088 0.02764  0.02716  0.01137  451 THR A OG1 
672 C CG2 . THR A 80 ? 0.19458 0.35528 0.35143 0.02542  -0.00611 0.01783  451 THR A CG2 
673 N N   . LEU A 81 ? 0.13691 0.30306 0.26325 0.02315  0.00201  -0.01614 452 LEU A N   
674 C CA  . LEU A 81 ? 0.16586 0.32741 0.27913 0.02273  0.00322  -0.02257 452 LEU A CA  
675 C C   . LEU A 81 ? 0.20554 0.35095 0.30808 0.02856  -0.00995 -0.02273 452 LEU A C   
676 O O   . LEU A 81 ? 0.20142 0.34937 0.31346 0.03505  -0.01988 -0.02362 452 LEU A O   
677 C CB  . LEU A 81 ? 0.14442 0.32668 0.26467 0.02327  0.01326  -0.03371 452 LEU A CB  
678 C CG  . LEU A 81 ? 0.14335 0.33525 0.26918 0.01364  0.01969  -0.03235 452 LEU A CG  
679 C CD1 . LEU A 81 ? 0.14313 0.34953 0.28065 0.01155  0.02332  -0.03474 452 LEU A CD1 
680 C CD2 . LEU A 81 ? 0.15090 0.33037 0.26274 0.00448  0.02491  -0.02784 452 LEU A CD2 
681 N N   . LEU A 82 ? 0.17628 0.29831 0.25248 0.02388  -0.01299 -0.02168 453 LEU A N   
682 C CA  . LEU A 82 ? 0.19221 0.28619 0.24067 0.02820  -0.02353 -0.02751 453 LEU A CA  
683 C C   . LEU A 82 ? 0.19908 0.29488 0.22702 0.03255  -0.00205 -0.04578 453 LEU A C   
684 O O   . LEU A 82 ? 0.24434 0.33995 0.25488 0.02167  0.01031  -0.04509 453 LEU A O   
685 C CB  . LEU A 82 ? 0.20334 0.26065 0.22566 0.01601  -0.04386 -0.01234 453 LEU A CB  
686 C CG  . LEU A 82 ? 0.29880 0.30974 0.27539 0.01611  -0.06028 -0.01779 453 LEU A CG  
687 C CD1 . LEU A 82 ? 0.33147 0.34161 0.32689 0.02533  -0.07810 -0.01527 453 LEU A CD1 
688 C CD2 . LEU A 82 ? 0.32656 0.29634 0.27079 -0.00320 -0.08417 0.00062  453 LEU A CD2 
689 N N   . VAL A 83 ? 0.20290 0.30138 0.23626 0.04837  0.00312  -0.06056 454 VAL A N   
690 C CA  . VAL A 83 ? 0.22592 0.33401 0.25193 0.05741  0.03030  -0.07807 454 VAL A CA  
691 C C   . VAL A 83 ? 0.30250 0.37292 0.29928 0.07375  0.02867  -0.09420 454 VAL A C   
692 O O   . VAL A 83 ? 0.34575 0.38521 0.33294 0.07654  0.00149  -0.09026 454 VAL A O   
693 C CB  . VAL A 83 ? 0.21726 0.37793 0.30043 0.06480  0.04392  -0.08011 454 VAL A CB  
694 C CG1 . VAL A 83 ? 0.16288 0.34662 0.26603 0.04858  0.03888  -0.06524 454 VAL A CG1 
695 C CG2 . VAL A 83 ? 0.26115 0.42598 0.37763 0.08124  0.02854  -0.08350 454 VAL A CG2 
696 N N   A CYS A 84 ? 0.34044 0.41128 0.32151 0.08456  0.05929  -0.11231 455 CYS A N   
697 N N   B CYS A 84 ? 0.34251 0.41456 0.32485 0.08471  0.05968  -0.11232 455 CYS A N   
698 C CA  A CYS A 84 ? 0.40977 0.44664 0.37210 0.10759  0.06368  -0.13266 455 CYS A CA  
699 C CA  B CYS A 84 ? 0.42593 0.46046 0.38109 0.10645  0.06729  -0.13377 455 CYS A CA  
700 C C   A CYS A 84 ? 0.41366 0.49022 0.41442 0.12826  0.10371  -0.14848 455 CYS A C   
701 C C   B CYS A 84 ? 0.41374 0.49296 0.41769 0.12808  0.10406  -0.14775 455 CYS A C   
702 O O   A CYS A 84 ? 0.42226 0.53109 0.43421 0.11567  0.12949  -0.13921 455 CYS A O   
703 O O   B CYS A 84 ? 0.39821 0.51587 0.42423 0.11600  0.12735  -0.13632 455 CYS A O   
704 C CB  A CYS A 84 ? 0.58963 0.55153 0.46101 0.09987  0.05793  -0.14105 455 CYS A CB  
705 C CB  B CYS A 84 ? 0.57352 0.54173 0.43582 0.09647  0.07226  -0.14320 455 CYS A CB  
706 S SG  A CYS A 84 ? 0.68153 0.63257 0.49005 0.08613  0.09773  -0.15034 455 CYS A SG  
707 S SG  B CYS A 84 ? 0.62394 0.54123 0.43836 0.06630  0.02493  -0.11870 455 CYS A SG  
708 N N   . GLY A 85 ? 0.45304 0.51372 0.47542 0.15026  0.10272  -0.15684 456 GLY A N   
709 C CA  . GLY A 85 ? 0.55572 0.64568 0.62951 0.16456  0.13265  -0.15381 456 GLY A CA  
710 C C   . GLY A 85 ? 0.73002 0.79127 0.75683 0.17250  0.17796  -0.16828 456 GLY A C   
711 O O   . GLY A 85 ? 0.90817 0.92412 0.85614 0.15843  0.18604  -0.18212 456 GLY A O   
712 N N   . LYS A 86 ? 0.85581 0.94416 0.92848 0.19550  0.20578  -0.16286 457 LYS A N   
713 C CA  . LYS A 86 ? 1.04062 1.13031 1.07107 0.21399  0.23909  -0.16951 457 LYS A CA  
714 C C   . LYS A 86 ? 1.11871 1.25722 1.12778 0.19303  0.24725  -0.16412 457 LYS A C   
715 O O   . LYS A 86 ? 1.04984 1.23539 1.11428 0.17686  0.24809  -0.13855 457 LYS A O   
716 C CB  . LYS A 86 ? 1.04944 1.11895 1.04771 0.20356  0.22398  -0.23739 457 LYS A CB  
717 C CG  . LYS A 86 ? 1.05017 1.02712 1.06062 0.21574  0.23660  -0.23148 457 LYS A CG  
718 C CD  . LYS A 86 ? 1.05366 0.97628 0.98726 0.22179  0.22698  -0.27502 457 LYS A CD  
719 N N   . LEU B 3  ? 0.91298 1.78327 0.95628 -0.12455 0.34976  -0.01240 722 LEU B N   
720 C CA  . LEU B 3  ? 0.87044 1.71184 0.90757 -0.10127 0.32555  -0.01998 722 LEU B CA  
721 C C   . LEU B 3  ? 0.87825 1.73353 0.96025 -0.13639 0.29753  -0.01362 722 LEU B C   
722 O O   . LEU B 3  ? 0.91620 1.83878 1.05209 -0.12020 0.28514  -0.02071 722 LEU B O   
723 N N   . GLU B 4  ? 0.85303 1.63735 0.90525 -0.18026 0.28726  0.00066  723 GLU B N   
724 C CA  . GLU B 4  ? 0.81430 1.58477 0.89057 -0.21519 0.26353  0.00861  723 GLU B CA  
725 C C   . GLU B 4  ? 0.71664 1.44569 0.78202 -0.19698 0.23979  0.00619  723 GLU B C   
726 O O   . GLU B 4  ? 0.57788 1.23760 0.58830 -0.18905 0.23718  0.00977  723 GLU B O   
727 C CB  . GLU B 4  ? 0.83303 1.53014 0.86849 -0.26014 0.26705  0.02669  723 GLU B CB  
728 C CG  . GLU B 4  ? 0.81235 1.48208 0.85925 -0.29685 0.24883  0.03449  723 GLU B CG  
729 N N   . THR B 5  ? 0.61951 1.39259 0.73463 -0.19111 0.22158  -0.00028 724 THR B N   
730 C CA  . THR B 5  ? 0.53354 1.25241 0.64093 -0.16682 0.19379  -0.00423 724 THR B CA  
731 C C   . THR B 5  ? 0.52226 1.19699 0.63416 -0.20775 0.17246  0.00995  724 THR B C   
732 O O   . THR B 5  ? 0.48434 1.20588 0.63197 -0.24032 0.17178  0.01212  724 THR B O   
733 C CB  . THR B 5  ? 0.49608 1.27386 0.64354 -0.11536 0.18579  -0.02208 724 THR B CB  
734 O OG1 . THR B 5  ? 0.59425 1.40240 0.72451 -0.07159 0.21125  -0.03356 724 THR B OG1 
735 C CG2 . THR B 5  ? 0.47755 1.16740 0.60269 -0.08697 0.15531  -0.02704 724 THR B CG2 
736 N N   . LYS B 6  ? 0.47714 1.05016 0.54444 -0.20356 0.15317  0.01895  725 LYS B N   
737 C CA  . LYS B 6  ? 0.46359 0.97950 0.52646 -0.22743 0.13183  0.03252  725 LYS B CA  
738 C C   . LYS B 6  ? 0.50208 1.00498 0.58917 -0.19324 0.10375  0.02004  725 LYS B C   
739 O O   . LYS B 6  ? 0.42494 0.90604 0.49787 -0.15175 0.09783  0.00700  725 LYS B O   
740 C CB  . LYS B 6  ? 0.48202 0.90444 0.48211 -0.23595 0.12855  0.05277  725 LYS B CB  
741 C CG  . LYS B 6  ? 0.61845 1.03795 0.57779 -0.25886 0.15635  0.06635  725 LYS B CG  
742 C CD  . LYS B 6  ? 0.57022 0.91143 0.46699 -0.25054 0.14862  0.08532  725 LYS B CD  
743 C CE  . LYS B 6  ? 0.67867 0.99812 0.53379 -0.25322 0.16704  0.09455  725 LYS B CE  
744 N NZ  . LYS B 6  ? 0.68245 0.93643 0.48315 -0.23703 0.15588  0.11370  725 LYS B NZ  
745 N N   . LYS B 7  ? 0.42560 0.93425 0.54020 -0.21312 0.08855  0.02324  726 LYS B N   
746 C CA  . LYS B 7  ? 0.38717 0.88371 0.52311 -0.18166 0.06218  0.01242  726 LYS B CA  
747 C C   . LYS B 7  ? 0.41315 0.83990 0.53464 -0.20957 0.04378  0.02731  726 LYS B C   
748 O O   . LYS B 7  ? 0.40646 0.83559 0.52351 -0.25767 0.05229  0.03923  726 LYS B O   
749 C CB  . LYS B 7  ? 0.37679 0.98573 0.57194 -0.16486 0.06193  -0.00451 726 LYS B CB  
750 C CG  . LYS B 7  ? 0.46195 1.14685 0.66920 -0.13170 0.08555  -0.01702 726 LYS B CG  
751 C CD  . LYS B 7  ? 0.45323 1.26075 0.71866 -0.10228 0.08484  -0.03095 726 LYS B CD  
752 C CE  . LYS B 7  ? 0.47933 1.35999 0.74968 -0.06455 0.11389  -0.03996 726 LYS B CE  
753 N NZ  . LYS B 7  ? 0.47255 1.48519 0.79761 -0.02242 0.11529  -0.05097 726 LYS B NZ  
754 N N   . THR B 8  ? 0.36687 0.72407 0.47288 -0.18073 0.02186  0.02630  727 THR B N   
755 C CA  . THR B 8  ? 0.36661 0.65235 0.45612 -0.19788 0.00455  0.04008  727 THR B CA  
756 C C   . THR B 8  ? 0.34353 0.60890 0.44797 -0.16097 -0.01965 0.02688  727 THR B C   
757 O O   . THR B 8  ? 0.33557 0.57139 0.42583 -0.12279 -0.02373 0.01704  727 THR B O   
758 C CB  . THR B 8  ? 0.38066 0.57783 0.41570 -0.20321 0.00718  0.06233  727 THR B CB  
759 O OG1 . THR B 8  ? 0.44899 0.65747 0.45976 -0.23151 0.03136  0.07586  727 THR B OG1 
760 C CG2 . THR B 8  ? 0.40335 0.52310 0.41506 -0.21564 -0.00621 0.07894  727 THR B CG2 
761 N N   A LYS B 9  ? 0.34233 0.61865 0.46758 -0.17524 -0.03420 0.02563  728 LYS B N   
762 N N   B LYS B 9  ? 0.34279 0.61125 0.46464 -0.17578 -0.03454 0.02696  728 LYS B N   
763 C CA  A LYS B 9  ? 0.32790 0.57079 0.45796 -0.14067 -0.05766 0.01616  728 LYS B CA  
764 C CA  B LYS B 9  ? 0.32797 0.56927 0.45736 -0.14089 -0.05770 0.01644  728 LYS B CA  
765 C C   A LYS B 9  ? 0.32907 0.45650 0.41458 -0.13787 -0.06669 0.03159  728 LYS B C   
766 C C   B LYS B 9  ? 0.33526 0.46174 0.42090 -0.13754 -0.06730 0.03147  728 LYS B C   
767 O O   A LYS B 9  ? 0.38558 0.46288 0.44343 -0.17103 -0.06296 0.05225  728 LYS B O   
768 O O   B LYS B 9  ? 0.36551 0.44325 0.42433 -0.16913 -0.06368 0.05139  728 LYS B O   
769 C CB  A LYS B 9  ? 0.33123 0.62628 0.49354 -0.15989 -0.07227 0.01055  728 LYS B CB  
770 C CB  B LYS B 9  ? 0.33147 0.62572 0.49326 -0.16055 -0.07199 0.01085  728 LYS B CB  
771 C CG  A LYS B 9  ? 0.32236 0.58594 0.48665 -0.12061 -0.09701 0.00076  728 LYS B CG  
772 C CG  B LYS B 9  ? 0.32290 0.58785 0.48755 -0.12313 -0.09679 0.00122  728 LYS B CG  
773 C CD  A LYS B 9  ? 0.33166 0.64536 0.52103 -0.14765 -0.11454 -0.00304 728 LYS B CD  
774 C CD  B LYS B 9  ? 0.33606 0.71250 0.54844 -0.12272 -0.10927 -0.01294 728 LYS B CD  
775 C CE  A LYS B 9  ? 0.32950 0.79728 0.57459 -0.15553 -0.10952 -0.01655 728 LYS B CE  
776 C CE  B LYS B 9  ? 0.37291 0.73553 0.58198 -0.16853 -0.12618 -0.00758 728 LYS B CE  
777 N NZ  A LYS B 9  ? 0.40589 0.93369 0.67405 -0.19104 -0.12899 -0.02156 728 LYS B NZ  
778 N NZ  B LYS B 9  ? 0.37706 0.88711 0.63876 -0.19355 -0.13102 -0.02009 728 LYS B NZ  
779 N N   . LEU B 10 ? 0.31899 0.40174 0.39083 -0.09748 -0.07522 0.02218  729 LEU B N   
780 C CA  . LEU B 10 ? 0.42921 0.41768 0.46388 -0.09288 -0.08251 0.03536  729 LEU B CA  
781 C C   . LEU B 10 ? 0.46311 0.40022 0.49340 -0.06447 -0.10098 0.02606  729 LEU B C   
782 O O   . LEU B 10 ? 0.50539 0.36809 0.51015 -0.06591 -0.10824 0.03948  729 LEU B O   
783 C CB  . LEU B 10 ? 0.35443 0.32791 0.36385 -0.08221 -0.07183 0.03409  729 LEU B CB  
784 C CG  . LEU B 10 ? 0.37347 0.37849 0.37359 -0.10813 -0.05489 0.04873  729 LEU B CG  
785 C CD1 . LEU B 10 ? 0.38960 0.39125 0.36411 -0.09879 -0.04749 0.04348  729 LEU B CD1 
786 C CD2 . LEU B 10 ? 0.44180 0.40233 0.41884 -0.13170 -0.05442 0.07790  729 LEU B CD2 
787 O OXT . LEU B 10 ? 0.40953 0.37614 0.45684 -0.03556 -0.10748 0.00655  729 LEU B OXT 
# 
